data_7AMX
# 
_entry.id   7AMX 
# 
_audit_conform.dict_name       mmcif_pdbx.dic 
_audit_conform.dict_version    5.398 
_audit_conform.dict_location   http://mmcif.pdb.org/dictionaries/ascii/mmcif_pdbx.dic 
# 
loop_
_database_2.database_id 
_database_2.database_code 
_database_2.pdbx_database_accession 
_database_2.pdbx_DOI 
PDB   7AMX         pdb_00007amx 10.2210/pdb7amx/pdb 
WWPDB D_1292111664 ?            ?                   
# 
loop_
_pdbx_audit_revision_history.ordinal 
_pdbx_audit_revision_history.data_content_type 
_pdbx_audit_revision_history.major_revision 
_pdbx_audit_revision_history.minor_revision 
_pdbx_audit_revision_history.revision_date 
1 'Structure model' 1 0 2021-10-20 
2 'Structure model' 1 1 2021-11-17 
3 'Structure model' 1 2 2024-01-31 
4 'Structure model' 1 3 2024-11-13 
# 
_pdbx_audit_revision_details.ordinal             1 
_pdbx_audit_revision_details.revision_ordinal    1 
_pdbx_audit_revision_details.data_content_type   'Structure model' 
_pdbx_audit_revision_details.provider            repository 
_pdbx_audit_revision_details.type                'Initial release' 
_pdbx_audit_revision_details.description         ? 
_pdbx_audit_revision_details.details             ? 
# 
loop_
_pdbx_audit_revision_group.ordinal 
_pdbx_audit_revision_group.revision_ordinal 
_pdbx_audit_revision_group.data_content_type 
_pdbx_audit_revision_group.group 
1 2 'Structure model' 'Data collection'        
2 2 'Structure model' 'Database references'    
3 3 'Structure model' 'Data collection'        
4 3 'Structure model' 'Derived calculations'   
5 3 'Structure model' 'Refinement description' 
6 4 'Structure model' 'Structure summary'      
# 
loop_
_pdbx_audit_revision_category.ordinal 
_pdbx_audit_revision_category.revision_ordinal 
_pdbx_audit_revision_category.data_content_type 
_pdbx_audit_revision_category.category 
1 2 'Structure model' citation                      
2 2 'Structure model' citation_author               
3 2 'Structure model' pdbx_database_proc            
4 3 'Structure model' atom_type                     
5 3 'Structure model' chem_comp_atom                
6 3 'Structure model' chem_comp_bond                
7 3 'Structure model' pdbx_initial_refinement_model 
8 4 'Structure model' pdbx_entry_details            
9 4 'Structure model' pdbx_modification_feature     
# 
loop_
_pdbx_audit_revision_item.ordinal 
_pdbx_audit_revision_item.revision_ordinal 
_pdbx_audit_revision_item.data_content_type 
_pdbx_audit_revision_item.item 
1  2 'Structure model' '_citation.journal_abbrev'                     
2  2 'Structure model' '_citation.journal_id_CSD'                     
3  2 'Structure model' '_citation.journal_id_ISSN'                    
4  2 'Structure model' '_citation.journal_volume'                     
5  2 'Structure model' '_citation.page_first'                         
6  2 'Structure model' '_citation.page_last'                          
7  2 'Structure model' '_citation.pdbx_database_id_DOI'               
8  2 'Structure model' '_citation.pdbx_database_id_PubMed'            
9  2 'Structure model' '_citation.title'                              
10 2 'Structure model' '_citation.year'                               
11 3 'Structure model' '_atom_type.pdbx_N_electrons'                  
12 3 'Structure model' '_atom_type.pdbx_scat_Z'                       
13 4 'Structure model' '_pdbx_entry_details.has_protein_modification' 
# 
_pdbx_database_status.status_code                     REL 
_pdbx_database_status.status_code_sf                  REL 
_pdbx_database_status.status_code_mr                  ? 
_pdbx_database_status.entry_id                        7AMX 
_pdbx_database_status.recvd_initial_deposition_date   2020-10-09 
_pdbx_database_status.SG_entry                        N 
_pdbx_database_status.deposit_site                    PDBE 
_pdbx_database_status.process_site                    PDBE 
_pdbx_database_status.status_code_cs                  ? 
_pdbx_database_status.status_code_nmr_data            ? 
_pdbx_database_status.methods_development_category    ? 
_pdbx_database_status.pdb_format_compatible           N 
# 
loop_
_pdbx_database_related.db_name 
_pdbx_database_related.details 
_pdbx_database_related.db_id 
_pdbx_database_related.content_type 
PDB . 7AHW unspecified 
PDB . 7ALY unspecified 
# 
loop_
_audit_author.name 
_audit_author.pdbx_ordinal 
_audit_author.identifier_ORCID 
'Fiorillo, A.' 1 0000-0002-8966-8554 
'Ilari, A.'    2 0000-0002-7754-399X 
# 
_citation.abstract                  ? 
_citation.abstract_id_CAS           ? 
_citation.book_id_ISBN              ? 
_citation.book_publisher            ? 
_citation.book_publisher_city       ? 
_citation.book_title                ? 
_citation.coordinate_linkage        ? 
_citation.country                   ? 
_citation.database_id_Medline       ? 
_citation.details                   ? 
_citation.id                        primary 
_citation.journal_abbrev            'Acta Crystallogr D Struct Biol' 
_citation.journal_id_ASTM           ? 
_citation.journal_id_CSD            ? 
_citation.journal_id_ISSN           2059-7983 
_citation.journal_full              ? 
_citation.journal_issue             ? 
_citation.journal_volume            77 
_citation.language                  ? 
_citation.page_first                1401 
_citation.page_last                 1410 
_citation.title                     
'Structure and metal-binding properties of PA4063, a novel player in periplasmic zinc trafficking by Pseudomonas aeruginosa.' 
_citation.year                      2021 
_citation.database_id_CSD           ? 
_citation.pdbx_database_id_DOI      10.1107/S2059798321009608 
_citation.pdbx_database_id_PubMed   34726168 
_citation.unpublished_flag          ? 
# 
loop_
_citation_author.citation_id 
_citation_author.name 
_citation_author.ordinal 
_citation_author.identifier_ORCID 
primary 'Fiorillo, A.'   1 ?                   
primary 'Battistoni, A.' 2 ?                   
primary 'Ammendola, S.'  3 0000-0003-1436-0608 
primary 'Secli, V.'      4 ?                   
primary 'Rinaldo, S.'    5 ?                   
primary 'Cutruzzola, F.' 6 ?                   
primary 'Demitri, N.'    7 0000-0003-0288-3233 
primary 'Ilari, A.'      8 ?                   
# 
loop_
_entity.id 
_entity.type 
_entity.src_method 
_entity.pdbx_description 
_entity.formula_weight 
_entity.pdbx_number_of_molecules 
_entity.pdbx_ec 
_entity.pdbx_mutation 
_entity.pdbx_fragment 
_entity.details 
1 polymer     man 'DUF2796 domain-containing protein' 19451.762 1 ? ? ? ? 
2 non-polymer syn 'ZINC ION'                          65.409    2 ? ? ? ? 
# 
_entity_poly.entity_id                      1 
_entity_poly.type                           'polypeptide(L)' 
_entity_poly.nstd_linkage                   no 
_entity_poly.nstd_monomer                   no 
_entity_poly.pdbx_seq_one_letter_code       
;HDDHDHDHAHGSLGKHEHGVAQLNVALDGKTLELELDSPAMNLVGFEHAASTDADKAAVAKARAQLEKPLELFALPVTAG
CSVASQELRSPLFGDKAPAHAHKEKAGHEHEHEHEHEHGHADIHAHYQLSCEKPELLKLLTLAEFFKRFPATQKIQVQLI
GPDGQKGADLAPASAELKL
;
_entity_poly.pdbx_seq_one_letter_code_can   
;HDDHDHDHAHGSLGKHEHGVAQLNVALDGKTLELELDSPAMNLVGFEHAASTDADKAAVAKARAQLEKPLELFALPVTAG
CSVASQELRSPLFGDKAPAHAHKEKAGHEHEHEHEHEHGHADIHAHYQLSCEKPELLKLLTLAEFFKRFPATQKIQVQLI
GPDGQKGADLAPASAELKL
;
_entity_poly.pdbx_strand_id                 AAA 
_entity_poly.pdbx_target_identifier         ? 
# 
_pdbx_entity_nonpoly.entity_id   2 
_pdbx_entity_nonpoly.name        'ZINC ION' 
_pdbx_entity_nonpoly.comp_id     ZN 
# 
loop_
_entity_poly_seq.entity_id 
_entity_poly_seq.num 
_entity_poly_seq.mon_id 
_entity_poly_seq.hetero 
1 1   HIS n 
1 2   ASP n 
1 3   ASP n 
1 4   HIS n 
1 5   ASP n 
1 6   HIS n 
1 7   ASP n 
1 8   HIS n 
1 9   ALA n 
1 10  HIS n 
1 11  GLY n 
1 12  SER n 
1 13  LEU n 
1 14  GLY n 
1 15  LYS n 
1 16  HIS n 
1 17  GLU n 
1 18  HIS n 
1 19  GLY n 
1 20  VAL n 
1 21  ALA n 
1 22  GLN n 
1 23  LEU n 
1 24  ASN n 
1 25  VAL n 
1 26  ALA n 
1 27  LEU n 
1 28  ASP n 
1 29  GLY n 
1 30  LYS n 
1 31  THR n 
1 32  LEU n 
1 33  GLU n 
1 34  LEU n 
1 35  GLU n 
1 36  LEU n 
1 37  ASP n 
1 38  SER n 
1 39  PRO n 
1 40  ALA n 
1 41  MET n 
1 42  ASN n 
1 43  LEU n 
1 44  VAL n 
1 45  GLY n 
1 46  PHE n 
1 47  GLU n 
1 48  HIS n 
1 49  ALA n 
1 50  ALA n 
1 51  SER n 
1 52  THR n 
1 53  ASP n 
1 54  ALA n 
1 55  ASP n 
1 56  LYS n 
1 57  ALA n 
1 58  ALA n 
1 59  VAL n 
1 60  ALA n 
1 61  LYS n 
1 62  ALA n 
1 63  ARG n 
1 64  ALA n 
1 65  GLN n 
1 66  LEU n 
1 67  GLU n 
1 68  LYS n 
1 69  PRO n 
1 70  LEU n 
1 71  GLU n 
1 72  LEU n 
1 73  PHE n 
1 74  ALA n 
1 75  LEU n 
1 76  PRO n 
1 77  VAL n 
1 78  THR n 
1 79  ALA n 
1 80  GLY n 
1 81  CYS n 
1 82  SER n 
1 83  VAL n 
1 84  ALA n 
1 85  SER n 
1 86  GLN n 
1 87  GLU n 
1 88  LEU n 
1 89  ARG n 
1 90  SER n 
1 91  PRO n 
1 92  LEU n 
1 93  PHE n 
1 94  GLY n 
1 95  ASP n 
1 96  LYS n 
1 97  ALA n 
1 98  PRO n 
1 99  ALA n 
1 100 HIS n 
1 101 ALA n 
1 102 HIS n 
1 103 LYS n 
1 104 GLU n 
1 105 LYS n 
1 106 ALA n 
1 107 GLY n 
1 108 HIS n 
1 109 GLU n 
1 110 HIS n 
1 111 GLU n 
1 112 HIS n 
1 113 GLU n 
1 114 HIS n 
1 115 GLU n 
1 116 HIS n 
1 117 GLU n 
1 118 HIS n 
1 119 GLY n 
1 120 HIS n 
1 121 ALA n 
1 122 ASP n 
1 123 ILE n 
1 124 HIS n 
1 125 ALA n 
1 126 HIS n 
1 127 TYR n 
1 128 GLN n 
1 129 LEU n 
1 130 SER n 
1 131 CYS n 
1 132 GLU n 
1 133 LYS n 
1 134 PRO n 
1 135 GLU n 
1 136 LEU n 
1 137 LEU n 
1 138 LYS n 
1 139 LEU n 
1 140 LEU n 
1 141 THR n 
1 142 LEU n 
1 143 ALA n 
1 144 GLU n 
1 145 PHE n 
1 146 PHE n 
1 147 LYS n 
1 148 ARG n 
1 149 PHE n 
1 150 PRO n 
1 151 ALA n 
1 152 THR n 
1 153 GLN n 
1 154 LYS n 
1 155 ILE n 
1 156 GLN n 
1 157 VAL n 
1 158 GLN n 
1 159 LEU n 
1 160 ILE n 
1 161 GLY n 
1 162 PRO n 
1 163 ASP n 
1 164 GLY n 
1 165 GLN n 
1 166 LYS n 
1 167 GLY n 
1 168 ALA n 
1 169 ASP n 
1 170 LEU n 
1 171 ALA n 
1 172 PRO n 
1 173 ALA n 
1 174 SER n 
1 175 ALA n 
1 176 GLU n 
1 177 LEU n 
1 178 LYS n 
1 179 LEU n 
# 
_entity_src_gen.entity_id                          1 
_entity_src_gen.pdbx_src_id                        1 
_entity_src_gen.pdbx_alt_source_flag               sample 
_entity_src_gen.pdbx_seq_type                      'Biological sequence' 
_entity_src_gen.pdbx_beg_seq_num                   1 
_entity_src_gen.pdbx_end_seq_num                   179 
_entity_src_gen.gene_src_common_name               ? 
_entity_src_gen.gene_src_genus                     ? 
_entity_src_gen.pdbx_gene_src_gene                 F3H14_19710 
_entity_src_gen.gene_src_species                   ? 
_entity_src_gen.gene_src_strain                    ? 
_entity_src_gen.gene_src_tissue                    ? 
_entity_src_gen.gene_src_tissue_fraction           ? 
_entity_src_gen.gene_src_details                   ? 
_entity_src_gen.pdbx_gene_src_fragment             ? 
_entity_src_gen.pdbx_gene_src_scientific_name      'Pseudomonas aeruginosa' 
_entity_src_gen.pdbx_gene_src_ncbi_taxonomy_id     287 
_entity_src_gen.pdbx_gene_src_variant              ? 
_entity_src_gen.pdbx_gene_src_cell_line            ? 
_entity_src_gen.pdbx_gene_src_atcc                 ? 
_entity_src_gen.pdbx_gene_src_organ                ? 
_entity_src_gen.pdbx_gene_src_organelle            ? 
_entity_src_gen.pdbx_gene_src_cell                 ? 
_entity_src_gen.pdbx_gene_src_cellular_location    ? 
_entity_src_gen.host_org_common_name               ? 
_entity_src_gen.pdbx_host_org_scientific_name      'Escherichia coli' 
_entity_src_gen.pdbx_host_org_ncbi_taxonomy_id     562 
_entity_src_gen.host_org_genus                     ? 
_entity_src_gen.pdbx_host_org_gene                 ? 
_entity_src_gen.pdbx_host_org_organ                ? 
_entity_src_gen.host_org_species                   ? 
_entity_src_gen.pdbx_host_org_tissue               ? 
_entity_src_gen.pdbx_host_org_tissue_fraction      ? 
_entity_src_gen.pdbx_host_org_strain               ? 
_entity_src_gen.pdbx_host_org_variant              ? 
_entity_src_gen.pdbx_host_org_cell_line            ? 
_entity_src_gen.pdbx_host_org_atcc                 ? 
_entity_src_gen.pdbx_host_org_culture_collection   ? 
_entity_src_gen.pdbx_host_org_cell                 ? 
_entity_src_gen.pdbx_host_org_organelle            ? 
_entity_src_gen.pdbx_host_org_cellular_location    ? 
_entity_src_gen.pdbx_host_org_vector_type          ? 
_entity_src_gen.pdbx_host_org_vector               ? 
_entity_src_gen.host_org_details                   ? 
_entity_src_gen.expression_system_id               ? 
_entity_src_gen.plasmid_name                       ? 
_entity_src_gen.plasmid_details                    ? 
_entity_src_gen.pdbx_description                   ? 
# 
loop_
_chem_comp.id 
_chem_comp.type 
_chem_comp.mon_nstd_flag 
_chem_comp.name 
_chem_comp.pdbx_synonyms 
_chem_comp.formula 
_chem_comp.formula_weight 
ALA 'L-peptide linking' y ALANINE         ? 'C3 H7 N O2'     89.093  
ARG 'L-peptide linking' y ARGININE        ? 'C6 H15 N4 O2 1' 175.209 
ASN 'L-peptide linking' y ASPARAGINE      ? 'C4 H8 N2 O3'    132.118 
ASP 'L-peptide linking' y 'ASPARTIC ACID' ? 'C4 H7 N O4'     133.103 
CYS 'L-peptide linking' y CYSTEINE        ? 'C3 H7 N O2 S'   121.158 
GLN 'L-peptide linking' y GLUTAMINE       ? 'C5 H10 N2 O3'   146.144 
GLU 'L-peptide linking' y 'GLUTAMIC ACID' ? 'C5 H9 N O4'     147.129 
GLY 'peptide linking'   y GLYCINE         ? 'C2 H5 N O2'     75.067  
HIS 'L-peptide linking' y HISTIDINE       ? 'C6 H10 N3 O2 1' 156.162 
ILE 'L-peptide linking' y ISOLEUCINE      ? 'C6 H13 N O2'    131.173 
LEU 'L-peptide linking' y LEUCINE         ? 'C6 H13 N O2'    131.173 
LYS 'L-peptide linking' y LYSINE          ? 'C6 H15 N2 O2 1' 147.195 
MET 'L-peptide linking' y METHIONINE      ? 'C5 H11 N O2 S'  149.211 
PHE 'L-peptide linking' y PHENYLALANINE   ? 'C9 H11 N O2'    165.189 
PRO 'L-peptide linking' y PROLINE         ? 'C5 H9 N O2'     115.130 
SER 'L-peptide linking' y SERINE          ? 'C3 H7 N O3'     105.093 
THR 'L-peptide linking' y THREONINE       ? 'C4 H9 N O3'     119.119 
TYR 'L-peptide linking' y TYROSINE        ? 'C9 H11 N O3'    181.189 
VAL 'L-peptide linking' y VALINE          ? 'C5 H11 N O2'    117.146 
ZN  non-polymer         . 'ZINC ION'      ? 'Zn 2'           65.409  
# 
loop_
_pdbx_poly_seq_scheme.asym_id 
_pdbx_poly_seq_scheme.entity_id 
_pdbx_poly_seq_scheme.seq_id 
_pdbx_poly_seq_scheme.mon_id 
_pdbx_poly_seq_scheme.ndb_seq_num 
_pdbx_poly_seq_scheme.pdb_seq_num 
_pdbx_poly_seq_scheme.auth_seq_num 
_pdbx_poly_seq_scheme.pdb_mon_id 
_pdbx_poly_seq_scheme.auth_mon_id 
_pdbx_poly_seq_scheme.pdb_strand_id 
_pdbx_poly_seq_scheme.pdb_ins_code 
_pdbx_poly_seq_scheme.hetero 
A 1 1   HIS 1   1   ?   ?   ?   AAA . n 
A 1 2   ASP 2   2   ?   ?   ?   AAA . n 
A 1 3   ASP 3   3   ?   ?   ?   AAA . n 
A 1 4   HIS 4   4   ?   ?   ?   AAA . n 
A 1 5   ASP 5   5   ?   ?   ?   AAA . n 
A 1 6   HIS 6   6   ?   ?   ?   AAA . n 
A 1 7   ASP 7   7   ?   ?   ?   AAA . n 
A 1 8   HIS 8   8   ?   ?   ?   AAA . n 
A 1 9   ALA 9   9   ?   ?   ?   AAA . n 
A 1 10  HIS 10  10  ?   ?   ?   AAA . n 
A 1 11  GLY 11  11  ?   ?   ?   AAA . n 
A 1 12  SER 12  12  ?   ?   ?   AAA . n 
A 1 13  LEU 13  13  ?   ?   ?   AAA . n 
A 1 14  GLY 14  14  ?   ?   ?   AAA . n 
A 1 15  LYS 15  15  15  LYS LYS AAA . n 
A 1 16  HIS 16  16  16  HIS HIS AAA . n 
A 1 17  GLU 17  17  17  GLU GLU AAA . n 
A 1 18  HIS 18  18  18  HIS HIS AAA . n 
A 1 19  GLY 19  19  19  GLY GLY AAA . n 
A 1 20  VAL 20  20  20  VAL VAL AAA . n 
A 1 21  ALA 21  21  21  ALA ALA AAA . n 
A 1 22  GLN 22  22  22  GLN GLN AAA . n 
A 1 23  LEU 23  23  23  LEU LEU AAA . n 
A 1 24  ASN 24  24  24  ASN ASN AAA . n 
A 1 25  VAL 25  25  25  VAL VAL AAA . n 
A 1 26  ALA 26  26  26  ALA ALA AAA . n 
A 1 27  LEU 27  27  27  LEU LEU AAA . n 
A 1 28  ASP 28  28  28  ASP ASP AAA . n 
A 1 29  GLY 29  29  29  GLY GLY AAA . n 
A 1 30  LYS 30  30  30  LYS LYS AAA . n 
A 1 31  THR 31  31  31  THR THR AAA . n 
A 1 32  LEU 32  32  32  LEU LEU AAA . n 
A 1 33  GLU 33  33  33  GLU GLU AAA . n 
A 1 34  LEU 34  34  34  LEU LEU AAA . n 
A 1 35  GLU 35  35  35  GLU GLU AAA . n 
A 1 36  LEU 36  36  36  LEU LEU AAA . n 
A 1 37  ASP 37  37  37  ASP ASP AAA . n 
A 1 38  SER 38  38  38  SER SER AAA . n 
A 1 39  PRO 39  39  39  PRO PRO AAA . n 
A 1 40  ALA 40  40  40  ALA ALA AAA . n 
A 1 41  MET 41  41  41  MET MET AAA . n 
A 1 42  ASN 42  42  42  ASN ASN AAA . n 
A 1 43  LEU 43  43  43  LEU LEU AAA . n 
A 1 44  VAL 44  44  44  VAL VAL AAA . n 
A 1 45  GLY 45  45  45  GLY GLY AAA . n 
A 1 46  PHE 46  46  46  PHE PHE AAA . n 
A 1 47  GLU 47  47  47  GLU GLU AAA . n 
A 1 48  HIS 48  48  48  HIS HIS AAA . n 
A 1 49  ALA 49  49  49  ALA ALA AAA . n 
A 1 50  ALA 50  50  50  ALA ALA AAA . n 
A 1 51  SER 51  51  51  SER SER AAA . n 
A 1 52  THR 52  52  52  THR THR AAA . n 
A 1 53  ASP 53  53  53  ASP ASP AAA . n 
A 1 54  ALA 54  54  54  ALA ALA AAA . n 
A 1 55  ASP 55  55  55  ASP ASP AAA . n 
A 1 56  LYS 56  56  56  LYS LYS AAA . n 
A 1 57  ALA 57  57  57  ALA ALA AAA . n 
A 1 58  ALA 58  58  58  ALA ALA AAA . n 
A 1 59  VAL 59  59  59  VAL VAL AAA . n 
A 1 60  ALA 60  60  60  ALA ALA AAA . n 
A 1 61  LYS 61  61  61  LYS LYS AAA . n 
A 1 62  ALA 62  62  62  ALA ALA AAA . n 
A 1 63  ARG 63  63  63  ARG ARG AAA . n 
A 1 64  ALA 64  64  64  ALA ALA AAA . n 
A 1 65  GLN 65  65  65  GLN GLN AAA . n 
A 1 66  LEU 66  66  66  LEU LEU AAA . n 
A 1 67  GLU 67  67  67  GLU GLU AAA . n 
A 1 68  LYS 68  68  68  LYS LYS AAA . n 
A 1 69  PRO 69  69  69  PRO PRO AAA . n 
A 1 70  LEU 70  70  70  LEU LEU AAA . n 
A 1 71  GLU 71  71  71  GLU GLU AAA . n 
A 1 72  LEU 72  72  72  LEU LEU AAA . n 
A 1 73  PHE 73  73  73  PHE PHE AAA . n 
A 1 74  ALA 74  74  74  ALA ALA AAA . n 
A 1 75  LEU 75  75  75  LEU LEU AAA . n 
A 1 76  PRO 76  76  76  PRO PRO AAA . n 
A 1 77  VAL 77  77  77  VAL VAL AAA . n 
A 1 78  THR 78  78  78  THR THR AAA . n 
A 1 79  ALA 79  79  79  ALA ALA AAA . n 
A 1 80  GLY 80  80  80  GLY GLY AAA . n 
A 1 81  CYS 81  81  81  CYS CYS AAA . n 
A 1 82  SER 82  82  82  SER SER AAA . n 
A 1 83  VAL 83  83  83  VAL VAL AAA . n 
A 1 84  ALA 84  84  84  ALA ALA AAA . n 
A 1 85  SER 85  85  85  SER SER AAA . n 
A 1 86  GLN 86  86  86  GLN GLN AAA . n 
A 1 87  GLU 87  87  87  GLU GLU AAA . n 
A 1 88  LEU 88  88  88  LEU LEU AAA . n 
A 1 89  ARG 89  89  89  ARG ARG AAA . n 
A 1 90  SER 90  90  90  SER SER AAA . n 
A 1 91  PRO 91  91  91  PRO PRO AAA . n 
A 1 92  LEU 92  92  92  LEU LEU AAA . n 
A 1 93  PHE 93  93  93  PHE PHE AAA . n 
A 1 94  GLY 94  94  ?   ?   ?   AAA . n 
A 1 95  ASP 95  95  ?   ?   ?   AAA . n 
A 1 96  LYS 96  96  ?   ?   ?   AAA . n 
A 1 97  ALA 97  97  ?   ?   ?   AAA . n 
A 1 98  PRO 98  98  ?   ?   ?   AAA . n 
A 1 99  ALA 99  99  ?   ?   ?   AAA . n 
A 1 100 HIS 100 100 ?   ?   ?   AAA . n 
A 1 101 ALA 101 101 ?   ?   ?   AAA . n 
A 1 102 HIS 102 102 ?   ?   ?   AAA . n 
A 1 103 LYS 103 103 ?   ?   ?   AAA . n 
A 1 104 GLU 104 104 ?   ?   ?   AAA . n 
A 1 105 LYS 105 105 ?   ?   ?   AAA . n 
A 1 106 ALA 106 106 ?   ?   ?   AAA . n 
A 1 107 GLY 107 107 ?   ?   ?   AAA . n 
A 1 108 HIS 108 108 ?   ?   ?   AAA . n 
A 1 109 GLU 109 109 ?   ?   ?   AAA . n 
A 1 110 HIS 110 110 ?   ?   ?   AAA . n 
A 1 111 GLU 111 111 ?   ?   ?   AAA . n 
A 1 112 HIS 112 112 ?   ?   ?   AAA . n 
A 1 113 GLU 113 113 ?   ?   ?   AAA . n 
A 1 114 HIS 114 114 ?   ?   ?   AAA . n 
A 1 115 GLU 115 115 ?   ?   ?   AAA . n 
A 1 116 HIS 116 116 ?   ?   ?   AAA . n 
A 1 117 GLU 117 117 ?   ?   ?   AAA . n 
A 1 118 HIS 118 118 ?   ?   ?   AAA . n 
A 1 119 GLY 119 119 119 GLY GLY AAA . n 
A 1 120 HIS 120 120 120 HIS HIS AAA . n 
A 1 121 ALA 121 121 121 ALA ALA AAA . n 
A 1 122 ASP 122 122 122 ASP ASP AAA . n 
A 1 123 ILE 123 123 123 ILE ILE AAA . n 
A 1 124 HIS 124 124 124 HIS HIS AAA . n 
A 1 125 ALA 125 125 125 ALA ALA AAA . n 
A 1 126 HIS 126 126 126 HIS HIS AAA . n 
A 1 127 TYR 127 127 127 TYR TYR AAA . n 
A 1 128 GLN 128 128 128 GLN GLN AAA . n 
A 1 129 LEU 129 129 129 LEU LEU AAA . n 
A 1 130 SER 130 130 130 SER SER AAA . n 
A 1 131 CYS 131 131 131 CYS CYS AAA . n 
A 1 132 GLU 132 132 132 GLU GLU AAA . n 
A 1 133 LYS 133 133 133 LYS LYS AAA . n 
A 1 134 PRO 134 134 134 PRO PRO AAA . n 
A 1 135 GLU 135 135 135 GLU GLU AAA . n 
A 1 136 LEU 136 136 136 LEU LEU AAA . n 
A 1 137 LEU 137 137 137 LEU LEU AAA . n 
A 1 138 LYS 138 138 138 LYS LYS AAA . n 
A 1 139 LEU 139 139 139 LEU LEU AAA . n 
A 1 140 LEU 140 140 140 LEU LEU AAA . n 
A 1 141 THR 141 141 141 THR THR AAA . n 
A 1 142 LEU 142 142 142 LEU LEU AAA . n 
A 1 143 ALA 143 143 143 ALA ALA AAA . n 
A 1 144 GLU 144 144 144 GLU GLU AAA . n 
A 1 145 PHE 145 145 145 PHE PHE AAA . n 
A 1 146 PHE 146 146 146 PHE PHE AAA . n 
A 1 147 LYS 147 147 147 LYS LYS AAA . n 
A 1 148 ARG 148 148 148 ARG ARG AAA . n 
A 1 149 PHE 149 149 149 PHE PHE AAA . n 
A 1 150 PRO 150 150 150 PRO PRO AAA . n 
A 1 151 ALA 151 151 151 ALA ALA AAA . n 
A 1 152 THR 152 152 152 THR THR AAA . n 
A 1 153 GLN 153 153 153 GLN GLN AAA . n 
A 1 154 LYS 154 154 154 LYS LYS AAA . n 
A 1 155 ILE 155 155 155 ILE ILE AAA . n 
A 1 156 GLN 156 156 156 GLN GLN AAA . n 
A 1 157 VAL 157 157 157 VAL VAL AAA . n 
A 1 158 GLN 158 158 158 GLN GLN AAA . n 
A 1 159 LEU 159 159 159 LEU LEU AAA . n 
A 1 160 ILE 160 160 160 ILE ILE AAA . n 
A 1 161 GLY 161 161 161 GLY GLY AAA . n 
A 1 162 PRO 162 162 162 PRO PRO AAA . n 
A 1 163 ASP 163 163 163 ASP ASP AAA . n 
A 1 164 GLY 164 164 164 GLY GLY AAA . n 
A 1 165 GLN 165 165 165 GLN GLN AAA . n 
A 1 166 LYS 166 166 166 LYS LYS AAA . n 
A 1 167 GLY 167 167 167 GLY GLY AAA . n 
A 1 168 ALA 168 168 168 ALA ALA AAA . n 
A 1 169 ASP 169 169 169 ASP ASP AAA . n 
A 1 170 LEU 170 170 170 LEU LEU AAA . n 
A 1 171 ALA 171 171 171 ALA ALA AAA . n 
A 1 172 PRO 172 172 172 PRO PRO AAA . n 
A 1 173 ALA 173 173 173 ALA ALA AAA . n 
A 1 174 SER 174 174 174 SER SER AAA . n 
A 1 175 ALA 175 175 175 ALA ALA AAA . n 
A 1 176 GLU 176 176 176 GLU GLU AAA . n 
A 1 177 LEU 177 177 177 LEU LEU AAA . n 
A 1 178 LYS 178 178 178 LYS LYS AAA . n 
A 1 179 LEU 179 179 179 LEU LEU AAA . n 
# 
_pdbx_entity_instance_feature.ordinal        1 
_pdbx_entity_instance_feature.comp_id        ZN 
_pdbx_entity_instance_feature.asym_id        ? 
_pdbx_entity_instance_feature.seq_num        ? 
_pdbx_entity_instance_feature.auth_comp_id   ZN 
_pdbx_entity_instance_feature.auth_asym_id   ? 
_pdbx_entity_instance_feature.auth_seq_num   ? 
_pdbx_entity_instance_feature.feature_type   'SUBJECT OF INVESTIGATION' 
_pdbx_entity_instance_feature.details        ? 
# 
loop_
_pdbx_nonpoly_scheme.asym_id 
_pdbx_nonpoly_scheme.entity_id 
_pdbx_nonpoly_scheme.mon_id 
_pdbx_nonpoly_scheme.ndb_seq_num 
_pdbx_nonpoly_scheme.pdb_seq_num 
_pdbx_nonpoly_scheme.auth_seq_num 
_pdbx_nonpoly_scheme.pdb_mon_id 
_pdbx_nonpoly_scheme.auth_mon_id 
_pdbx_nonpoly_scheme.pdb_strand_id 
_pdbx_nonpoly_scheme.pdb_ins_code 
B 2 ZN 1 201 202 ZN ZN AAA . 
C 2 ZN 1 202 201 ZN ZN AAA . 
# 
loop_
_software.citation_id 
_software.classification 
_software.compiler_name 
_software.compiler_version 
_software.contact_author 
_software.contact_author_email 
_software.date 
_software.description 
_software.dependencies 
_software.hardware 
_software.language 
_software.location 
_software.mods 
_software.name 
_software.os 
_software.os_version 
_software.type 
_software.version 
_software.pdbx_ordinal 
? refinement        ? ? ? ? ? ? ? ? ? ? ? REFMAC  ? ? ? 5.8.0267 1 
? refinement        ? ? ? ? ? ? ? ? ? ? ? REFMAC  ? ? ? 5.8.0267 2 
? 'data processing' ? ? ? ? ? ? ? ? ? ? ? Aimless ? ? ? 0.7.4    3 
? 'data reduction'  ? ? ? ? ? ? ? ? ? ? ? XDS     ? ? ? .        4 
? 'data scaling'    ? ? ? ? ? ? ? ? ? ? ? XSCALE  ? ? ? .        5 
? phasing           ? ? ? ? ? ? ? ? ? ? ? MOLREP  ? ? ? .        6 
# 
_cell.angle_alpha                  90.000 
_cell.angle_alpha_esd              ? 
_cell.angle_beta                   90.000 
_cell.angle_beta_esd               ? 
_cell.angle_gamma                  90.000 
_cell.angle_gamma_esd              ? 
_cell.entry_id                     7AMX 
_cell.details                      ? 
_cell.formula_units_Z              ? 
_cell.length_a                     62.467 
_cell.length_a_esd                 ? 
_cell.length_b                     62.467 
_cell.length_b_esd                 ? 
_cell.length_c                     102.076 
_cell.length_c_esd                 ? 
_cell.volume                       ? 
_cell.volume_esd                   ? 
_cell.Z_PDB                        8 
_cell.reciprocal_angle_alpha       ? 
_cell.reciprocal_angle_beta        ? 
_cell.reciprocal_angle_gamma       ? 
_cell.reciprocal_angle_alpha_esd   ? 
_cell.reciprocal_angle_beta_esd    ? 
_cell.reciprocal_angle_gamma_esd   ? 
_cell.reciprocal_length_a          ? 
_cell.reciprocal_length_b          ? 
_cell.reciprocal_length_c          ? 
_cell.reciprocal_length_a_esd      ? 
_cell.reciprocal_length_b_esd      ? 
_cell.reciprocal_length_c_esd      ? 
_cell.pdbx_unique_axis             ? 
# 
_symmetry.entry_id                         7AMX 
_symmetry.cell_setting                     ? 
_symmetry.Int_Tables_number                92 
_symmetry.space_group_name_Hall            ? 
_symmetry.space_group_name_H-M             'P 41 21 2' 
_symmetry.pdbx_full_space_group_name_H-M   ? 
# 
_exptl.absorpt_coefficient_mu     ? 
_exptl.absorpt_correction_T_max   ? 
_exptl.absorpt_correction_T_min   ? 
_exptl.absorpt_correction_type    ? 
_exptl.absorpt_process_details    ? 
_exptl.entry_id                   7AMX 
_exptl.crystals_number            1 
_exptl.details                    ? 
_exptl.method                     'X-RAY DIFFRACTION' 
_exptl.method_details             ? 
# 
_exptl_crystal.colour                      ? 
_exptl_crystal.density_diffrn              ? 
_exptl_crystal.density_Matthews            2.56 
_exptl_crystal.density_method              ? 
_exptl_crystal.density_percent_sol         51.95 
_exptl_crystal.description                 ? 
_exptl_crystal.F_000                       ? 
_exptl_crystal.id                          1 
_exptl_crystal.preparation                 ? 
_exptl_crystal.size_max                    ? 
_exptl_crystal.size_mid                    ? 
_exptl_crystal.size_min                    ? 
_exptl_crystal.size_rad                    ? 
_exptl_crystal.colour_lustre               ? 
_exptl_crystal.colour_modifier             ? 
_exptl_crystal.colour_primary              ? 
_exptl_crystal.density_meas                ? 
_exptl_crystal.density_meas_esd            ? 
_exptl_crystal.density_meas_gt             ? 
_exptl_crystal.density_meas_lt             ? 
_exptl_crystal.density_meas_temp           ? 
_exptl_crystal.density_meas_temp_esd       ? 
_exptl_crystal.density_meas_temp_gt        ? 
_exptl_crystal.density_meas_temp_lt        ? 
_exptl_crystal.pdbx_crystal_image_url      ? 
_exptl_crystal.pdbx_crystal_image_format   ? 
_exptl_crystal.pdbx_mosaicity              ? 
_exptl_crystal.pdbx_mosaicity_esd          ? 
# 
_exptl_crystal_grow.apparatus       ? 
_exptl_crystal_grow.atmosphere      ? 
_exptl_crystal_grow.crystal_id      1 
_exptl_crystal_grow.details         ? 
_exptl_crystal_grow.method          'VAPOR DIFFUSION, HANGING DROP' 
_exptl_crystal_grow.method_ref      ? 
_exptl_crystal_grow.pH              ? 
_exptl_crystal_grow.pressure        ? 
_exptl_crystal_grow.pressure_esd    ? 
_exptl_crystal_grow.seeding         ? 
_exptl_crystal_grow.seeding_ref     ? 
_exptl_crystal_grow.temp            294 
_exptl_crystal_grow.temp_details    ? 
_exptl_crystal_grow.temp_esd        ? 
_exptl_crystal_grow.time            ? 
_exptl_crystal_grow.pdbx_details    'ammonium sulfate 2.3M, NaCl 2.1M' 
_exptl_crystal_grow.pdbx_pH_range   ? 
# 
_diffrn.ambient_environment              ? 
_diffrn.ambient_temp                     100 
_diffrn.ambient_temp_details             ? 
_diffrn.ambient_temp_esd                 ? 
_diffrn.crystal_id                       1 
_diffrn.crystal_support                  ? 
_diffrn.crystal_treatment                ? 
_diffrn.details                          ? 
_diffrn.id                               1 
_diffrn.ambient_pressure                 ? 
_diffrn.ambient_pressure_esd             ? 
_diffrn.ambient_pressure_gt              ? 
_diffrn.ambient_pressure_lt              ? 
_diffrn.ambient_temp_gt                  ? 
_diffrn.ambient_temp_lt                  ? 
_diffrn.pdbx_serial_crystal_experiment   N 
# 
_diffrn_detector.details                      ? 
_diffrn_detector.detector                     PIXEL 
_diffrn_detector.diffrn_id                    1 
_diffrn_detector.type                         'DECTRIS EIGER2 X 4M' 
_diffrn_detector.area_resol_mean              ? 
_diffrn_detector.dtime                        ? 
_diffrn_detector.pdbx_frames_total            ? 
_diffrn_detector.pdbx_collection_time_total   ? 
_diffrn_detector.pdbx_collection_date         2020-10-07 
_diffrn_detector.pdbx_frequency               ? 
# 
_diffrn_radiation.collimation                      ? 
_diffrn_radiation.diffrn_id                        1 
_diffrn_radiation.filter_edge                      ? 
_diffrn_radiation.inhomogeneity                    ? 
_diffrn_radiation.monochromator                    ? 
_diffrn_radiation.polarisn_norm                    ? 
_diffrn_radiation.polarisn_ratio                   ? 
_diffrn_radiation.probe                            ? 
_diffrn_radiation.type                             ? 
_diffrn_radiation.xray_symbol                      ? 
_diffrn_radiation.wavelength_id                    1 
_diffrn_radiation.pdbx_monochromatic_or_laue_m_l   M 
_diffrn_radiation.pdbx_wavelength_list             ? 
_diffrn_radiation.pdbx_wavelength                  ? 
_diffrn_radiation.pdbx_diffrn_protocol             'SINGLE WAVELENGTH' 
_diffrn_radiation.pdbx_analyzer                    ? 
_diffrn_radiation.pdbx_scattering_type             x-ray 
# 
_diffrn_radiation_wavelength.id           1 
_diffrn_radiation_wavelength.wavelength   0.96770 
_diffrn_radiation_wavelength.wt           1.0 
# 
_diffrn_source.current                     ? 
_diffrn_source.details                     ? 
_diffrn_source.diffrn_id                   1 
_diffrn_source.power                       ? 
_diffrn_source.size                        ? 
_diffrn_source.source                      SYNCHROTRON 
_diffrn_source.target                      ? 
_diffrn_source.type                        'ESRF BEAMLINE ID30B' 
_diffrn_source.voltage                     ? 
_diffrn_source.take-off_angle              ? 
_diffrn_source.pdbx_wavelength_list        0.96770 
_diffrn_source.pdbx_wavelength             ? 
_diffrn_source.pdbx_synchrotron_beamline   ID30B 
_diffrn_source.pdbx_synchrotron_site       ESRF 
# 
_reflns.B_iso_Wilson_estimate            ? 
_reflns.entry_id                         7AMX 
_reflns.data_reduction_details           ? 
_reflns.data_reduction_method            ? 
_reflns.d_resolution_high                2.85 
_reflns.d_resolution_low                 62.47 
_reflns.details                          ? 
_reflns.limit_h_max                      ? 
_reflns.limit_h_min                      ? 
_reflns.limit_k_max                      ? 
_reflns.limit_k_min                      ? 
_reflns.limit_l_max                      ? 
_reflns.limit_l_min                      ? 
_reflns.number_all                       ? 
_reflns.number_obs                       5107 
_reflns.observed_criterion               ? 
_reflns.observed_criterion_F_max         ? 
_reflns.observed_criterion_F_min         ? 
_reflns.observed_criterion_I_max         ? 
_reflns.observed_criterion_I_min         ? 
_reflns.observed_criterion_sigma_F       ? 
_reflns.observed_criterion_sigma_I       ? 
_reflns.percent_possible_obs             99.6 
_reflns.R_free_details                   ? 
_reflns.Rmerge_F_all                     ? 
_reflns.Rmerge_F_obs                     ? 
_reflns.Friedel_coverage                 ? 
_reflns.number_gt                        ? 
_reflns.threshold_expression             ? 
_reflns.pdbx_redundancy                  20.5 
_reflns.pdbx_Rmerge_I_obs                0.203 
_reflns.pdbx_Rmerge_I_all                ? 
_reflns.pdbx_Rsym_value                  ? 
_reflns.pdbx_netI_over_av_sigmaI         ? 
_reflns.pdbx_netI_over_sigmaI            12.5 
_reflns.pdbx_res_netI_over_av_sigmaI_2   ? 
_reflns.pdbx_res_netI_over_sigmaI_2      ? 
_reflns.pdbx_chi_squared                 ? 
_reflns.pdbx_scaling_rejects             ? 
_reflns.pdbx_d_res_high_opt              ? 
_reflns.pdbx_d_res_low_opt               ? 
_reflns.pdbx_d_res_opt_method            ? 
_reflns.phase_calculation_details        ? 
_reflns.pdbx_Rrim_I_all                  0.212 
_reflns.pdbx_Rpim_I_all                  0.062 
_reflns.pdbx_d_opt                       ? 
_reflns.pdbx_number_measured_all         ? 
_reflns.pdbx_diffrn_id                   1 
_reflns.pdbx_ordinal                     1 
_reflns.pdbx_CC_half                     0.989 
_reflns.pdbx_CC_star                     ? 
_reflns.pdbx_R_split                     ? 
# 
loop_
_reflns_shell.d_res_high 
_reflns_shell.d_res_low 
_reflns_shell.meanI_over_sigI_all 
_reflns_shell.meanI_over_sigI_obs 
_reflns_shell.number_measured_all 
_reflns_shell.number_measured_obs 
_reflns_shell.number_possible 
_reflns_shell.number_unique_all 
_reflns_shell.number_unique_obs 
_reflns_shell.percent_possible_all 
_reflns_shell.percent_possible_obs 
_reflns_shell.Rmerge_F_all 
_reflns_shell.Rmerge_F_obs 
_reflns_shell.Rmerge_I_all 
_reflns_shell.Rmerge_I_obs 
_reflns_shell.meanI_over_sigI_gt 
_reflns_shell.meanI_over_uI_all 
_reflns_shell.meanI_over_uI_gt 
_reflns_shell.number_measured_gt 
_reflns_shell.number_unique_gt 
_reflns_shell.percent_possible_gt 
_reflns_shell.Rmerge_F_gt 
_reflns_shell.Rmerge_I_gt 
_reflns_shell.pdbx_redundancy 
_reflns_shell.pdbx_Rsym_value 
_reflns_shell.pdbx_chi_squared 
_reflns_shell.pdbx_netI_over_sigmaI_all 
_reflns_shell.pdbx_netI_over_sigmaI_obs 
_reflns_shell.pdbx_Rrim_I_all 
_reflns_shell.pdbx_Rpim_I_all 
_reflns_shell.pdbx_rejects 
_reflns_shell.pdbx_ordinal 
_reflns_shell.pdbx_diffrn_id 
_reflns_shell.pdbx_CC_half 
_reflns_shell.pdbx_CC_star 
_reflns_shell.pdbx_R_split 
9.01 62.47 ? ? ? ? ? ? 204 ? ? ? ? ? 0.136 ? ? ? ? ? ? ? ? 16.1 ? ? ? ? 0.143 0.043 ? 1 1 0.983 ? ? 
2.85 3.00  ? ? ? ? ? ? 718 ? ? ? ? ? 3.102 ? ? ? ? ? ? ? ? 20.7 ? ? ? ? 3.249 0.962 ? 2 1 0.518 ? ? 
# 
_refine.aniso_B[1][1]                            -1.738 
_refine.aniso_B[1][2]                            0.000 
_refine.aniso_B[1][3]                            -0.000 
_refine.aniso_B[2][2]                            -1.738 
_refine.aniso_B[2][3]                            -0.000 
_refine.aniso_B[3][3]                            3.475 
_refine.B_iso_max                                ? 
_refine.B_iso_mean                               81.095 
_refine.B_iso_min                                ? 
_refine.correlation_coeff_Fo_to_Fc               0.954 
_refine.correlation_coeff_Fo_to_Fc_free          0.935 
_refine.details                                  'Hydrogens have been added in their riding positions' 
_refine.diff_density_max                         ? 
_refine.diff_density_max_esd                     ? 
_refine.diff_density_min                         ? 
_refine.diff_density_min_esd                     ? 
_refine.diff_density_rms                         ? 
_refine.diff_density_rms_esd                     ? 
_refine.entry_id                                 7AMX 
_refine.pdbx_refine_id                           'X-RAY DIFFRACTION' 
_refine.ls_abs_structure_details                 ? 
_refine.ls_abs_structure_Flack                   ? 
_refine.ls_abs_structure_Flack_esd               ? 
_refine.ls_abs_structure_Rogers                  ? 
_refine.ls_abs_structure_Rogers_esd              ? 
_refine.ls_d_res_high                            2.850 
_refine.ls_d_res_low                             44.210 
_refine.ls_extinction_coef                       ? 
_refine.ls_extinction_coef_esd                   ? 
_refine.ls_extinction_expression                 ? 
_refine.ls_extinction_method                     ? 
_refine.ls_goodness_of_fit_all                   ? 
_refine.ls_goodness_of_fit_all_esd               ? 
_refine.ls_goodness_of_fit_obs                   ? 
_refine.ls_goodness_of_fit_obs_esd               ? 
_refine.ls_hydrogen_treatment                    ? 
_refine.ls_matrix_type                           ? 
_refine.ls_number_constraints                    ? 
_refine.ls_number_parameters                     ? 
_refine.ls_number_reflns_all                     ? 
_refine.ls_number_reflns_obs                     5071 
_refine.ls_number_reflns_R_free                  258 
_refine.ls_number_reflns_R_work                  4813 
_refine.ls_number_restraints                     ? 
_refine.ls_percent_reflns_obs                    99.490 
_refine.ls_percent_reflns_R_free                 5.088 
_refine.ls_R_factor_all                          0.188 
_refine.ls_R_factor_obs                          ? 
_refine.ls_R_factor_R_free                       0.2369 
_refine.ls_R_factor_R_free_error                 ? 
_refine.ls_R_factor_R_free_error_details         ? 
_refine.ls_R_factor_R_work                       0.1849 
_refine.ls_R_Fsqd_factor_obs                     ? 
_refine.ls_R_I_factor_obs                        ? 
_refine.ls_redundancy_reflns_all                 ? 
_refine.ls_redundancy_reflns_obs                 ? 
_refine.ls_restrained_S_all                      ? 
_refine.ls_restrained_S_obs                      ? 
_refine.ls_shift_over_esd_max                    ? 
_refine.ls_shift_over_esd_mean                   ? 
_refine.ls_structure_factor_coef                 ? 
_refine.ls_weighting_details                     ? 
_refine.ls_weighting_scheme                      ? 
_refine.ls_wR_factor_all                         ? 
_refine.ls_wR_factor_obs                         ? 
_refine.ls_wR_factor_R_free                      ? 
_refine.ls_wR_factor_R_work                      ? 
_refine.occupancy_max                            ? 
_refine.occupancy_min                            ? 
_refine.solvent_model_details                    'MASK BULK SOLVENT' 
_refine.solvent_model_param_bsol                 ? 
_refine.solvent_model_param_ksol                 ? 
_refine.pdbx_R_complete                          ? 
_refine.ls_R_factor_gt                           ? 
_refine.ls_goodness_of_fit_gt                    ? 
_refine.ls_goodness_of_fit_ref                   ? 
_refine.ls_shift_over_su_max                     ? 
_refine.ls_shift_over_su_max_lt                  ? 
_refine.ls_shift_over_su_mean                    ? 
_refine.ls_shift_over_su_mean_lt                 ? 
_refine.pdbx_ls_sigma_I                          ? 
_refine.pdbx_ls_sigma_F                          ? 
_refine.pdbx_ls_sigma_Fsqd                       ? 
_refine.pdbx_data_cutoff_high_absF               ? 
_refine.pdbx_data_cutoff_high_rms_absF           ? 
_refine.pdbx_data_cutoff_low_absF                ? 
_refine.pdbx_isotropic_thermal_model             ? 
_refine.pdbx_ls_cross_valid_method               'FREE R-VALUE' 
_refine.pdbx_method_to_determine_struct          'MOLECULAR REPLACEMENT' 
_refine.pdbx_starting_model                      7AHW 
_refine.pdbx_stereochemistry_target_values       ? 
_refine.pdbx_R_Free_selection_details            ? 
_refine.pdbx_stereochem_target_val_spec_case     ? 
_refine.pdbx_overall_ESU_R                       0.731 
_refine.pdbx_overall_ESU_R_Free                  0.323 
_refine.pdbx_solvent_vdw_probe_radii             1.200 
_refine.pdbx_solvent_ion_probe_radii             0.800 
_refine.pdbx_solvent_shrinkage_radii             0.800 
_refine.pdbx_real_space_R                        ? 
_refine.pdbx_density_correlation                 ? 
_refine.pdbx_pd_number_of_powder_patterns        ? 
_refine.pdbx_pd_number_of_points                 ? 
_refine.pdbx_pd_meas_number_of_points            ? 
_refine.pdbx_pd_proc_ls_prof_R_factor            ? 
_refine.pdbx_pd_proc_ls_prof_wR_factor           ? 
_refine.pdbx_pd_Marquardt_correlation_coeff      ? 
_refine.pdbx_pd_Fsqrd_R_factor                   ? 
_refine.pdbx_pd_ls_matrix_band_width             ? 
_refine.pdbx_overall_phase_error                 ? 
_refine.pdbx_overall_SU_R_free_Cruickshank_DPI   ? 
_refine.pdbx_overall_SU_R_free_Blow_DPI          ? 
_refine.pdbx_overall_SU_R_Blow_DPI               ? 
_refine.pdbx_TLS_residual_ADP_flag               ? 
_refine.pdbx_diffrn_id                           1 
_refine.overall_SU_B                             13.813 
_refine.overall_SU_ML                            0.256 
_refine.overall_SU_R_Cruickshank_DPI             ? 
_refine.overall_SU_R_free                        ? 
_refine.overall_FOM_free_R_set                   ? 
_refine.overall_FOM_work_R_set                   ? 
_refine.pdbx_average_fsc_overall                 ? 
_refine.pdbx_average_fsc_work                    ? 
_refine.pdbx_average_fsc_free                    ? 
# 
_refine_hist.pdbx_refine_id                   'X-RAY DIFFRACTION' 
_refine_hist.cycle_id                         LAST 
_refine_hist.details                          ? 
_refine_hist.d_res_high                       2.850 
_refine_hist.d_res_low                        44.210 
_refine_hist.number_atoms_solvent             0 
_refine_hist.number_atoms_total               1060 
_refine_hist.number_reflns_all                ? 
_refine_hist.number_reflns_obs                ? 
_refine_hist.number_reflns_R_free             ? 
_refine_hist.number_reflns_R_work             ? 
_refine_hist.R_factor_all                     ? 
_refine_hist.R_factor_obs                     ? 
_refine_hist.R_factor_R_free                  ? 
_refine_hist.R_factor_R_work                  ? 
_refine_hist.pdbx_number_residues_total       ? 
_refine_hist.pdbx_B_iso_mean_ligand           ? 
_refine_hist.pdbx_B_iso_mean_solvent          ? 
_refine_hist.pdbx_number_atoms_protein        1058 
_refine_hist.pdbx_number_atoms_nucleic_acid   0 
_refine_hist.pdbx_number_atoms_ligand         2 
_refine_hist.pdbx_number_atoms_lipid          ? 
_refine_hist.pdbx_number_atoms_carb           ? 
_refine_hist.pdbx_pseudo_atom_details         ? 
# 
loop_
_refine_ls_restr.pdbx_refine_id 
_refine_ls_restr.criterion 
_refine_ls_restr.dev_ideal 
_refine_ls_restr.dev_ideal_target 
_refine_ls_restr.number 
_refine_ls_restr.rejects 
_refine_ls_restr.type 
_refine_ls_restr.weight 
_refine_ls_restr.pdbx_restraint_function 
'X-RAY DIFFRACTION' ? 0.017  0.013  1085 ? r_bond_refined_d       ? ? 
'X-RAY DIFFRACTION' ? 0.001  0.017  1057 ? r_bond_other_d         ? ? 
'X-RAY DIFFRACTION' ? 1.686  1.643  1469 ? r_angle_refined_deg    ? ? 
'X-RAY DIFFRACTION' ? 1.164  1.580  2448 ? r_angle_other_deg      ? ? 
'X-RAY DIFFRACTION' ? 8.498  5.000  138  ? r_dihedral_angle_1_deg ? ? 
'X-RAY DIFFRACTION' ? 41.522 24.681 47   ? r_dihedral_angle_2_deg ? ? 
'X-RAY DIFFRACTION' ? 21.104 15.000 187  ? r_dihedral_angle_3_deg ? ? 
'X-RAY DIFFRACTION' ? 19.687 15.000 3    ? r_dihedral_angle_4_deg ? ? 
'X-RAY DIFFRACTION' ? 0.059  0.200  140  ? r_chiral_restr         ? ? 
'X-RAY DIFFRACTION' ? 0.006  0.020  1215 ? r_gen_planes_refined   ? ? 
'X-RAY DIFFRACTION' ? 0.002  0.020  211  ? r_gen_planes_other     ? ? 
'X-RAY DIFFRACTION' ? 0.202  0.200  151  ? r_nbd_refined          ? ? 
'X-RAY DIFFRACTION' ? 0.175  0.200  906  ? r_symmetry_nbd_other   ? ? 
'X-RAY DIFFRACTION' ? 0.153  0.200  464  ? r_nbtor_refined        ? ? 
'X-RAY DIFFRACTION' ? 0.084  0.200  601  ? r_symmetry_nbtor_other ? ? 
'X-RAY DIFFRACTION' ? 0.120  0.200  14   ? r_xyhbond_nbd_refined  ? ? 
'X-RAY DIFFRACTION' ? 0.097  0.200  6    ? r_symmetry_nbd_refined ? ? 
'X-RAY DIFFRACTION' ? 0.150  0.200  24   ? r_nbd_other            ? ? 
'X-RAY DIFFRACTION' ? 6.246  8.037  558  ? r_mcbond_it            ? ? 
'X-RAY DIFFRACTION' ? 6.194  8.027  557  ? r_mcbond_other         ? ? 
'X-RAY DIFFRACTION' ? 8.856  12.061 694  ? r_mcangle_it           ? ? 
'X-RAY DIFFRACTION' ? 8.876  12.069 695  ? r_mcangle_other        ? ? 
'X-RAY DIFFRACTION' ? 8.802  9.028  527  ? r_scbond_it            ? ? 
'X-RAY DIFFRACTION' ? 8.799  9.022  527  ? r_scbond_other         ? ? 
'X-RAY DIFFRACTION' ? 13.411 13.119 775  ? r_scangle_it           ? ? 
'X-RAY DIFFRACTION' ? 13.405 13.113 775  ? r_scangle_other        ? ? 
'X-RAY DIFFRACTION' ? 15.727 91.815 986  ? r_lrange_it            ? ? 
'X-RAY DIFFRACTION' ? 15.739 91.892 987  ? r_lrange_other         ? ? 
# 
loop_
_refine_ls_shell.pdbx_refine_id 
_refine_ls_shell.d_res_high 
_refine_ls_shell.d_res_low 
_refine_ls_shell.number_reflns_all 
_refine_ls_shell.number_reflns_obs 
_refine_ls_shell.number_reflns_R_free 
_refine_ls_shell.number_reflns_R_work 
_refine_ls_shell.percent_reflns_obs 
_refine_ls_shell.percent_reflns_R_free 
_refine_ls_shell.R_factor_all 
_refine_ls_shell.R_factor_obs 
_refine_ls_shell.R_factor_R_free 
_refine_ls_shell.R_factor_R_free_error 
_refine_ls_shell.R_factor_R_work 
_refine_ls_shell.redundancy_reflns_all 
_refine_ls_shell.redundancy_reflns_obs 
_refine_ls_shell.wR_factor_all 
_refine_ls_shell.wR_factor_obs 
_refine_ls_shell.wR_factor_R_free 
_refine_ls_shell.wR_factor_R_work 
_refine_ls_shell.pdbx_R_complete 
_refine_ls_shell.pdbx_total_number_of_bins_used 
_refine_ls_shell.pdbx_phase_error 
_refine_ls_shell.pdbx_fsc_work 
_refine_ls_shell.pdbx_fsc_free 
'X-RAY DIFFRACTION' 2.850  2.924  . . 12 342 99.7183  . . . 0.262 . 0.269 . . . . . . . . . . . 
'X-RAY DIFFRACTION' 2.924  3.004  . . 16 344 100.0000 . . . 0.359 . 0.266 . . . . . . . . . . . 
'X-RAY DIFFRACTION' 3.004  3.091  . . 16 331 100.0000 . . . 0.299 . 0.280 . . . . . . . . . . . 
'X-RAY DIFFRACTION' 3.091  3.186  . . 19 308 99.3921  . . . 0.263 . 0.276 . . . . . . . . . . . 
'X-RAY DIFFRACTION' 3.186  3.291  . . 19 300 94.9405  . . . 0.360 . 0.240 . . . . . . . . . . . 
'X-RAY DIFFRACTION' 3.291  3.406  . . 13 295 99.3548  . . . 0.209 . 0.228 . . . . . . . . . . . 
'X-RAY DIFFRACTION' 3.406  3.534  . . 28 283 99.6795  . . . 0.277 . 0.217 . . . . . . . . . . . 
'X-RAY DIFFRACTION' 3.534  3.679  . . 8  292 100.0000 . . . 0.284 . 0.216 . . . . . . . . . . . 
'X-RAY DIFFRACTION' 3.679  3.842  . . 15 267 100.0000 . . . 0.195 . 0.194 . . . . . . . . . . . 
'X-RAY DIFFRACTION' 3.842  4.029  . . 17 256 100.0000 . . . 0.227 . 0.169 . . . . . . . . . . . 
'X-RAY DIFFRACTION' 4.029  4.247  . . 17 245 100.0000 . . . 0.308 . 0.162 . . . . . . . . . . . 
'X-RAY DIFFRACTION' 4.247  4.504  . . 22 234 100.0000 . . . 0.177 . 0.148 . . . . . . . . . . . 
'X-RAY DIFFRACTION' 4.504  4.814  . . 5  232 100.0000 . . . 0.231 . 0.155 . . . . . . . . . . . 
'X-RAY DIFFRACTION' 4.814  5.199  . . 12 213 100.0000 . . . 0.147 . 0.158 . . . . . . . . . . . 
'X-RAY DIFFRACTION' 5.199  5.694  . . 8  194 100.0000 . . . 0.350 . 0.164 . . . . . . . . . . . 
'X-RAY DIFFRACTION' 5.694  6.363  . . 8  184 100.0000 . . . 0.312 . 0.161 . . . . . . . . . . . 
'X-RAY DIFFRACTION' 6.363  7.343  . . 7  161 100.0000 . . . 0.334 . 0.174 . . . . . . . . . . . 
'X-RAY DIFFRACTION' 7.343  8.981  . . 11 141 100.0000 . . . 0.215 . 0.142 . . . . . . . . . . . 
'X-RAY DIFFRACTION' 8.981  12.653 . . 3  118 100.0000 . . . 0.063 . 0.143 . . . . . . . . . . . 
'X-RAY DIFFRACTION' 12.653 44.210 . . 2  73  96.1538  . . . 0.211 . 0.261 . . . . . . . . . . . 
# 
_struct.entry_id                     7AMX 
_struct.title                        
'The crystal structure of gene product PA4063 from Pseudomonas aeruginosa in complex with zinc' 
_struct.pdbx_model_details           ? 
_struct.pdbx_formula_weight          ? 
_struct.pdbx_formula_weight_method   ? 
_struct.pdbx_model_type_details      ? 
_struct.pdbx_CASP_flag               N 
# 
_struct_keywords.entry_id        7AMX 
_struct_keywords.text            'ferredoxin-like, zinc-binding, periplasmic, METAL BINDING PROTEIN' 
_struct_keywords.pdbx_keywords   'METAL BINDING PROTEIN' 
# 
loop_
_struct_asym.id 
_struct_asym.pdbx_blank_PDB_chainid_flag 
_struct_asym.pdbx_modified 
_struct_asym.entity_id 
_struct_asym.details 
A N N 1 ? 
B N N 2 ? 
C N N 2 ? 
# 
_struct_ref.id                         1 
_struct_ref.db_name                    UNP 
_struct_ref.db_code                    A0A5M6H2N4_PSEAI 
_struct_ref.pdbx_db_accession          A0A5M6H2N4 
_struct_ref.pdbx_db_isoform            ? 
_struct_ref.entity_id                  1 
_struct_ref.pdbx_seq_one_letter_code   
;HDDHDHDHAHGSLGKHEHGVAQLNVALDGKTLELELDSPAMNLVGFEHAASTDADKAAVAKARAQLEKPLELFALPVTAG
CSVASQELRSPLFGDKAPAHAHKEKAGHEHEHEHEHEHGHADIHAHYQLSCEKPELLKLLTLAEFFKRFPATQKIQVQLI
GPDGQKGADLAPASAELKL
;
_struct_ref.pdbx_align_begin           18 
# 
_struct_ref_seq.align_id                      1 
_struct_ref_seq.ref_id                        1 
_struct_ref_seq.pdbx_PDB_id_code              7AMX 
_struct_ref_seq.pdbx_strand_id                AAA 
_struct_ref_seq.seq_align_beg                 1 
_struct_ref_seq.pdbx_seq_align_beg_ins_code   ? 
_struct_ref_seq.seq_align_end                 179 
_struct_ref_seq.pdbx_seq_align_end_ins_code   ? 
_struct_ref_seq.pdbx_db_accession             A0A5M6H2N4 
_struct_ref_seq.db_align_beg                  18 
_struct_ref_seq.pdbx_db_align_beg_ins_code    ? 
_struct_ref_seq.db_align_end                  196 
_struct_ref_seq.pdbx_db_align_end_ins_code    ? 
_struct_ref_seq.pdbx_auth_seq_align_beg       1 
_struct_ref_seq.pdbx_auth_seq_align_end       179 
# 
_pdbx_struct_assembly.id                   1 
_pdbx_struct_assembly.details              author_defined_assembly 
_pdbx_struct_assembly.method_details       ? 
_pdbx_struct_assembly.oligomeric_details   monomeric 
_pdbx_struct_assembly.oligomeric_count     1 
# 
loop_
_pdbx_struct_assembly_prop.biol_id 
_pdbx_struct_assembly_prop.type 
_pdbx_struct_assembly_prop.value 
_pdbx_struct_assembly_prop.details 
1 'ABSA (A^2)' 100  ? 
1 MORE         -33  ? 
1 'SSA (A^2)'  7320 ? 
# 
_pdbx_struct_assembly_gen.assembly_id       1 
_pdbx_struct_assembly_gen.oper_expression   1 
_pdbx_struct_assembly_gen.asym_id_list      A,B,C 
# 
_pdbx_struct_assembly_auth_evidence.id                     1 
_pdbx_struct_assembly_auth_evidence.assembly_id            1 
_pdbx_struct_assembly_auth_evidence.experimental_support   'gel filtration' 
_pdbx_struct_assembly_auth_evidence.details                ? 
# 
_pdbx_struct_oper_list.id                   1 
_pdbx_struct_oper_list.type                 'identity operation' 
_pdbx_struct_oper_list.name                 1_555 
_pdbx_struct_oper_list.symmetry_operation   x,y,z 
_pdbx_struct_oper_list.matrix[1][1]         1.0000000000 
_pdbx_struct_oper_list.matrix[1][2]         0.0000000000 
_pdbx_struct_oper_list.matrix[1][3]         0.0000000000 
_pdbx_struct_oper_list.vector[1]            0.0000000000 
_pdbx_struct_oper_list.matrix[2][1]         0.0000000000 
_pdbx_struct_oper_list.matrix[2][2]         1.0000000000 
_pdbx_struct_oper_list.matrix[2][3]         0.0000000000 
_pdbx_struct_oper_list.vector[2]            0.0000000000 
_pdbx_struct_oper_list.matrix[3][1]         0.0000000000 
_pdbx_struct_oper_list.matrix[3][2]         0.0000000000 
_pdbx_struct_oper_list.matrix[3][3]         1.0000000000 
_pdbx_struct_oper_list.vector[3]            0.0000000000 
# 
loop_
_struct_conf.conf_type_id 
_struct_conf.id 
_struct_conf.pdbx_PDB_helix_id 
_struct_conf.beg_label_comp_id 
_struct_conf.beg_label_asym_id 
_struct_conf.beg_label_seq_id 
_struct_conf.pdbx_beg_PDB_ins_code 
_struct_conf.end_label_comp_id 
_struct_conf.end_label_asym_id 
_struct_conf.end_label_seq_id 
_struct_conf.pdbx_end_PDB_ins_code 
_struct_conf.beg_auth_comp_id 
_struct_conf.beg_auth_asym_id 
_struct_conf.beg_auth_seq_id 
_struct_conf.end_auth_comp_id 
_struct_conf.end_auth_asym_id 
_struct_conf.end_auth_seq_id 
_struct_conf.pdbx_PDB_helix_class 
_struct_conf.details 
_struct_conf.pdbx_PDB_helix_length 
HELX_P HELX_P1 AA1 MET A 41  ? LEU A 43  ? MET AAA 41  LEU AAA 43  5 ? 3  
HELX_P HELX_P2 AA2 ALA A 54  ? LEU A 66  ? ALA AAA 54  LEU AAA 66  1 ? 13 
HELX_P HELX_P3 AA3 LYS A 68  ? PHE A 73  ? LYS AAA 68  PHE AAA 73  1 ? 6  
HELX_P HELX_P4 AA4 PRO A 76  ? ALA A 79  ? PRO AAA 76  ALA AAA 79  5 ? 4  
HELX_P HELX_P5 AA5 LYS A 133 ? LEU A 137 ? LYS AAA 133 LEU AAA 137 5 ? 5  
HELX_P HELX_P6 AA6 LEU A 142 ? PHE A 149 ? LEU AAA 142 PHE AAA 149 1 ? 8  
# 
_struct_conf_type.id          HELX_P 
_struct_conf_type.criteria    ? 
_struct_conf_type.reference   ? 
# 
loop_
_struct_conn.id 
_struct_conn.conn_type_id 
_struct_conn.pdbx_leaving_atom_flag 
_struct_conn.pdbx_PDB_id 
_struct_conn.ptnr1_label_asym_id 
_struct_conn.ptnr1_label_comp_id 
_struct_conn.ptnr1_label_seq_id 
_struct_conn.ptnr1_label_atom_id 
_struct_conn.pdbx_ptnr1_label_alt_id 
_struct_conn.pdbx_ptnr1_PDB_ins_code 
_struct_conn.pdbx_ptnr1_standard_comp_id 
_struct_conn.ptnr1_symmetry 
_struct_conn.ptnr2_label_asym_id 
_struct_conn.ptnr2_label_comp_id 
_struct_conn.ptnr2_label_seq_id 
_struct_conn.ptnr2_label_atom_id 
_struct_conn.pdbx_ptnr2_label_alt_id 
_struct_conn.pdbx_ptnr2_PDB_ins_code 
_struct_conn.ptnr1_auth_asym_id 
_struct_conn.ptnr1_auth_comp_id 
_struct_conn.ptnr1_auth_seq_id 
_struct_conn.ptnr2_auth_asym_id 
_struct_conn.ptnr2_auth_comp_id 
_struct_conn.ptnr2_auth_seq_id 
_struct_conn.ptnr2_symmetry 
_struct_conn.pdbx_ptnr3_label_atom_id 
_struct_conn.pdbx_ptnr3_label_seq_id 
_struct_conn.pdbx_ptnr3_label_comp_id 
_struct_conn.pdbx_ptnr3_label_asym_id 
_struct_conn.pdbx_ptnr3_label_alt_id 
_struct_conn.pdbx_ptnr3_PDB_ins_code 
_struct_conn.details 
_struct_conn.pdbx_dist_value 
_struct_conn.pdbx_value_order 
_struct_conn.pdbx_role 
disulf1 disulf ? ? A CYS 81  SG  ? ? ? 1_555 A CYS 131 SG ? ? AAA CYS 81  AAA CYS 131 1_555 ? ? ? ? ? ? ? 2.097 ? ? 
metalc1 metalc ? ? A HIS 16  NE2 ? ? ? 1_555 B ZN  .   ZN ? ? AAA HIS 16  AAA ZN  201 1_555 ? ? ? ? ? ? ? 1.873 ? ? 
metalc2 metalc ? ? A HIS 18  NE2 ? ? ? 1_555 B ZN  .   ZN ? ? AAA HIS 18  AAA ZN  201 1_555 ? ? ? ? ? ? ? 2.086 ? ? 
metalc3 metalc ? ? A GLU 47  OE1 ? ? ? 1_555 B ZN  .   ZN ? ? AAA GLU 47  AAA ZN  201 1_555 ? ? ? ? ? ? ? 2.044 ? ? 
metalc4 metalc ? ? A GLU 87  OE1 ? ? ? 1_555 C ZN  .   ZN ? ? AAA GLU 87  AAA ZN  202 1_555 ? ? ? ? ? ? ? 2.082 ? ? 
metalc5 metalc ? ? A HIS 120 ND1 ? ? ? 1_555 B ZN  .   ZN ? ? AAA HIS 120 AAA ZN  201 1_555 ? ? ? ? ? ? ? 2.047 ? ? 
metalc6 metalc ? ? A HIS 124 NE2 ? ? ? 1_555 C ZN  .   ZN ? ? AAA HIS 124 AAA ZN  202 1_555 ? ? ? ? ? ? ? 2.243 ? ? 
metalc7 metalc ? ? A HIS 126 ND1 ? ? ? 1_555 C ZN  .   ZN ? ? AAA HIS 126 AAA ZN  202 1_555 ? ? ? ? ? ? ? 2.469 ? ? 
# 
loop_
_struct_conn_type.id 
_struct_conn_type.criteria 
_struct_conn_type.reference 
disulf ? ? 
metalc ? ? 
# 
loop_
_pdbx_struct_conn_angle.id 
_pdbx_struct_conn_angle.ptnr1_label_atom_id 
_pdbx_struct_conn_angle.ptnr1_label_alt_id 
_pdbx_struct_conn_angle.ptnr1_label_asym_id 
_pdbx_struct_conn_angle.ptnr1_label_comp_id 
_pdbx_struct_conn_angle.ptnr1_label_seq_id 
_pdbx_struct_conn_angle.ptnr1_auth_atom_id 
_pdbx_struct_conn_angle.ptnr1_auth_asym_id 
_pdbx_struct_conn_angle.ptnr1_auth_comp_id 
_pdbx_struct_conn_angle.ptnr1_auth_seq_id 
_pdbx_struct_conn_angle.ptnr1_PDB_ins_code 
_pdbx_struct_conn_angle.ptnr1_symmetry 
_pdbx_struct_conn_angle.ptnr2_label_atom_id 
_pdbx_struct_conn_angle.ptnr2_label_alt_id 
_pdbx_struct_conn_angle.ptnr2_label_asym_id 
_pdbx_struct_conn_angle.ptnr2_label_comp_id 
_pdbx_struct_conn_angle.ptnr2_label_seq_id 
_pdbx_struct_conn_angle.ptnr2_auth_atom_id 
_pdbx_struct_conn_angle.ptnr2_auth_asym_id 
_pdbx_struct_conn_angle.ptnr2_auth_comp_id 
_pdbx_struct_conn_angle.ptnr2_auth_seq_id 
_pdbx_struct_conn_angle.ptnr2_PDB_ins_code 
_pdbx_struct_conn_angle.ptnr2_symmetry 
_pdbx_struct_conn_angle.ptnr3_label_atom_id 
_pdbx_struct_conn_angle.ptnr3_label_alt_id 
_pdbx_struct_conn_angle.ptnr3_label_asym_id 
_pdbx_struct_conn_angle.ptnr3_label_comp_id 
_pdbx_struct_conn_angle.ptnr3_label_seq_id 
_pdbx_struct_conn_angle.ptnr3_auth_atom_id 
_pdbx_struct_conn_angle.ptnr3_auth_asym_id 
_pdbx_struct_conn_angle.ptnr3_auth_comp_id 
_pdbx_struct_conn_angle.ptnr3_auth_seq_id 
_pdbx_struct_conn_angle.ptnr3_PDB_ins_code 
_pdbx_struct_conn_angle.ptnr3_symmetry 
_pdbx_struct_conn_angle.value 
_pdbx_struct_conn_angle.value_esd 
1 NE2 ? A HIS 16  ? AAA HIS 16  ? 1_555 ZN ? B ZN . ? AAA ZN 201 ? 1_555 NE2 ? A HIS 18  ? AAA HIS 18  ? 1_555 99.0  ? 
2 NE2 ? A HIS 16  ? AAA HIS 16  ? 1_555 ZN ? B ZN . ? AAA ZN 201 ? 1_555 OE1 ? A GLU 47  ? AAA GLU 47  ? 1_555 113.3 ? 
3 NE2 ? A HIS 18  ? AAA HIS 18  ? 1_555 ZN ? B ZN . ? AAA ZN 201 ? 1_555 OE1 ? A GLU 47  ? AAA GLU 47  ? 1_555 125.5 ? 
4 NE2 ? A HIS 16  ? AAA HIS 16  ? 1_555 ZN ? B ZN . ? AAA ZN 201 ? 1_555 ND1 ? A HIS 120 ? AAA HIS 120 ? 1_555 122.8 ? 
5 NE2 ? A HIS 18  ? AAA HIS 18  ? 1_555 ZN ? B ZN . ? AAA ZN 201 ? 1_555 ND1 ? A HIS 120 ? AAA HIS 120 ? 1_555 106.3 ? 
6 OE1 ? A GLU 47  ? AAA GLU 47  ? 1_555 ZN ? B ZN . ? AAA ZN 201 ? 1_555 ND1 ? A HIS 120 ? AAA HIS 120 ? 1_555 92.0  ? 
7 OE1 ? A GLU 87  ? AAA GLU 87  ? 1_555 ZN ? C ZN . ? AAA ZN 202 ? 1_555 NE2 ? A HIS 124 ? AAA HIS 124 ? 1_555 89.4  ? 
8 OE1 ? A GLU 87  ? AAA GLU 87  ? 1_555 ZN ? C ZN . ? AAA ZN 202 ? 1_555 ND1 ? A HIS 126 ? AAA HIS 126 ? 1_555 111.1 ? 
9 NE2 ? A HIS 124 ? AAA HIS 124 ? 1_555 ZN ? C ZN . ? AAA ZN 202 ? 1_555 ND1 ? A HIS 126 ? AAA HIS 126 ? 1_555 117.5 ? 
# 
_pdbx_modification_feature.ordinal                            1 
_pdbx_modification_feature.label_comp_id                      CYS 
_pdbx_modification_feature.label_asym_id                      A 
_pdbx_modification_feature.label_seq_id                       81 
_pdbx_modification_feature.label_alt_id                       ? 
_pdbx_modification_feature.modified_residue_label_comp_id     CYS 
_pdbx_modification_feature.modified_residue_label_asym_id     A 
_pdbx_modification_feature.modified_residue_label_seq_id      131 
_pdbx_modification_feature.modified_residue_label_alt_id      ? 
_pdbx_modification_feature.auth_comp_id                       CYS 
_pdbx_modification_feature.auth_asym_id                       AAA 
_pdbx_modification_feature.auth_seq_id                        81 
_pdbx_modification_feature.PDB_ins_code                       ? 
_pdbx_modification_feature.symmetry                           1_555 
_pdbx_modification_feature.modified_residue_auth_comp_id      CYS 
_pdbx_modification_feature.modified_residue_auth_asym_id      AAA 
_pdbx_modification_feature.modified_residue_auth_seq_id       131 
_pdbx_modification_feature.modified_residue_PDB_ins_code      ? 
_pdbx_modification_feature.modified_residue_symmetry          1_555 
_pdbx_modification_feature.comp_id_linking_atom               SG 
_pdbx_modification_feature.modified_residue_id_linking_atom   SG 
_pdbx_modification_feature.modified_residue_id                . 
_pdbx_modification_feature.ref_pcm_id                         . 
_pdbx_modification_feature.ref_comp_id                        . 
_pdbx_modification_feature.type                               None 
_pdbx_modification_feature.category                           'Disulfide bridge' 
# 
loop_
_struct_sheet.id 
_struct_sheet.type 
_struct_sheet.number_strands 
_struct_sheet.details 
AA1 ? 6 ? 
AA2 ? 2 ? 
# 
loop_
_struct_sheet_order.sheet_id 
_struct_sheet_order.range_id_1 
_struct_sheet_order.range_id_2 
_struct_sheet_order.offset 
_struct_sheet_order.sense 
AA1 1 2 ? anti-parallel 
AA1 2 3 ? anti-parallel 
AA1 3 4 ? anti-parallel 
AA1 4 5 ? parallel      
AA1 5 6 ? anti-parallel 
AA2 1 2 ? anti-parallel 
# 
loop_
_struct_sheet_range.sheet_id 
_struct_sheet_range.id 
_struct_sheet_range.beg_label_comp_id 
_struct_sheet_range.beg_label_asym_id 
_struct_sheet_range.beg_label_seq_id 
_struct_sheet_range.pdbx_beg_PDB_ins_code 
_struct_sheet_range.end_label_comp_id 
_struct_sheet_range.end_label_asym_id 
_struct_sheet_range.end_label_seq_id 
_struct_sheet_range.pdbx_end_PDB_ins_code 
_struct_sheet_range.beg_auth_comp_id 
_struct_sheet_range.beg_auth_asym_id 
_struct_sheet_range.beg_auth_seq_id 
_struct_sheet_range.end_auth_comp_id 
_struct_sheet_range.end_auth_asym_id 
_struct_sheet_range.end_auth_seq_id 
AA1 1 CYS A 81  ? ARG A 89  ? CYS AAA 81  ARG AAA 89  
AA1 2 ASP A 122 ? CYS A 131 ? ASP AAA 122 CYS AAA 131 
AA1 3 THR A 31  ? PRO A 39  ? THR AAA 31  PRO AAA 39  
AA1 4 VAL A 20  ? ASP A 28  ? VAL AAA 20  ASP AAA 28  
AA1 5 LYS A 154 ? GLY A 161 ? LYS AAA 154 GLY AAA 161 
AA1 6 GLY A 164 ? LEU A 170 ? GLY AAA 164 LEU AAA 170 
AA2 1 LEU A 139 ? THR A 141 ? LEU AAA 139 THR AAA 141 
AA2 2 GLU A 176 ? LYS A 178 ? GLU AAA 176 LYS AAA 178 
# 
loop_
_pdbx_struct_sheet_hbond.sheet_id 
_pdbx_struct_sheet_hbond.range_id_1 
_pdbx_struct_sheet_hbond.range_id_2 
_pdbx_struct_sheet_hbond.range_1_label_atom_id 
_pdbx_struct_sheet_hbond.range_1_label_comp_id 
_pdbx_struct_sheet_hbond.range_1_label_asym_id 
_pdbx_struct_sheet_hbond.range_1_label_seq_id 
_pdbx_struct_sheet_hbond.range_1_PDB_ins_code 
_pdbx_struct_sheet_hbond.range_1_auth_atom_id 
_pdbx_struct_sheet_hbond.range_1_auth_comp_id 
_pdbx_struct_sheet_hbond.range_1_auth_asym_id 
_pdbx_struct_sheet_hbond.range_1_auth_seq_id 
_pdbx_struct_sheet_hbond.range_2_label_atom_id 
_pdbx_struct_sheet_hbond.range_2_label_comp_id 
_pdbx_struct_sheet_hbond.range_2_label_asym_id 
_pdbx_struct_sheet_hbond.range_2_label_seq_id 
_pdbx_struct_sheet_hbond.range_2_PDB_ins_code 
_pdbx_struct_sheet_hbond.range_2_auth_atom_id 
_pdbx_struct_sheet_hbond.range_2_auth_comp_id 
_pdbx_struct_sheet_hbond.range_2_auth_asym_id 
_pdbx_struct_sheet_hbond.range_2_auth_seq_id 
AA1 1 2 N SER A 82  ? N SER AAA 82  O SER A 130 ? O SER AAA 130 
AA1 2 3 O ALA A 125 ? O ALA AAA 125 N LEU A 36  ? N LEU AAA 36  
AA1 3 4 O GLU A 35  ? O GLU AAA 35  N ASN A 24  ? N ASN AAA 24  
AA1 4 5 N LEU A 23  ? N LEU AAA 23  O GLN A 156 ? O GLN AAA 156 
AA1 5 6 N LEU A 159 ? N LEU AAA 159 O LYS A 166 ? O LYS AAA 166 
AA2 1 2 N LEU A 140 ? N LEU AAA 140 O LEU A 177 ? O LEU AAA 177 
# 
_pdbx_entry_details.entry_id                   7AMX 
_pdbx_entry_details.has_ligand_of_interest     Y 
_pdbx_entry_details.compound_details           ? 
_pdbx_entry_details.source_details             ? 
_pdbx_entry_details.nonpolymer_details         ? 
_pdbx_entry_details.sequence_details           ? 
_pdbx_entry_details.has_protein_modification   Y 
# 
loop_
_pdbx_validate_torsion.id 
_pdbx_validate_torsion.PDB_model_num 
_pdbx_validate_torsion.auth_comp_id 
_pdbx_validate_torsion.auth_asym_id 
_pdbx_validate_torsion.auth_seq_id 
_pdbx_validate_torsion.PDB_ins_code 
_pdbx_validate_torsion.label_alt_id 
_pdbx_validate_torsion.phi 
_pdbx_validate_torsion.psi 
1 1 GLU AAA 47  ? ? -144.43 -12.27  
2 1 SER AAA 51  ? ? -58.08  -72.23  
3 1 THR AAA 52  ? ? -77.49  -168.37 
4 1 GLN AAA 86  ? ? -165.24 116.64  
5 1 ALA AAA 168 ? ? -173.47 136.23  
6 1 ALA AAA 173 ? ? -49.42  -71.15  
# 
loop_
_pdbx_unobs_or_zero_occ_residues.id 
_pdbx_unobs_or_zero_occ_residues.PDB_model_num 
_pdbx_unobs_or_zero_occ_residues.polymer_flag 
_pdbx_unobs_or_zero_occ_residues.occupancy_flag 
_pdbx_unobs_or_zero_occ_residues.auth_asym_id 
_pdbx_unobs_or_zero_occ_residues.auth_comp_id 
_pdbx_unobs_or_zero_occ_residues.auth_seq_id 
_pdbx_unobs_or_zero_occ_residues.PDB_ins_code 
_pdbx_unobs_or_zero_occ_residues.label_asym_id 
_pdbx_unobs_or_zero_occ_residues.label_comp_id 
_pdbx_unobs_or_zero_occ_residues.label_seq_id 
1  1 Y 1 AAA HIS 1   ? A HIS 1   
2  1 Y 1 AAA ASP 2   ? A ASP 2   
3  1 Y 1 AAA ASP 3   ? A ASP 3   
4  1 Y 1 AAA HIS 4   ? A HIS 4   
5  1 Y 1 AAA ASP 5   ? A ASP 5   
6  1 Y 1 AAA HIS 6   ? A HIS 6   
7  1 Y 1 AAA ASP 7   ? A ASP 7   
8  1 Y 1 AAA HIS 8   ? A HIS 8   
9  1 Y 1 AAA ALA 9   ? A ALA 9   
10 1 Y 1 AAA HIS 10  ? A HIS 10  
11 1 Y 1 AAA GLY 11  ? A GLY 11  
12 1 Y 1 AAA SER 12  ? A SER 12  
13 1 Y 1 AAA LEU 13  ? A LEU 13  
14 1 Y 1 AAA GLY 14  ? A GLY 14  
15 1 Y 1 AAA GLY 94  ? A GLY 94  
16 1 Y 1 AAA ASP 95  ? A ASP 95  
17 1 Y 1 AAA LYS 96  ? A LYS 96  
18 1 Y 1 AAA ALA 97  ? A ALA 97  
19 1 Y 1 AAA PRO 98  ? A PRO 98  
20 1 Y 1 AAA ALA 99  ? A ALA 99  
21 1 Y 1 AAA HIS 100 ? A HIS 100 
22 1 Y 1 AAA ALA 101 ? A ALA 101 
23 1 Y 1 AAA HIS 102 ? A HIS 102 
24 1 Y 1 AAA LYS 103 ? A LYS 103 
25 1 Y 1 AAA GLU 104 ? A GLU 104 
26 1 Y 1 AAA LYS 105 ? A LYS 105 
27 1 Y 1 AAA ALA 106 ? A ALA 106 
28 1 Y 1 AAA GLY 107 ? A GLY 107 
29 1 Y 1 AAA HIS 108 ? A HIS 108 
30 1 Y 1 AAA GLU 109 ? A GLU 109 
31 1 Y 1 AAA HIS 110 ? A HIS 110 
32 1 Y 1 AAA GLU 111 ? A GLU 111 
33 1 Y 1 AAA HIS 112 ? A HIS 112 
34 1 Y 1 AAA GLU 113 ? A GLU 113 
35 1 Y 1 AAA HIS 114 ? A HIS 114 
36 1 Y 1 AAA GLU 115 ? A GLU 115 
37 1 Y 1 AAA HIS 116 ? A HIS 116 
38 1 Y 1 AAA GLU 117 ? A GLU 117 
39 1 Y 1 AAA HIS 118 ? A HIS 118 
# 
loop_
_chem_comp_atom.comp_id 
_chem_comp_atom.atom_id 
_chem_comp_atom.type_symbol 
_chem_comp_atom.pdbx_aromatic_flag 
_chem_comp_atom.pdbx_stereo_config 
_chem_comp_atom.pdbx_ordinal 
ALA N    N  N N 1   
ALA CA   C  N S 2   
ALA C    C  N N 3   
ALA O    O  N N 4   
ALA CB   C  N N 5   
ALA OXT  O  N N 6   
ALA H    H  N N 7   
ALA H2   H  N N 8   
ALA HA   H  N N 9   
ALA HB1  H  N N 10  
ALA HB2  H  N N 11  
ALA HB3  H  N N 12  
ALA HXT  H  N N 13  
ARG N    N  N N 14  
ARG CA   C  N S 15  
ARG C    C  N N 16  
ARG O    O  N N 17  
ARG CB   C  N N 18  
ARG CG   C  N N 19  
ARG CD   C  N N 20  
ARG NE   N  N N 21  
ARG CZ   C  N N 22  
ARG NH1  N  N N 23  
ARG NH2  N  N N 24  
ARG OXT  O  N N 25  
ARG H    H  N N 26  
ARG H2   H  N N 27  
ARG HA   H  N N 28  
ARG HB2  H  N N 29  
ARG HB3  H  N N 30  
ARG HG2  H  N N 31  
ARG HG3  H  N N 32  
ARG HD2  H  N N 33  
ARG HD3  H  N N 34  
ARG HE   H  N N 35  
ARG HH11 H  N N 36  
ARG HH12 H  N N 37  
ARG HH21 H  N N 38  
ARG HH22 H  N N 39  
ARG HXT  H  N N 40  
ASN N    N  N N 41  
ASN CA   C  N S 42  
ASN C    C  N N 43  
ASN O    O  N N 44  
ASN CB   C  N N 45  
ASN CG   C  N N 46  
ASN OD1  O  N N 47  
ASN ND2  N  N N 48  
ASN OXT  O  N N 49  
ASN H    H  N N 50  
ASN H2   H  N N 51  
ASN HA   H  N N 52  
ASN HB2  H  N N 53  
ASN HB3  H  N N 54  
ASN HD21 H  N N 55  
ASN HD22 H  N N 56  
ASN HXT  H  N N 57  
ASP N    N  N N 58  
ASP CA   C  N S 59  
ASP C    C  N N 60  
ASP O    O  N N 61  
ASP CB   C  N N 62  
ASP CG   C  N N 63  
ASP OD1  O  N N 64  
ASP OD2  O  N N 65  
ASP OXT  O  N N 66  
ASP H    H  N N 67  
ASP H2   H  N N 68  
ASP HA   H  N N 69  
ASP HB2  H  N N 70  
ASP HB3  H  N N 71  
ASP HD2  H  N N 72  
ASP HXT  H  N N 73  
CYS N    N  N N 74  
CYS CA   C  N R 75  
CYS C    C  N N 76  
CYS O    O  N N 77  
CYS CB   C  N N 78  
CYS SG   S  N N 79  
CYS OXT  O  N N 80  
CYS H    H  N N 81  
CYS H2   H  N N 82  
CYS HA   H  N N 83  
CYS HB2  H  N N 84  
CYS HB3  H  N N 85  
CYS HG   H  N N 86  
CYS HXT  H  N N 87  
GLN N    N  N N 88  
GLN CA   C  N S 89  
GLN C    C  N N 90  
GLN O    O  N N 91  
GLN CB   C  N N 92  
GLN CG   C  N N 93  
GLN CD   C  N N 94  
GLN OE1  O  N N 95  
GLN NE2  N  N N 96  
GLN OXT  O  N N 97  
GLN H    H  N N 98  
GLN H2   H  N N 99  
GLN HA   H  N N 100 
GLN HB2  H  N N 101 
GLN HB3  H  N N 102 
GLN HG2  H  N N 103 
GLN HG3  H  N N 104 
GLN HE21 H  N N 105 
GLN HE22 H  N N 106 
GLN HXT  H  N N 107 
GLU N    N  N N 108 
GLU CA   C  N S 109 
GLU C    C  N N 110 
GLU O    O  N N 111 
GLU CB   C  N N 112 
GLU CG   C  N N 113 
GLU CD   C  N N 114 
GLU OE1  O  N N 115 
GLU OE2  O  N N 116 
GLU OXT  O  N N 117 
GLU H    H  N N 118 
GLU H2   H  N N 119 
GLU HA   H  N N 120 
GLU HB2  H  N N 121 
GLU HB3  H  N N 122 
GLU HG2  H  N N 123 
GLU HG3  H  N N 124 
GLU HE2  H  N N 125 
GLU HXT  H  N N 126 
GLY N    N  N N 127 
GLY CA   C  N N 128 
GLY C    C  N N 129 
GLY O    O  N N 130 
GLY OXT  O  N N 131 
GLY H    H  N N 132 
GLY H2   H  N N 133 
GLY HA2  H  N N 134 
GLY HA3  H  N N 135 
GLY HXT  H  N N 136 
HIS N    N  N N 137 
HIS CA   C  N S 138 
HIS C    C  N N 139 
HIS O    O  N N 140 
HIS CB   C  N N 141 
HIS CG   C  Y N 142 
HIS ND1  N  Y N 143 
HIS CD2  C  Y N 144 
HIS CE1  C  Y N 145 
HIS NE2  N  Y N 146 
HIS OXT  O  N N 147 
HIS H    H  N N 148 
HIS H2   H  N N 149 
HIS HA   H  N N 150 
HIS HB2  H  N N 151 
HIS HB3  H  N N 152 
HIS HD1  H  N N 153 
HIS HD2  H  N N 154 
HIS HE1  H  N N 155 
HIS HE2  H  N N 156 
HIS HXT  H  N N 157 
ILE N    N  N N 158 
ILE CA   C  N S 159 
ILE C    C  N N 160 
ILE O    O  N N 161 
ILE CB   C  N S 162 
ILE CG1  C  N N 163 
ILE CG2  C  N N 164 
ILE CD1  C  N N 165 
ILE OXT  O  N N 166 
ILE H    H  N N 167 
ILE H2   H  N N 168 
ILE HA   H  N N 169 
ILE HB   H  N N 170 
ILE HG12 H  N N 171 
ILE HG13 H  N N 172 
ILE HG21 H  N N 173 
ILE HG22 H  N N 174 
ILE HG23 H  N N 175 
ILE HD11 H  N N 176 
ILE HD12 H  N N 177 
ILE HD13 H  N N 178 
ILE HXT  H  N N 179 
LEU N    N  N N 180 
LEU CA   C  N S 181 
LEU C    C  N N 182 
LEU O    O  N N 183 
LEU CB   C  N N 184 
LEU CG   C  N N 185 
LEU CD1  C  N N 186 
LEU CD2  C  N N 187 
LEU OXT  O  N N 188 
LEU H    H  N N 189 
LEU H2   H  N N 190 
LEU HA   H  N N 191 
LEU HB2  H  N N 192 
LEU HB3  H  N N 193 
LEU HG   H  N N 194 
LEU HD11 H  N N 195 
LEU HD12 H  N N 196 
LEU HD13 H  N N 197 
LEU HD21 H  N N 198 
LEU HD22 H  N N 199 
LEU HD23 H  N N 200 
LEU HXT  H  N N 201 
LYS N    N  N N 202 
LYS CA   C  N S 203 
LYS C    C  N N 204 
LYS O    O  N N 205 
LYS CB   C  N N 206 
LYS CG   C  N N 207 
LYS CD   C  N N 208 
LYS CE   C  N N 209 
LYS NZ   N  N N 210 
LYS OXT  O  N N 211 
LYS H    H  N N 212 
LYS H2   H  N N 213 
LYS HA   H  N N 214 
LYS HB2  H  N N 215 
LYS HB3  H  N N 216 
LYS HG2  H  N N 217 
LYS HG3  H  N N 218 
LYS HD2  H  N N 219 
LYS HD3  H  N N 220 
LYS HE2  H  N N 221 
LYS HE3  H  N N 222 
LYS HZ1  H  N N 223 
LYS HZ2  H  N N 224 
LYS HZ3  H  N N 225 
LYS HXT  H  N N 226 
MET N    N  N N 227 
MET CA   C  N S 228 
MET C    C  N N 229 
MET O    O  N N 230 
MET CB   C  N N 231 
MET CG   C  N N 232 
MET SD   S  N N 233 
MET CE   C  N N 234 
MET OXT  O  N N 235 
MET H    H  N N 236 
MET H2   H  N N 237 
MET HA   H  N N 238 
MET HB2  H  N N 239 
MET HB3  H  N N 240 
MET HG2  H  N N 241 
MET HG3  H  N N 242 
MET HE1  H  N N 243 
MET HE2  H  N N 244 
MET HE3  H  N N 245 
MET HXT  H  N N 246 
PHE N    N  N N 247 
PHE CA   C  N S 248 
PHE C    C  N N 249 
PHE O    O  N N 250 
PHE CB   C  N N 251 
PHE CG   C  Y N 252 
PHE CD1  C  Y N 253 
PHE CD2  C  Y N 254 
PHE CE1  C  Y N 255 
PHE CE2  C  Y N 256 
PHE CZ   C  Y N 257 
PHE OXT  O  N N 258 
PHE H    H  N N 259 
PHE H2   H  N N 260 
PHE HA   H  N N 261 
PHE HB2  H  N N 262 
PHE HB3  H  N N 263 
PHE HD1  H  N N 264 
PHE HD2  H  N N 265 
PHE HE1  H  N N 266 
PHE HE2  H  N N 267 
PHE HZ   H  N N 268 
PHE HXT  H  N N 269 
PRO N    N  N N 270 
PRO CA   C  N S 271 
PRO C    C  N N 272 
PRO O    O  N N 273 
PRO CB   C  N N 274 
PRO CG   C  N N 275 
PRO CD   C  N N 276 
PRO OXT  O  N N 277 
PRO H    H  N N 278 
PRO HA   H  N N 279 
PRO HB2  H  N N 280 
PRO HB3  H  N N 281 
PRO HG2  H  N N 282 
PRO HG3  H  N N 283 
PRO HD2  H  N N 284 
PRO HD3  H  N N 285 
PRO HXT  H  N N 286 
SER N    N  N N 287 
SER CA   C  N S 288 
SER C    C  N N 289 
SER O    O  N N 290 
SER CB   C  N N 291 
SER OG   O  N N 292 
SER OXT  O  N N 293 
SER H    H  N N 294 
SER H2   H  N N 295 
SER HA   H  N N 296 
SER HB2  H  N N 297 
SER HB3  H  N N 298 
SER HG   H  N N 299 
SER HXT  H  N N 300 
THR N    N  N N 301 
THR CA   C  N S 302 
THR C    C  N N 303 
THR O    O  N N 304 
THR CB   C  N R 305 
THR OG1  O  N N 306 
THR CG2  C  N N 307 
THR OXT  O  N N 308 
THR H    H  N N 309 
THR H2   H  N N 310 
THR HA   H  N N 311 
THR HB   H  N N 312 
THR HG1  H  N N 313 
THR HG21 H  N N 314 
THR HG22 H  N N 315 
THR HG23 H  N N 316 
THR HXT  H  N N 317 
TYR N    N  N N 318 
TYR CA   C  N S 319 
TYR C    C  N N 320 
TYR O    O  N N 321 
TYR CB   C  N N 322 
TYR CG   C  Y N 323 
TYR CD1  C  Y N 324 
TYR CD2  C  Y N 325 
TYR CE1  C  Y N 326 
TYR CE2  C  Y N 327 
TYR CZ   C  Y N 328 
TYR OH   O  N N 329 
TYR OXT  O  N N 330 
TYR H    H  N N 331 
TYR H2   H  N N 332 
TYR HA   H  N N 333 
TYR HB2  H  N N 334 
TYR HB3  H  N N 335 
TYR HD1  H  N N 336 
TYR HD2  H  N N 337 
TYR HE1  H  N N 338 
TYR HE2  H  N N 339 
TYR HH   H  N N 340 
TYR HXT  H  N N 341 
VAL N    N  N N 342 
VAL CA   C  N S 343 
VAL C    C  N N 344 
VAL O    O  N N 345 
VAL CB   C  N N 346 
VAL CG1  C  N N 347 
VAL CG2  C  N N 348 
VAL OXT  O  N N 349 
VAL H    H  N N 350 
VAL H2   H  N N 351 
VAL HA   H  N N 352 
VAL HB   H  N N 353 
VAL HG11 H  N N 354 
VAL HG12 H  N N 355 
VAL HG13 H  N N 356 
VAL HG21 H  N N 357 
VAL HG22 H  N N 358 
VAL HG23 H  N N 359 
VAL HXT  H  N N 360 
ZN  ZN   ZN N N 361 
# 
loop_
_chem_comp_bond.comp_id 
_chem_comp_bond.atom_id_1 
_chem_comp_bond.atom_id_2 
_chem_comp_bond.value_order 
_chem_comp_bond.pdbx_aromatic_flag 
_chem_comp_bond.pdbx_stereo_config 
_chem_comp_bond.pdbx_ordinal 
ALA N   CA   sing N N 1   
ALA N   H    sing N N 2   
ALA N   H2   sing N N 3   
ALA CA  C    sing N N 4   
ALA CA  CB   sing N N 5   
ALA CA  HA   sing N N 6   
ALA C   O    doub N N 7   
ALA C   OXT  sing N N 8   
ALA CB  HB1  sing N N 9   
ALA CB  HB2  sing N N 10  
ALA CB  HB3  sing N N 11  
ALA OXT HXT  sing N N 12  
ARG N   CA   sing N N 13  
ARG N   H    sing N N 14  
ARG N   H2   sing N N 15  
ARG CA  C    sing N N 16  
ARG CA  CB   sing N N 17  
ARG CA  HA   sing N N 18  
ARG C   O    doub N N 19  
ARG C   OXT  sing N N 20  
ARG CB  CG   sing N N 21  
ARG CB  HB2  sing N N 22  
ARG CB  HB3  sing N N 23  
ARG CG  CD   sing N N 24  
ARG CG  HG2  sing N N 25  
ARG CG  HG3  sing N N 26  
ARG CD  NE   sing N N 27  
ARG CD  HD2  sing N N 28  
ARG CD  HD3  sing N N 29  
ARG NE  CZ   sing N N 30  
ARG NE  HE   sing N N 31  
ARG CZ  NH1  sing N N 32  
ARG CZ  NH2  doub N N 33  
ARG NH1 HH11 sing N N 34  
ARG NH1 HH12 sing N N 35  
ARG NH2 HH21 sing N N 36  
ARG NH2 HH22 sing N N 37  
ARG OXT HXT  sing N N 38  
ASN N   CA   sing N N 39  
ASN N   H    sing N N 40  
ASN N   H2   sing N N 41  
ASN CA  C    sing N N 42  
ASN CA  CB   sing N N 43  
ASN CA  HA   sing N N 44  
ASN C   O    doub N N 45  
ASN C   OXT  sing N N 46  
ASN CB  CG   sing N N 47  
ASN CB  HB2  sing N N 48  
ASN CB  HB3  sing N N 49  
ASN CG  OD1  doub N N 50  
ASN CG  ND2  sing N N 51  
ASN ND2 HD21 sing N N 52  
ASN ND2 HD22 sing N N 53  
ASN OXT HXT  sing N N 54  
ASP N   CA   sing N N 55  
ASP N   H    sing N N 56  
ASP N   H2   sing N N 57  
ASP CA  C    sing N N 58  
ASP CA  CB   sing N N 59  
ASP CA  HA   sing N N 60  
ASP C   O    doub N N 61  
ASP C   OXT  sing N N 62  
ASP CB  CG   sing N N 63  
ASP CB  HB2  sing N N 64  
ASP CB  HB3  sing N N 65  
ASP CG  OD1  doub N N 66  
ASP CG  OD2  sing N N 67  
ASP OD2 HD2  sing N N 68  
ASP OXT HXT  sing N N 69  
CYS N   CA   sing N N 70  
CYS N   H    sing N N 71  
CYS N   H2   sing N N 72  
CYS CA  C    sing N N 73  
CYS CA  CB   sing N N 74  
CYS CA  HA   sing N N 75  
CYS C   O    doub N N 76  
CYS C   OXT  sing N N 77  
CYS CB  SG   sing N N 78  
CYS CB  HB2  sing N N 79  
CYS CB  HB3  sing N N 80  
CYS SG  HG   sing N N 81  
CYS OXT HXT  sing N N 82  
GLN N   CA   sing N N 83  
GLN N   H    sing N N 84  
GLN N   H2   sing N N 85  
GLN CA  C    sing N N 86  
GLN CA  CB   sing N N 87  
GLN CA  HA   sing N N 88  
GLN C   O    doub N N 89  
GLN C   OXT  sing N N 90  
GLN CB  CG   sing N N 91  
GLN CB  HB2  sing N N 92  
GLN CB  HB3  sing N N 93  
GLN CG  CD   sing N N 94  
GLN CG  HG2  sing N N 95  
GLN CG  HG3  sing N N 96  
GLN CD  OE1  doub N N 97  
GLN CD  NE2  sing N N 98  
GLN NE2 HE21 sing N N 99  
GLN NE2 HE22 sing N N 100 
GLN OXT HXT  sing N N 101 
GLU N   CA   sing N N 102 
GLU N   H    sing N N 103 
GLU N   H2   sing N N 104 
GLU CA  C    sing N N 105 
GLU CA  CB   sing N N 106 
GLU CA  HA   sing N N 107 
GLU C   O    doub N N 108 
GLU C   OXT  sing N N 109 
GLU CB  CG   sing N N 110 
GLU CB  HB2  sing N N 111 
GLU CB  HB3  sing N N 112 
GLU CG  CD   sing N N 113 
GLU CG  HG2  sing N N 114 
GLU CG  HG3  sing N N 115 
GLU CD  OE1  doub N N 116 
GLU CD  OE2  sing N N 117 
GLU OE2 HE2  sing N N 118 
GLU OXT HXT  sing N N 119 
GLY N   CA   sing N N 120 
GLY N   H    sing N N 121 
GLY N   H2   sing N N 122 
GLY CA  C    sing N N 123 
GLY CA  HA2  sing N N 124 
GLY CA  HA3  sing N N 125 
GLY C   O    doub N N 126 
GLY C   OXT  sing N N 127 
GLY OXT HXT  sing N N 128 
HIS N   CA   sing N N 129 
HIS N   H    sing N N 130 
HIS N   H2   sing N N 131 
HIS CA  C    sing N N 132 
HIS CA  CB   sing N N 133 
HIS CA  HA   sing N N 134 
HIS C   O    doub N N 135 
HIS C   OXT  sing N N 136 
HIS CB  CG   sing N N 137 
HIS CB  HB2  sing N N 138 
HIS CB  HB3  sing N N 139 
HIS CG  ND1  sing Y N 140 
HIS CG  CD2  doub Y N 141 
HIS ND1 CE1  doub Y N 142 
HIS ND1 HD1  sing N N 143 
HIS CD2 NE2  sing Y N 144 
HIS CD2 HD2  sing N N 145 
HIS CE1 NE2  sing Y N 146 
HIS CE1 HE1  sing N N 147 
HIS NE2 HE2  sing N N 148 
HIS OXT HXT  sing N N 149 
ILE N   CA   sing N N 150 
ILE N   H    sing N N 151 
ILE N   H2   sing N N 152 
ILE CA  C    sing N N 153 
ILE CA  CB   sing N N 154 
ILE CA  HA   sing N N 155 
ILE C   O    doub N N 156 
ILE C   OXT  sing N N 157 
ILE CB  CG1  sing N N 158 
ILE CB  CG2  sing N N 159 
ILE CB  HB   sing N N 160 
ILE CG1 CD1  sing N N 161 
ILE CG1 HG12 sing N N 162 
ILE CG1 HG13 sing N N 163 
ILE CG2 HG21 sing N N 164 
ILE CG2 HG22 sing N N 165 
ILE CG2 HG23 sing N N 166 
ILE CD1 HD11 sing N N 167 
ILE CD1 HD12 sing N N 168 
ILE CD1 HD13 sing N N 169 
ILE OXT HXT  sing N N 170 
LEU N   CA   sing N N 171 
LEU N   H    sing N N 172 
LEU N   H2   sing N N 173 
LEU CA  C    sing N N 174 
LEU CA  CB   sing N N 175 
LEU CA  HA   sing N N 176 
LEU C   O    doub N N 177 
LEU C   OXT  sing N N 178 
LEU CB  CG   sing N N 179 
LEU CB  HB2  sing N N 180 
LEU CB  HB3  sing N N 181 
LEU CG  CD1  sing N N 182 
LEU CG  CD2  sing N N 183 
LEU CG  HG   sing N N 184 
LEU CD1 HD11 sing N N 185 
LEU CD1 HD12 sing N N 186 
LEU CD1 HD13 sing N N 187 
LEU CD2 HD21 sing N N 188 
LEU CD2 HD22 sing N N 189 
LEU CD2 HD23 sing N N 190 
LEU OXT HXT  sing N N 191 
LYS N   CA   sing N N 192 
LYS N   H    sing N N 193 
LYS N   H2   sing N N 194 
LYS CA  C    sing N N 195 
LYS CA  CB   sing N N 196 
LYS CA  HA   sing N N 197 
LYS C   O    doub N N 198 
LYS C   OXT  sing N N 199 
LYS CB  CG   sing N N 200 
LYS CB  HB2  sing N N 201 
LYS CB  HB3  sing N N 202 
LYS CG  CD   sing N N 203 
LYS CG  HG2  sing N N 204 
LYS CG  HG3  sing N N 205 
LYS CD  CE   sing N N 206 
LYS CD  HD2  sing N N 207 
LYS CD  HD3  sing N N 208 
LYS CE  NZ   sing N N 209 
LYS CE  HE2  sing N N 210 
LYS CE  HE3  sing N N 211 
LYS NZ  HZ1  sing N N 212 
LYS NZ  HZ2  sing N N 213 
LYS NZ  HZ3  sing N N 214 
LYS OXT HXT  sing N N 215 
MET N   CA   sing N N 216 
MET N   H    sing N N 217 
MET N   H2   sing N N 218 
MET CA  C    sing N N 219 
MET CA  CB   sing N N 220 
MET CA  HA   sing N N 221 
MET C   O    doub N N 222 
MET C   OXT  sing N N 223 
MET CB  CG   sing N N 224 
MET CB  HB2  sing N N 225 
MET CB  HB3  sing N N 226 
MET CG  SD   sing N N 227 
MET CG  HG2  sing N N 228 
MET CG  HG3  sing N N 229 
MET SD  CE   sing N N 230 
MET CE  HE1  sing N N 231 
MET CE  HE2  sing N N 232 
MET CE  HE3  sing N N 233 
MET OXT HXT  sing N N 234 
PHE N   CA   sing N N 235 
PHE N   H    sing N N 236 
PHE N   H2   sing N N 237 
PHE CA  C    sing N N 238 
PHE CA  CB   sing N N 239 
PHE CA  HA   sing N N 240 
PHE C   O    doub N N 241 
PHE C   OXT  sing N N 242 
PHE CB  CG   sing N N 243 
PHE CB  HB2  sing N N 244 
PHE CB  HB3  sing N N 245 
PHE CG  CD1  doub Y N 246 
PHE CG  CD2  sing Y N 247 
PHE CD1 CE1  sing Y N 248 
PHE CD1 HD1  sing N N 249 
PHE CD2 CE2  doub Y N 250 
PHE CD2 HD2  sing N N 251 
PHE CE1 CZ   doub Y N 252 
PHE CE1 HE1  sing N N 253 
PHE CE2 CZ   sing Y N 254 
PHE CE2 HE2  sing N N 255 
PHE CZ  HZ   sing N N 256 
PHE OXT HXT  sing N N 257 
PRO N   CA   sing N N 258 
PRO N   CD   sing N N 259 
PRO N   H    sing N N 260 
PRO CA  C    sing N N 261 
PRO CA  CB   sing N N 262 
PRO CA  HA   sing N N 263 
PRO C   O    doub N N 264 
PRO C   OXT  sing N N 265 
PRO CB  CG   sing N N 266 
PRO CB  HB2  sing N N 267 
PRO CB  HB3  sing N N 268 
PRO CG  CD   sing N N 269 
PRO CG  HG2  sing N N 270 
PRO CG  HG3  sing N N 271 
PRO CD  HD2  sing N N 272 
PRO CD  HD3  sing N N 273 
PRO OXT HXT  sing N N 274 
SER N   CA   sing N N 275 
SER N   H    sing N N 276 
SER N   H2   sing N N 277 
SER CA  C    sing N N 278 
SER CA  CB   sing N N 279 
SER CA  HA   sing N N 280 
SER C   O    doub N N 281 
SER C   OXT  sing N N 282 
SER CB  OG   sing N N 283 
SER CB  HB2  sing N N 284 
SER CB  HB3  sing N N 285 
SER OG  HG   sing N N 286 
SER OXT HXT  sing N N 287 
THR N   CA   sing N N 288 
THR N   H    sing N N 289 
THR N   H2   sing N N 290 
THR CA  C    sing N N 291 
THR CA  CB   sing N N 292 
THR CA  HA   sing N N 293 
THR C   O    doub N N 294 
THR C   OXT  sing N N 295 
THR CB  OG1  sing N N 296 
THR CB  CG2  sing N N 297 
THR CB  HB   sing N N 298 
THR OG1 HG1  sing N N 299 
THR CG2 HG21 sing N N 300 
THR CG2 HG22 sing N N 301 
THR CG2 HG23 sing N N 302 
THR OXT HXT  sing N N 303 
TYR N   CA   sing N N 304 
TYR N   H    sing N N 305 
TYR N   H2   sing N N 306 
TYR CA  C    sing N N 307 
TYR CA  CB   sing N N 308 
TYR CA  HA   sing N N 309 
TYR C   O    doub N N 310 
TYR C   OXT  sing N N 311 
TYR CB  CG   sing N N 312 
TYR CB  HB2  sing N N 313 
TYR CB  HB3  sing N N 314 
TYR CG  CD1  doub Y N 315 
TYR CG  CD2  sing Y N 316 
TYR CD1 CE1  sing Y N 317 
TYR CD1 HD1  sing N N 318 
TYR CD2 CE2  doub Y N 319 
TYR CD2 HD2  sing N N 320 
TYR CE1 CZ   doub Y N 321 
TYR CE1 HE1  sing N N 322 
TYR CE2 CZ   sing Y N 323 
TYR CE2 HE2  sing N N 324 
TYR CZ  OH   sing N N 325 
TYR OH  HH   sing N N 326 
TYR OXT HXT  sing N N 327 
VAL N   CA   sing N N 328 
VAL N   H    sing N N 329 
VAL N   H2   sing N N 330 
VAL CA  C    sing N N 331 
VAL CA  CB   sing N N 332 
VAL CA  HA   sing N N 333 
VAL C   O    doub N N 334 
VAL C   OXT  sing N N 335 
VAL CB  CG1  sing N N 336 
VAL CB  CG2  sing N N 337 
VAL CB  HB   sing N N 338 
VAL CG1 HG11 sing N N 339 
VAL CG1 HG12 sing N N 340 
VAL CG1 HG13 sing N N 341 
VAL CG2 HG21 sing N N 342 
VAL CG2 HG22 sing N N 343 
VAL CG2 HG23 sing N N 344 
VAL OXT HXT  sing N N 345 
# 
_pdbx_initial_refinement_model.id               1 
_pdbx_initial_refinement_model.entity_id_list   ? 
_pdbx_initial_refinement_model.type             'experimental model' 
_pdbx_initial_refinement_model.source_name      PDB 
_pdbx_initial_refinement_model.accession_code   7AHW 
_pdbx_initial_refinement_model.details          ? 
# 
_atom_sites.entry_id                    7AMX 
_atom_sites.Cartn_transf_matrix[1][1]   ? 
_atom_sites.Cartn_transf_matrix[1][2]   ? 
_atom_sites.Cartn_transf_matrix[1][3]   ? 
_atom_sites.Cartn_transf_matrix[2][1]   ? 
_atom_sites.Cartn_transf_matrix[2][2]   ? 
_atom_sites.Cartn_transf_matrix[2][3]   ? 
_atom_sites.Cartn_transf_matrix[3][1]   ? 
_atom_sites.Cartn_transf_matrix[3][2]   ? 
_atom_sites.Cartn_transf_matrix[3][3]   ? 
_atom_sites.Cartn_transf_vector[1]      ? 
_atom_sites.Cartn_transf_vector[2]      ? 
_atom_sites.Cartn_transf_vector[3]      ? 
_atom_sites.fract_transf_matrix[1][1]   -0.00268168 
_atom_sites.fract_transf_matrix[1][2]   -0.01205472 
_atom_sites.fract_transf_matrix[1][3]   -0.01018569 
_atom_sites.fract_transf_matrix[2][1]   0.00033420 
_atom_sites.fract_transf_matrix[2][2]   0.01028600 
_atom_sites.fract_transf_matrix[2][3]   -0.01226142 
_atom_sites.fract_transf_matrix[3][1]   0.00965639 
_atom_sites.fract_transf_matrix[3][2]   -0.00138724 
_atom_sites.fract_transf_matrix[3][3]   -0.00090054 
_atom_sites.fract_transf_vector[1]      -0.328214 
_atom_sites.fract_transf_vector[2]      -0.035460 
_atom_sites.fract_transf_vector[3]      0.142440 
_atom_sites.solution_primary            ? 
_atom_sites.solution_secondary          ? 
_atom_sites.solution_hydrogens          ? 
_atom_sites.special_details             ? 
# 
loop_
_atom_type.symbol 
_atom_type.pdbx_scat_Z 
_atom_type.pdbx_N_electrons 
_atom_type.scat_Cromer_Mann_a1 
_atom_type.scat_Cromer_Mann_b1 
_atom_type.scat_Cromer_Mann_a2 
_atom_type.scat_Cromer_Mann_b2 
_atom_type.scat_Cromer_Mann_a3 
_atom_type.scat_Cromer_Mann_b3 
_atom_type.scat_Cromer_Mann_a4 
_atom_type.scat_Cromer_Mann_b4 
_atom_type.scat_Cromer_Mann_c 
C  6  6  2.310  20.844 1.020 10.208 1.589 0.569  0.865 51.651 0.216   
H  1  1  0.493  10.511 0.323 26.126 0.140 3.142  0.041 57.800 0.003   
N  7  7  12.222 0.006  3.135 9.893  2.014 28.997 1.167 0.583  -11.538 
O  8  8  3.049  13.277 2.287 5.701  1.546 0.324  0.867 32.909 0.251   
S  16 16 6.905  1.468  5.203 22.215 1.438 0.254  1.586 56.172 1.046   
ZN 30 30 14.081 3.266  7.035 0.233  5.168 10.316 2.411 58.710 1.032   
# 
loop_
_atom_site.group_PDB 
_atom_site.id 
_atom_site.type_symbol 
_atom_site.label_atom_id 
_atom_site.label_alt_id 
_atom_site.label_comp_id 
_atom_site.label_asym_id 
_atom_site.label_entity_id 
_atom_site.label_seq_id 
_atom_site.pdbx_PDB_ins_code 
_atom_site.Cartn_x 
_atom_site.Cartn_y 
_atom_site.Cartn_z 
_atom_site.occupancy 
_atom_site.B_iso_or_equiv 
_atom_site.pdbx_formal_charge 
_atom_site.auth_seq_id 
_atom_site.auth_comp_id 
_atom_site.auth_asym_id 
_atom_site.auth_atom_id 
_atom_site.pdbx_PDB_model_num 
ATOM   1    N  N   . LYS A 1 15  ? 12.124  -10.382 -0.784  1.000 116.516 0 15  LYS AAA N   1 
ATOM   2    C  CA  . LYS A 1 15  ? 11.566  -11.264 0.297   1.000 127.737 0 15  LYS AAA CA  1 
ATOM   3    C  C   . LYS A 1 15  ? 10.129  -11.639 -0.074  1.000 123.408 0 15  LYS AAA C   1 
ATOM   4    O  O   . LYS A 1 15  ? 9.394   -10.767 -0.586  1.000 145.684 0 15  LYS AAA O   1 
ATOM   5    C  CB  . LYS A 1 15  ? 11.620  -10.586 1.675   1.000 134.084 0 15  LYS AAA CB  1 
ATOM   6    C  CG  . LYS A 1 15  ? 13.003  -10.557 2.314   1.000 146.596 0 15  LYS AAA CG  1 
ATOM   7    C  CD  . LYS A 1 15  ? 13.187  -9.529  3.413   1.000 149.185 0 15  LYS AAA CD  1 
ATOM   8    C  CE  . LYS A 1 15  ? 14.641  -9.127  3.579   1.000 146.316 0 15  LYS AAA CE  1 
ATOM   9    N  NZ  . LYS A 1 15  ? 14.822  -8.155  4.681   1.000 137.525 0 15  LYS AAA NZ  1 
ATOM   10   N  N   . HIS A 1 16  ? 9.764   -12.903 0.137   1.000 103.387 0 16  HIS AAA N   1 
ATOM   11   C  CA  . HIS A 1 16  ? 8.359   -13.384 0.115   1.000 90.548  0 16  HIS AAA CA  1 
ATOM   12   C  C   . HIS A 1 16  ? 8.106   -14.098 1.442   1.000 87.617  0 16  HIS AAA C   1 
ATOM   13   O  O   . HIS A 1 16  ? 8.228   -15.328 1.488   1.000 105.462 0 16  HIS AAA O   1 
ATOM   14   C  CB  . HIS A 1 16  ? 8.106   -14.227 -1.134  1.000 83.030  0 16  HIS AAA CB  1 
ATOM   15   C  CG  . HIS A 1 16  ? 6.718   -14.758 -1.256  1.000 87.805  0 16  HIS AAA CG  1 
ATOM   16   N  ND1 . HIS A 1 16  ? 5.888   -14.366 -2.285  1.000 87.015  0 16  HIS AAA ND1 1 
ATOM   17   C  CD2 . HIS A 1 16  ? 6.025   -15.674 -0.531  1.000 85.355  0 16  HIS AAA CD2 1 
ATOM   18   C  CE1 . HIS A 1 16  ? 4.738   -15.006 -2.189  1.000 89.651  0 16  HIS AAA CE1 1 
ATOM   19   N  NE2 . HIS A 1 16  ? 4.792   -15.811 -1.115  1.000 86.024  0 16  HIS AAA NE2 1 
ATOM   20   N  N   . GLU A 1 17  ? 7.844   -13.317 2.491   1.000 88.311  0 17  GLU AAA N   1 
ATOM   21   C  CA  . GLU A 1 17  ? 7.432   -13.780 3.843   1.000 89.409  0 17  GLU AAA CA  1 
ATOM   22   C  C   . GLU A 1 17  ? 5.926   -13.503 4.025   1.000 81.874  0 17  GLU AAA C   1 
ATOM   23   O  O   . GLU A 1 17  ? 5.555   -12.320 4.114   1.000 89.871  0 17  GLU AAA O   1 
ATOM   24   C  CB  . GLU A 1 17  ? 8.294   -13.067 4.889   1.000 87.667  0 17  GLU AAA CB  1 
ATOM   25   C  CG  . GLU A 1 17  ? 8.355   -13.783 6.225   1.000 94.538  0 17  GLU AAA CG  1 
ATOM   26   C  CD  . GLU A 1 17  ? 9.254   -13.118 7.259   1.000 109.597 0 17  GLU AAA CD  1 
ATOM   27   O  OE1 . GLU A 1 17  ? 9.830   -12.043 6.956   1.000 123.445 0 17  GLU AAA OE1 1 
ATOM   28   O  OE2 . GLU A 1 17  ? 9.389   -13.676 8.370   1.000 116.732 0 17  GLU AAA OE2 1 
ATOM   29   N  N   . HIS A 1 18  ? 5.088   -14.545 4.059   1.000 67.450  0 18  HIS AAA N   1 
ATOM   30   C  CA  . HIS A 1 18  ? 3.623   -14.435 4.283   1.000 68.374  0 18  HIS AAA CA  1 
ATOM   31   C  C   . HIS A 1 18  ? 3.402   -13.616 5.553   1.000 73.359  0 18  HIS AAA C   1 
ATOM   32   O  O   . HIS A 1 18  ? 4.084   -13.912 6.542   1.000 76.257  0 18  HIS AAA O   1 
ATOM   33   C  CB  . HIS A 1 18  ? 2.990   -15.822 4.377   1.000 69.030  0 18  HIS AAA CB  1 
ATOM   34   C  CG  . HIS A 1 18  ? 3.072   -16.583 3.095   1.000 73.584  0 18  HIS AAA CG  1 
ATOM   35   N  ND1 . HIS A 1 18  ? 2.242   -17.641 2.830   1.000 76.411  0 18  HIS AAA ND1 1 
ATOM   36   C  CD2 . HIS A 1 18  ? 3.852   -16.431 2.000   1.000 73.295  0 18  HIS AAA CD2 1 
ATOM   37   C  CE1 . HIS A 1 18  ? 2.510   -18.117 1.635   1.000 78.928  0 18  HIS AAA CE1 1 
ATOM   38   N  NE2 . HIS A 1 18  ? 3.486   -17.386 1.099   1.000 76.017  0 18  HIS AAA NE2 1 
ATOM   39   N  N   . GLY A 1 19  ? 2.549   -12.587 5.493   1.000 75.072  0 19  GLY AAA N   1 
ATOM   40   C  CA  . GLY A 1 19  ? 2.213   -11.689 6.620   1.000 70.174  0 19  GLY AAA CA  1 
ATOM   41   C  C   . GLY A 1 19  ? 3.061   -10.428 6.625   1.000 70.645  0 19  GLY AAA C   1 
ATOM   42   O  O   . GLY A 1 19  ? 2.892   -9.568  7.507   1.000 73.111  0 19  GLY AAA O   1 
ATOM   43   N  N   . VAL A 1 20  ? 3.955   -10.300 5.659   1.000 77.593  0 20  VAL AAA N   1 
ATOM   44   C  CA  . VAL A 1 20  ? 4.846   -9.115  5.541   1.000 82.794  0 20  VAL AAA CA  1 
ATOM   45   C  C   . VAL A 1 20  ? 4.717   -8.550  4.126   1.000 78.007  0 20  VAL AAA C   1 
ATOM   46   O  O   . VAL A 1 20  ? 4.795   -9.331  3.150   1.000 84.179  0 20  VAL AAA O   1 
ATOM   47   C  CB  . VAL A 1 20  ? 6.303   -9.484  5.876   1.000 87.470  0 20  VAL AAA CB  1 
ATOM   48   C  CG1 . VAL A 1 20  ? 7.205   -8.260  5.817   1.000 96.307  0 20  VAL AAA CG1 1 
ATOM   49   C  CG2 . VAL A 1 20  ? 6.402   -10.167 7.227   1.000 83.856  0 20  VAL AAA CG2 1 
ATOM   50   N  N   . ALA A 1 21  ? 4.560   -7.232  4.038   1.000 74.362  0 21  ALA AAA N   1 
ATOM   51   C  CA  . ALA A 1 21  ? 4.541   -6.463  2.779   1.000 75.731  0 21  ALA AAA CA  1 
ATOM   52   C  C   . ALA A 1 21  ? 5.587   -5.355  2.875   1.000 74.810  0 21  ALA AAA C   1 
ATOM   53   O  O   . ALA A 1 21  ? 5.875   -4.907  3.998   1.000 73.995  0 21  ALA AAA O   1 
ATOM   54   C  CB  . ALA A 1 21  ? 3.164   -5.907  2.540   1.000 80.140  0 21  ALA AAA CB  1 
ATOM   55   N  N   . GLN A 1 22  ? 6.128   -4.955  1.726   1.000 75.309  0 22  GLN AAA N   1 
ATOM   56   C  CA  . GLN A 1 22  ? 7.139   -3.881  1.579   1.000 71.017  0 22  GLN AAA CA  1 
ATOM   57   C  C   . GLN A 1 22  ? 6.420   -2.647  1.057   1.000 65.661  0 22  GLN AAA C   1 
ATOM   58   O  O   . GLN A 1 22  ? 5.643   -2.786  0.105   1.000 60.465  0 22  GLN AAA O   1 
ATOM   59   C  CB  . GLN A 1 22  ? 8.204   -4.235  0.546   1.000 83.494  0 22  GLN AAA CB  1 
ATOM   60   C  CG  . GLN A 1 22  ? 8.386   -5.728  0.296   1.000 92.923  0 22  GLN AAA CG  1 
ATOM   61   C  CD  . GLN A 1 22  ? 9.102   -6.395  1.441   1.000 103.691 0 22  GLN AAA CD  1 
ATOM   62   O  OE1 . GLN A 1 22  ? 9.514   -5.743  2.399   1.000 98.846  0 22  GLN AAA OE1 1 
ATOM   63   N  NE2 . GLN A 1 22  ? 9.262   -7.706  1.341   1.000 124.690 0 22  GLN AAA NE2 1 
ATOM   64   N  N   . LEU A 1 23  ? 6.680   -1.491  1.643   1.000 63.243  0 23  LEU AAA N   1 
ATOM   65   C  CA  . LEU A 1 23  ? 6.156   -0.206  1.123   1.000 62.130  0 23  LEU AAA CA  1 
ATOM   66   C  C   . LEU A 1 23  ? 7.327   0.753   0.894   1.000 65.322  0 23  LEU AAA C   1 
ATOM   67   O  O   . LEU A 1 23  ? 7.994   1.113   1.882   1.000 75.520  0 23  LEU AAA O   1 
ATOM   68   C  CB  . LEU A 1 23  ? 5.154   0.378   2.121   1.000 60.733  0 23  LEU AAA CB  1 
ATOM   69   C  CG  . LEU A 1 23  ? 4.504   1.687   1.676   1.000 64.285  0 23  LEU AAA CG  1 
ATOM   70   C  CD1 . LEU A 1 23  ? 3.644   1.476   0.438   1.000 68.167  0 23  LEU AAA CD1 1 
ATOM   71   C  CD2 . LEU A 1 23  ? 3.673   2.283   2.797   1.000 64.556  0 23  LEU AAA CD2 1 
ATOM   72   N  N   . ASN A 1 24  ? 7.596   1.127   -0.359  1.000 66.806  0 24  ASN AAA N   1 
ATOM   73   C  CA  . ASN A 1 24  ? 8.568   2.208   -0.672  1.000 66.624  0 24  ASN AAA CA  1 
ATOM   74   C  C   . ASN A 1 24  ? 7.760   3.469   -0.939  1.000 64.003  0 24  ASN AAA C   1 
ATOM   75   O  O   . ASN A 1 24  ? 6.716   3.387   -1.628  1.000 67.587  0 24  ASN AAA O   1 
ATOM   76   C  CB  . ASN A 1 24  ? 9.515   1.878   -1.827  1.000 74.959  0 24  ASN AAA CB  1 
ATOM   77   C  CG  . ASN A 1 24  ? 10.405  0.694   -1.524  1.000 82.533  0 24  ASN AAA CG  1 
ATOM   78   O  OD1 . ASN A 1 24  ? 11.526  0.858   -1.044  1.000 93.757  0 24  ASN AAA OD1 1 
ATOM   79   N  ND2 . ASN A 1 24  ? 9.902   -0.509  -1.768  1.000 92.499  0 24  ASN AAA ND2 1 
ATOM   80   N  N   . VAL A 1 25  ? 8.241   4.570   -0.382  1.000 57.662  0 25  VAL AAA N   1 
ATOM   81   C  CA  . VAL A 1 25  ? 7.576   5.895   -0.376  1.000 65.281  0 25  VAL AAA CA  1 
ATOM   82   C  C   . VAL A 1 25  ? 8.624   6.929   -0.768  1.000 65.386  0 25  VAL AAA C   1 
ATOM   83   O  O   . VAL A 1 25  ? 9.669   6.967   -0.106  1.000 83.620  0 25  VAL AAA O   1 
ATOM   84   C  CB  . VAL A 1 25  ? 7.000   6.196   1.020   1.000 69.006  0 25  VAL AAA CB  1 
ATOM   85   C  CG1 . VAL A 1 25  ? 6.252   7.527   1.064   1.000 73.288  0 25  VAL AAA CG1 1 
ATOM   86   C  CG2 . VAL A 1 25  ? 6.121   5.063   1.501   1.000 65.644  0 25  VAL AAA CG2 1 
ATOM   87   N  N   . ALA A 1 26  ? 8.357   7.734   -1.793  1.000 70.095  0 26  ALA AAA N   1 
ATOM   88   C  CA  . ALA A 1 26  ? 9.234   8.855   -2.203  1.000 66.337  0 26  ALA AAA CA  1 
ATOM   89   C  C   . ALA A 1 26  ? 8.405   10.140  -2.285  1.000 61.122  0 26  ALA AAA C   1 
ATOM   90   O  O   . ALA A 1 26  ? 7.478   10.211  -3.101  1.000 64.476  0 26  ALA AAA O   1 
ATOM   91   C  CB  . ALA A 1 26  ? 9.928   8.515   -3.499  1.000 64.557  0 26  ALA AAA CB  1 
ATOM   92   N  N   . LEU A 1 27  ? 8.749   11.114  -1.452  1.000 60.473  0 27  LEU AAA N   1 
ATOM   93   C  CA  . LEU A 1 27  ? 8.075   12.425  -1.346  1.000 71.394  0 27  LEU AAA CA  1 
ATOM   94   C  C   . LEU A 1 27  ? 9.075   13.532  -1.707  1.000 79.130  0 27  LEU AAA C   1 
ATOM   95   O  O   . LEU A 1 27  ? 9.945   13.798  -0.864  1.000 87.414  0 27  LEU AAA O   1 
ATOM   96   C  CB  . LEU A 1 27  ? 7.565   12.551  0.090   1.000 72.725  0 27  LEU AAA CB  1 
ATOM   97   C  CG  . LEU A 1 27  ? 7.195   13.956  0.548   1.000 81.126  0 27  LEU AAA CG  1 
ATOM   98   C  CD1 . LEU A 1 27  ? 6.063   14.529  -0.297  1.000 86.273  0 27  LEU AAA CD1 1 
ATOM   99   C  CD2 . LEU A 1 27  ? 6.829   13.943  2.023   1.000 90.651  0 27  LEU AAA CD2 1 
ATOM   100  N  N   . ASP A 1 28  ? 8.950   14.129  -2.907  1.000 93.141  0 28  ASP AAA N   1 
ATOM   101  C  CA  . ASP A 1 28  ? 9.771   15.269  -3.412  1.000 97.224  0 28  ASP AAA CA  1 
ATOM   102  C  C   . ASP A 1 28  ? 8.839   16.422  -3.795  1.000 94.086  0 28  ASP AAA C   1 
ATOM   103  O  O   . ASP A 1 28  ? 8.244   16.371  -4.890  1.000 85.646  0 28  ASP AAA O   1 
ATOM   104  C  CB  . ASP A 1 28  ? 10.638  14.882  -4.614  1.000 101.029 0 28  ASP AAA CB  1 
ATOM   105  C  CG  . ASP A 1 28  ? 10.742  13.382  -4.810  1.000 129.442 0 28  ASP AAA CG  1 
ATOM   106  O  OD1 . ASP A 1 28  ? 11.338  12.716  -3.931  1.000 150.848 0 28  ASP AAA OD1 1 
ATOM   107  O  OD2 . ASP A 1 28  ? 10.194  12.883  -5.820  1.000 148.447 0 28  ASP AAA OD2 1 
ATOM   108  N  N   . GLY A 1 29  ? 8.736   17.431  -2.929  1.000 95.823  0 29  GLY AAA N   1 
ATOM   109  C  CA  . GLY A 1 29  ? 7.872   18.608  -3.147  1.000 100.869 0 29  GLY AAA CA  1 
ATOM   110  C  C   . GLY A 1 29  ? 6.396   18.233  -3.187  1.000 101.208 0 29  GLY AAA C   1 
ATOM   111  O  O   . GLY A 1 29  ? 5.838   17.877  -2.118  1.000 113.005 0 29  GLY AAA O   1 
ATOM   112  N  N   . LYS A 1 30  ? 5.789   18.295  -4.377  1.000 92.577  0 30  LYS AAA N   1 
ATOM   113  C  CA  . LYS A 1 30  ? 4.341   18.037  -4.622  1.000 84.679  0 30  LYS AAA CA  1 
ATOM   114  C  C   . LYS A 1 30  ? 4.131   16.577  -5.062  1.000 76.273  0 30  LYS AAA C   1 
ATOM   115  O  O   . LYS A 1 30  ? 2.989   16.085  -5.007  1.000 75.925  0 30  LYS AAA O   1 
ATOM   116  C  CB  . LYS A 1 30  ? 3.816   19.057  -5.639  1.000 78.898  0 30  LYS AAA CB  1 
ATOM   117  C  CG  . LYS A 1 30  ? 3.824   20.505  -5.154  1.000 78.233  0 30  LYS AAA CG  1 
ATOM   118  C  CD  . LYS A 1 30  ? 2.668   21.316  -5.719  1.000 84.624  0 30  LYS AAA CD  1 
ATOM   119  C  CE  . LYS A 1 30  ? 2.806   22.816  -5.566  1.000 85.701  0 30  LYS AAA CE  1 
ATOM   120  N  NZ  . LYS A 1 30  ? 3.660   23.397  -6.636  1.000 87.999  0 30  LYS AAA NZ  1 
ATOM   121  N  N   . THR A 1 31  ? 5.202   15.887  -5.452  1.000 74.417  0 31  THR AAA N   1 
ATOM   122  C  CA  . THR A 1 31  ? 5.161   14.467  -5.875  1.000 78.466  0 31  THR AAA CA  1 
ATOM   123  C  C   . THR A 1 31  ? 5.142   13.547  -4.658  1.000 81.973  0 31  THR AAA C   1 
ATOM   124  O  O   . THR A 1 31  ? 5.941   13.756  -3.721  1.000 82.653  0 31  THR AAA O   1 
ATOM   125  C  CB  . THR A 1 31  ? 6.357   14.108  -6.754  1.000 79.478  0 31  THR AAA CB  1 
ATOM   126  O  OG1 . THR A 1 31  ? 6.336   15.172  -7.697  1.000 83.078  0 31  THR AAA OG1 1 
ATOM   127  C  CG2 . THR A 1 31  ? 6.248   12.757  -7.428  1.000 83.065  0 31  THR AAA CG2 1 
ATOM   128  N  N   . LEU A 1 32  ? 4.265   12.550  -4.713  1.000 77.032  0 32  LEU AAA N   1 
ATOM   129  C  CA  . LEU A 1 32  ? 4.251   11.417  -3.771  1.000 71.648  0 32  LEU AAA CA  1 
ATOM   130  C  C   . LEU A 1 32  ? 4.207   10.142  -4.595  1.000 62.285  0 32  LEU AAA C   1 
ATOM   131  O  O   . LEU A 1 32  ? 3.302   9.998   -5.413  1.000 81.739  0 32  LEU AAA O   1 
ATOM   132  C  CB  . LEU A 1 32  ? 3.036   11.550  -2.852  1.000 72.770  0 32  LEU AAA CB  1 
ATOM   133  C  CG  . LEU A 1 32  ? 2.977   10.517  -1.735  1.000 77.619  0 32  LEU AAA CG  1 
ATOM   134  C  CD1 . LEU A 1 32  ? 4.253   10.536  -0.904  1.000 85.979  0 32  LEU AAA CD1 1 
ATOM   135  C  CD2 . LEU A 1 32  ? 1.765   10.754  -0.863  1.000 77.941  0 32  LEU AAA CD2 1 
ATOM   136  N  N   . GLU A 1 33  ? 5.154   9.254   -4.366  1.000 67.147  0 33  GLU AAA N   1 
ATOM   137  C  CA  . GLU A 1 33  ? 5.267   7.975   -5.095  1.000 76.125  0 33  GLU AAA CA  1 
ATOM   138  C  C   . GLU A 1 33  ? 5.241   6.835   -4.069  1.000 69.238  0 33  GLU AAA C   1 
ATOM   139  O  O   . GLU A 1 33  ? 5.943   6.924   -3.056  1.000 68.955  0 33  GLU AAA O   1 
ATOM   140  C  CB  . GLU A 1 33  ? 6.530   8.038   -5.948  1.000 92.581  0 33  GLU AAA CB  1 
ATOM   141  C  CG  . GLU A 1 33  ? 6.438   7.267   -7.249  1.000 112.860 0 33  GLU AAA CG  1 
ATOM   142  C  CD  . GLU A 1 33  ? 7.601   7.531   -8.191  1.000 131.390 0 33  GLU AAA CD  1 
ATOM   143  O  OE1 . GLU A 1 33  ? 8.399   6.584   -8.427  1.000 127.052 0 33  GLU AAA OE1 1 
ATOM   144  O  OE2 . GLU A 1 33  ? 7.714   8.690   -8.681  1.000 137.604 0 33  GLU AAA OE2 1 
ATOM   145  N  N   . LEU A 1 34  ? 4.424   5.816   -4.325  1.000 66.774  0 34  LEU AAA N   1 
ATOM   146  C  CA  . LEU A 1 34  ? 4.130   4.700   -3.395  1.000 64.753  0 34  LEU AAA CA  1 
ATOM   147  C  C   . LEU A 1 34  ? 4.246   3.387   -4.158  1.000 62.551  0 34  LEU AAA C   1 
ATOM   148  O  O   . LEU A 1 34  ? 3.551   3.248   -5.160  1.000 60.607  0 34  LEU AAA O   1 
ATOM   149  C  CB  . LEU A 1 34  ? 2.712   4.893   -2.854  1.000 69.364  0 34  LEU AAA CB  1 
ATOM   150  C  CG  . LEU A 1 34  ? 2.562   6.081   -1.905  1.000 71.211  0 34  LEU AAA CG  1 
ATOM   151  C  CD1 . LEU A 1 34  ? 1.104   6.455   -1.686  1.000 66.887  0 34  LEU AAA CD1 1 
ATOM   152  C  CD2 . LEU A 1 34  ? 3.251   5.776   -0.591  1.000 70.870  0 34  LEU AAA CD2 1 
ATOM   153  N  N   . GLU A 1 35  ? 5.123   2.490   -3.714  1.000 65.395  0 35  GLU AAA N   1 
ATOM   154  C  CA  . GLU A 1 35  ? 5.313   1.159   -4.326  1.000 70.285  0 35  GLU AAA CA  1 
ATOM   155  C  C   . GLU A 1 35  ? 5.063   0.164   -3.208  1.000 59.073  0 35  GLU AAA C   1 
ATOM   156  O  O   . GLU A 1 35  ? 5.799   0.190   -2.243  1.000 63.414  0 35  GLU AAA O   1 
ATOM   157  C  CB  . GLU A 1 35  ? 6.705   1.037   -4.951  1.000 92.990  0 35  GLU AAA CB  1 
ATOM   158  C  CG  . GLU A 1 35  ? 6.847   -0.085  -5.975  1.000 112.008 0 35  GLU AAA CG  1 
ATOM   159  C  CD  . GLU A 1 35  ? 8.214   -0.191  -6.655  1.000 134.822 0 35  GLU AAA CD  1 
ATOM   160  O  OE1 . GLU A 1 35  ? 8.524   -1.277  -7.211  1.000 146.290 0 35  GLU AAA OE1 1 
ATOM   161  O  OE2 . GLU A 1 35  ? 8.983   0.807   -6.632  1.000 131.471 0 35  GLU AAA OE2 1 
ATOM   162  N  N   . LEU A 1 36  ? 4.011   -0.626  -3.343  1.000 64.721  0 36  LEU AAA N   1 
ATOM   163  C  CA  . LEU A 1 36  ? 3.674   -1.743  -2.438  1.000 66.310  0 36  LEU AAA CA  1 
ATOM   164  C  C   . LEU A 1 36  ? 3.961   -3.063  -3.148  1.000 70.408  0 36  LEU AAA C   1 
ATOM   165  O  O   . LEU A 1 36  ? 3.381   -3.282  -4.211  1.000 75.688  0 36  LEU AAA O   1 
ATOM   166  C  CB  . LEU A 1 36  ? 2.192   -1.667  -2.092  1.000 67.532  0 36  LEU AAA CB  1 
ATOM   167  C  CG  . LEU A 1 36  ? 1.676   -2.872  -1.318  1.000 68.174  0 36  LEU AAA CG  1 
ATOM   168  C  CD1 . LEU A 1 36  ? 1.917   -2.716  0.179   1.000 70.390  0 36  LEU AAA CD1 1 
ATOM   169  C  CD2 . LEU A 1 36  ? 0.210   -3.077  -1.600  1.000 71.124  0 36  LEU AAA CD2 1 
ATOM   170  N  N   . ASP A 1 37  ? 4.796   -3.908  -2.545  1.000 74.581  0 37  ASP AAA N   1 
ATOM   171  C  CA  . ASP A 1 37  ? 5.034   -5.318  -2.951  1.000 79.038  0 37  ASP AAA CA  1 
ATOM   172  C  C   . ASP A 1 37  ? 4.572   -6.221  -1.782  1.000 76.428  0 37  ASP AAA C   1 
ATOM   173  O  O   . ASP A 1 37  ? 4.845   -5.922  -0.604  1.000 73.011  0 37  ASP AAA O   1 
ATOM   174  C  CB  . ASP A 1 37  ? 6.493   -5.489  -3.412  1.000 87.678  0 37  ASP AAA CB  1 
ATOM   175  C  CG  . ASP A 1 37  ? 6.789   -5.048  -4.852  1.000 106.615 0 37  ASP AAA CG  1 
ATOM   176  O  OD1 . ASP A 1 37  ? 6.456   -5.831  -5.791  1.000 115.797 0 37  ASP AAA OD1 1 
ATOM   177  O  OD2 . ASP A 1 37  ? 7.375   -3.934  -5.042  1.000 93.204  0 37  ASP AAA OD2 1 
ATOM   178  N  N   . SER A 1 38  ? 3.840   -7.286  -2.077  1.000 77.861  0 38  SER AAA N   1 
ATOM   179  C  CA  . SER A 1 38  ? 3.197   -8.140  -1.051  1.000 71.897  0 38  SER AAA CA  1 
ATOM   180  C  C   . SER A 1 38  ? 2.947   -9.525  -1.627  1.000 71.343  0 38  SER AAA C   1 
ATOM   181  O  O   . SER A 1 38  ? 2.485   -9.651  -2.758  1.000 75.133  0 38  SER AAA O   1 
ATOM   182  C  CB  . SER A 1 38  ? 1.910   -7.509  -0.612  1.000 68.915  0 38  SER AAA CB  1 
ATOM   183  O  OG  . SER A 1 38  ? 1.393   -8.145  0.537   1.000 68.328  0 38  SER AAA OG  1 
ATOM   184  N  N   . PRO A 1 39  ? 3.239   -10.610 -0.883  1.000 65.500  0 39  PRO AAA N   1 
ATOM   185  C  CA  . PRO A 1 39  ? 2.595   -11.891 -1.168  1.000 63.054  0 39  PRO AAA CA  1 
ATOM   186  C  C   . PRO A 1 39  ? 1.068   -11.685 -1.135  1.000 61.602  0 39  PRO AAA C   1 
ATOM   187  O  O   . PRO A 1 39  ? 0.592   -10.931 -0.347  1.000 71.974  0 39  PRO AAA O   1 
ATOM   188  C  CB  . PRO A 1 39  ? 3.112   -12.847 -0.074  1.000 55.299  0 39  PRO AAA CB  1 
ATOM   189  C  CG  . PRO A 1 39  ? 3.770   -11.946 0.948   1.000 61.821  0 39  PRO AAA CG  1 
ATOM   190  C  CD  . PRO A 1 39  ? 4.190   -10.677 0.231   1.000 61.852  0 39  PRO AAA CD  1 
ATOM   191  N  N   . ALA A 1 40  ? 0.332   -12.341 -2.014  1.000 54.712  0 40  ALA AAA N   1 
ATOM   192  C  CA  . ALA A 1 40  ? -1.135  -12.279 -2.068  1.000 63.039  0 40  ALA AAA CA  1 
ATOM   193  C  C   . ALA A 1 40  ? -1.783  -12.882 -0.804  1.000 73.508  0 40  ALA AAA C   1 
ATOM   194  O  O   . ALA A 1 40  ? -2.916  -12.458 -0.449  1.000 77.153  0 40  ALA AAA O   1 
ATOM   195  C  CB  . ALA A 1 40  ? -1.560  -13.008 -3.309  1.000 72.076  0 40  ALA AAA CB  1 
ATOM   196  N  N   . MET A 1 41  ? -1.123  -13.840 -0.144  1.000 70.720  0 41  MET AAA N   1 
ATOM   197  C  CA  . MET A 1 41  ? -1.653  -14.493 1.082   1.000 73.171  0 41  MET AAA CA  1 
ATOM   198  C  C   . MET A 1 41  ? -2.245  -13.456 2.055   1.000 75.413  0 41  MET AAA C   1 
ATOM   199  O  O   . MET A 1 41  ? -3.243  -13.790 2.689   1.000 82.523  0 41  MET AAA O   1 
ATOM   200  C  CB  . MET A 1 41  ? -0.570  -15.303 1.804   1.000 74.836  0 41  MET AAA CB  1 
ATOM   201  C  CG  . MET A 1 41  ? -1.129  -16.515 2.553   1.000 76.324  0 41  MET AAA CG  1 
ATOM   202  S  SD  . MET A 1 41  ? -1.502  -17.933 1.461   1.000 81.742  0 41  MET AAA SD  1 
ATOM   203  C  CE  . MET A 1 41  ? -3.015  -18.543 2.196   1.000 103.453 0 41  MET AAA CE  1 
ATOM   204  N  N   . ASN A 1 42  ? -1.687  -12.244 2.178   1.000 74.838  0 42  ASN AAA N   1 
ATOM   205  C  CA  . ASN A 1 42  ? -2.148  -11.238 3.183   1.000 77.049  0 42  ASN AAA CA  1 
ATOM   206  C  C   . ASN A 1 42  ? -3.213  -10.324 2.597   1.000 72.032  0 42  ASN AAA C   1 
ATOM   207  O  O   . ASN A 1 42  ? -3.685  -9.416  3.346   1.000 73.825  0 42  ASN AAA O   1 
ATOM   208  C  CB  . ASN A 1 42  ? -1.088  -10.241 3.653   1.000 80.123  0 42  ASN AAA CB  1 
ATOM   209  C  CG  . ASN A 1 42  ? 0.308   -10.679 3.309   1.000 79.283  0 42  ASN AAA CG  1 
ATOM   210  O  OD1 . ASN A 1 42  ? 0.610   -11.862 3.373   1.000 87.944  0 42  ASN AAA OD1 1 
ATOM   211  N  ND2 . ASN A 1 42  ? 1.149   -9.735  2.927   1.000 96.677  0 42  ASN AAA ND2 1 
ATOM   212  N  N   . LEU A 1 43  ? -3.527  -10.502 1.314   1.000 69.392  0 43  LEU AAA N   1 
ATOM   213  C  CA  . LEU A 1 43  ? -4.406  -9.557  0.577   1.000 72.017  0 43  LEU AAA CA  1 
ATOM   214  C  C   . LEU A 1 43  ? -5.673  -10.272 0.125   1.000 64.650  0 43  LEU AAA C   1 
ATOM   215  O  O   . LEU A 1 43  ? -6.741  -9.696  0.353   1.000 75.327  0 43  LEU AAA O   1 
ATOM   216  C  CB  . LEU A 1 43  ? -3.650  -8.943  -0.602  1.000 75.751  0 43  LEU AAA CB  1 
ATOM   217  C  CG  . LEU A 1 43  ? -2.416  -8.131  -0.220  1.000 76.771  0 43  LEU AAA CG  1 
ATOM   218  C  CD1 . LEU A 1 43  ? -1.852  -7.394  -1.424  1.000 77.688  0 43  LEU AAA CD1 1 
ATOM   219  C  CD2 . LEU A 1 43  ? -2.746  -7.162  0.896   1.000 81.358  0 43  LEU AAA CD2 1 
ATOM   220  N  N   . VAL A 1 44  ? -5.568  -11.465 -0.461  1.000 62.921  0 44  VAL AAA N   1 
ATOM   221  C  CA  . VAL A 1 44  ? -6.767  -12.249 -0.889  1.000 62.588  0 44  VAL AAA CA  1 
ATOM   222  C  C   . VAL A 1 44  ? -6.951  -13.492 -0.025  1.000 57.122  0 44  VAL AAA C   1 
ATOM   223  O  O   . VAL A 1 44  ? -8.046  -13.988 -0.055  1.000 67.630  0 44  VAL AAA O   1 
ATOM   224  C  CB  . VAL A 1 44  ? -6.694  -12.630 -2.371  1.000 69.122  0 44  VAL AAA CB  1 
ATOM   225  C  CG1 . VAL A 1 44  ? -6.352  -11.414 -3.217  1.000 74.190  0 44  VAL AAA CG1 1 
ATOM   226  C  CG2 . VAL A 1 44  ? -5.695  -13.754 -2.616  1.000 73.386  0 44  VAL AAA CG2 1 
ATOM   227  N  N   . GLY A 1 45  ? -5.921  -13.991 0.672   1.000 63.872  0 45  GLY AAA N   1 
ATOM   228  C  CA  . GLY A 1 45  ? -6.021  -15.155 1.580   1.000 63.423  0 45  GLY AAA CA  1 
ATOM   229  C  C   . GLY A 1 45  ? -5.656  -16.477 0.912   1.000 71.284  0 45  GLY AAA C   1 
ATOM   230  O  O   . GLY A 1 45  ? -6.015  -17.546 1.454   1.000 73.914  0 45  GLY AAA O   1 
ATOM   231  N  N   . PHE A 1 46  ? -4.944  -16.411 -0.211  1.000 77.205  0 46  PHE AAA N   1 
ATOM   232  C  CA  . PHE A 1 46  ? -4.415  -17.572 -0.962  1.000 76.965  0 46  PHE AAA CA  1 
ATOM   233  C  C   . PHE A 1 46  ? -3.431  -17.086 -2.021  1.000 79.739  0 46  PHE AAA C   1 
ATOM   234  O  O   . PHE A 1 46  ? -3.124  -15.887 -2.056  1.000 90.238  0 46  PHE AAA O   1 
ATOM   235  C  CB  . PHE A 1 46  ? -5.546  -18.393 -1.577  1.000 79.296  0 46  PHE AAA CB  1 
ATOM   236  C  CG  . PHE A 1 46  ? -6.481  -17.661 -2.500  1.000 79.757  0 46  PHE AAA CG  1 
ATOM   237  C  CD1 . PHE A 1 46  ? -6.189  -17.535 -3.849  1.000 88.598  0 46  PHE AAA CD1 1 
ATOM   238  C  CD2 . PHE A 1 46  ? -7.691  -17.167 -2.037  1.000 76.209  0 46  PHE AAA CD2 1 
ATOM   239  C  CE1 . PHE A 1 46  ? -7.072  -16.899 -4.714  1.000 81.771  0 46  PHE AAA CE1 1 
ATOM   240  C  CE2 . PHE A 1 46  ? -8.563  -16.517 -2.898  1.000 75.891  0 46  PHE AAA CE2 1 
ATOM   241  C  CZ  . PHE A 1 46  ? -8.254  -16.387 -4.235  1.000 78.081  0 46  PHE AAA CZ  1 
ATOM   242  N  N   . GLU A 1 47  ? -2.881  -18.027 -2.776  1.000 77.421  0 47  GLU AAA N   1 
ATOM   243  C  CA  . GLU A 1 47  ? -1.901  -17.762 -3.852  1.000 78.452  0 47  GLU AAA CA  1 
ATOM   244  C  C   . GLU A 1 47  ? -2.123  -18.744 -5.013  1.000 90.046  0 47  GLU AAA C   1 
ATOM   245  O  O   . GLU A 1 47  ? -1.558  -18.501 -6.094  1.000 97.277  0 47  GLU AAA O   1 
ATOM   246  C  CB  . GLU A 1 47  ? -0.485  -17.833 -3.283  1.000 66.436  0 47  GLU AAA CB  1 
ATOM   247  C  CG  . GLU A 1 47  ? -0.261  -16.865 -2.143  1.000 67.429  0 47  GLU AAA CG  1 
ATOM   248  C  CD  . GLU A 1 47  ? 1.187   -16.496 -1.870  1.000 71.718  0 47  GLU AAA CD  1 
ATOM   249  O  OE1 . GLU A 1 47  ? 2.105   -17.253 -2.301  1.000 63.313  0 47  GLU AAA OE1 1 
ATOM   250  O  OE2 . GLU A 1 47  ? 1.390   -15.442 -1.228  1.000 68.413  0 47  GLU AAA OE2 1 
ATOM   251  N  N   . HIS A 1 48  ? -2.925  -19.797 -4.816  1.000 96.093  0 48  HIS AAA N   1 
ATOM   252  C  CA  . HIS A 1 48  ? -3.420  -20.674 -5.907  1.000 90.932  0 48  HIS AAA CA  1 
ATOM   253  C  C   . HIS A 1 48  ? -4.159  -19.832 -6.960  1.000 93.623  0 48  HIS AAA C   1 
ATOM   254  O  O   . HIS A 1 48  ? -4.627  -18.719 -6.652  1.000 73.310  0 48  HIS AAA O   1 
ATOM   255  C  CB  . HIS A 1 48  ? -4.254  -21.841 -5.350  1.000 102.649 0 48  HIS AAA CB  1 
ATOM   256  C  CG  . HIS A 1 48  ? -5.400  -21.490 -4.453  1.000 101.656 0 48  HIS AAA CG  1 
ATOM   257  N  ND1 . HIS A 1 48  ? -6.655  -21.143 -4.938  1.000 101.456 0 48  HIS AAA ND1 1 
ATOM   258  C  CD2 . HIS A 1 48  ? -5.517  -21.535 -3.106  1.000 104.027 0 48  HIS AAA CD2 1 
ATOM   259  C  CE1 . HIS A 1 48  ? -7.485  -20.955 -3.928  1.000 96.717  0 48  HIS AAA CE1 1 
ATOM   260  N  NE2 . HIS A 1 48  ? -6.812  -21.193 -2.786  1.000 107.707 0 48  HIS AAA NE2 1 
ATOM   261  N  N   . ALA A 1 49  ? -4.207  -20.319 -8.201  1.000 103.495 0 49  ALA AAA N   1 
ATOM   262  C  CA  . ALA A 1 49  ? -5.003  -19.710 -9.288  1.000 102.284 0 49  ALA AAA CA  1 
ATOM   263  C  C   . ALA A 1 49  ? -6.456  -19.608 -8.812  1.000 100.126 0 49  ALA AAA C   1 
ATOM   264  O  O   . ALA A 1 49  ? -6.838  -20.399 -7.933  1.000 97.349  0 49  ALA AAA O   1 
ATOM   265  C  CB  . ALA A 1 49  ? -4.866  -20.544 -10.530 1.000 106.564 0 49  ALA AAA CB  1 
ATOM   266  N  N   . ALA A 1 50  ? -7.230  -18.657 -9.330  1.000 96.875  0 50  ALA AAA N   1 
ATOM   267  C  CA  . ALA A 1 50  ? -8.606  -18.386 -8.856  1.000 110.567 0 50  ALA AAA CA  1 
ATOM   268  C  C   . ALA A 1 50  ? -9.595  -19.245 -9.655  1.000 115.833 0 50  ALA AAA C   1 
ATOM   269  O  O   . ALA A 1 50  ? -10.284 -18.719 -10.559 1.000 111.819 0 50  ALA AAA O   1 
ATOM   270  C  CB  . ALA A 1 50  ? -8.912  -16.910 -8.939  1.000 118.020 0 50  ALA AAA CB  1 
ATOM   271  N  N   . SER A 1 51  ? -9.651  -20.533 -9.320  1.000 123.415 0 51  SER AAA N   1 
ATOM   272  C  CA  . SER A 1 51  ? -10.565 -21.535 -9.920  1.000 119.242 0 51  SER AAA CA  1 
ATOM   273  C  C   . SER A 1 51  ? -12.009 -21.077 -9.725  1.000 113.953 0 51  SER AAA C   1 
ATOM   274  O  O   . SER A 1 51  ? -12.597 -20.615 -10.719 1.000 102.070 0 51  SER AAA O   1 
ATOM   275  C  CB  . SER A 1 51  ? -10.338 -22.903 -9.334  1.000 135.099 0 51  SER AAA CB  1 
ATOM   276  O  OG  . SER A 1 51  ? -9.020  -23.358 -9.609  1.000 145.574 0 51  SER AAA OG  1 
ATOM   277  N  N   . THR A 1 52  ? -12.524 -21.144 -8.487  1.000 110.348 0 52  THR AAA N   1 
ATOM   278  C  CA  . THR A 1 52  ? -13.983 -21.038 -8.170  1.000 115.614 0 52  THR AAA CA  1 
ATOM   279  C  C   . THR A 1 52  ? -14.432 -19.565 -8.231  1.000 113.788 0 52  THR AAA C   1 
ATOM   280  O  O   . THR A 1 52  ? -13.668 -18.735 -8.751  1.000 111.618 0 52  THR AAA O   1 
ATOM   281  C  CB  . THR A 1 52  ? -14.343 -21.717 -6.834  1.000 113.768 0 52  THR AAA CB  1 
ATOM   282  O  OG1 . THR A 1 52  ? -14.388 -20.759 -5.773  1.000 108.336 0 52  THR AAA OG1 1 
ATOM   283  C  CG2 . THR A 1 52  ? -13.397 -22.836 -6.454  1.000 117.522 0 52  THR AAA CG2 1 
ATOM   284  N  N   . ASP A 1 53  ? -15.642 -19.259 -7.746  1.000 116.155 0 53  ASP AAA N   1 
ATOM   285  C  CA  . ASP A 1 53  ? -16.316 -17.942 -7.914  1.000 125.132 0 53  ASP AAA CA  1 
ATOM   286  C  C   . ASP A 1 53  ? -16.771 -17.387 -6.553  1.000 115.571 0 53  ASP AAA C   1 
ATOM   287  O  O   . ASP A 1 53  ? -17.497 -16.381 -6.533  1.000 121.607 0 53  ASP AAA O   1 
ATOM   288  C  CB  . ASP A 1 53  ? -17.440 -18.075 -8.946  1.000 132.676 0 53  ASP AAA CB  1 
ATOM   289  C  CG  . ASP A 1 53  ? -16.944 -18.581 -10.295 1.000 141.293 0 53  ASP AAA CG  1 
ATOM   290  O  OD1 . ASP A 1 53  ? -15.763 -18.333 -10.619 1.000 158.573 0 53  ASP AAA OD1 1 
ATOM   291  O  OD2 . ASP A 1 53  ? -17.731 -19.224 -11.010 1.000 136.522 0 53  ASP AAA OD2 1 
ATOM   292  N  N   . ALA A 1 54  ? -16.375 -18.034 -5.459  1.000 113.609 0 54  ALA AAA N   1 
ATOM   293  C  CA  . ALA A 1 54  ? -16.169 -17.418 -4.129  1.000 111.162 0 54  ALA AAA CA  1 
ATOM   294  C  C   . ALA A 1 54  ? -14.662 -17.113 -3.972  1.000 120.420 0 54  ALA AAA C   1 
ATOM   295  O  O   . ALA A 1 54  ? -14.297 -16.377 -3.022  1.000 107.338 0 54  ALA AAA O   1 
ATOM   296  C  CB  . ALA A 1 54  ? -16.709 -18.329 -3.043  1.000 90.743  0 54  ALA AAA CB  1 
ATOM   297  N  N   . ASP A 1 55  ? -13.817 -17.656 -4.870  1.000 110.852 0 55  ASP AAA N   1 
ATOM   298  C  CA  . ASP A 1 55  ? -12.359 -17.362 -4.977  1.000 104.689 0 55  ASP AAA CA  1 
ATOM   299  C  C   . ASP A 1 55  ? -12.159 -16.120 -5.849  1.000 103.392 0 55  ASP AAA C   1 
ATOM   300  O  O   . ASP A 1 55  ? -11.231 -15.336 -5.577  1.000 97.576  0 55  ASP AAA O   1 
ATOM   301  C  CB  . ASP A 1 55  ? -11.564 -18.488 -5.653  1.000 114.401 0 55  ASP AAA CB  1 
ATOM   302  C  CG  . ASP A 1 55  ? -11.126 -19.650 -4.769  1.000 127.275 0 55  ASP AAA CG  1 
ATOM   303  O  OD1 . ASP A 1 55  ? -11.257 -19.545 -3.516  1.000 114.608 0 55  ASP AAA OD1 1 
ATOM   304  O  OD2 . ASP A 1 55  ? -10.633 -20.660 -5.349  1.000 128.049 0 55  ASP AAA OD2 1 
ATOM   305  N  N   . LYS A 1 56  ? -12.966 -15.987 -6.901  1.000 106.251 0 56  LYS AAA N   1 
ATOM   306  C  CA  . LYS A 1 56  ? -12.847 -14.886 -7.894  1.000 109.431 0 56  LYS AAA CA  1 
ATOM   307  C  C   . LYS A 1 56  ? -13.331 -13.591 -7.243  1.000 99.613  0 56  LYS AAA C   1 
ATOM   308  O  O   . LYS A 1 56  ? -12.729 -12.550 -7.502  1.000 111.420 0 56  LYS AAA O   1 
ATOM   309  C  CB  . LYS A 1 56  ? -13.598 -15.218 -9.193  1.000 110.196 0 56  LYS AAA CB  1 
ATOM   310  C  CG  . LYS A 1 56  ? -12.686 -15.436 -10.393 1.000 112.367 0 56  LYS AAA CG  1 
ATOM   311  C  CD  . LYS A 1 56  ? -13.182 -16.429 -11.415 1.000 113.102 0 56  LYS AAA CD  1 
ATOM   312  C  CE  . LYS A 1 56  ? -12.104 -16.766 -12.429 1.000 116.042 0 56  LYS AAA CE  1 
ATOM   313  N  NZ  . LYS A 1 56  ? -12.541 -17.812 -13.384 1.000 113.236 0 56  LYS AAA NZ  1 
ATOM   314  N  N   . ALA A 1 57  ? -14.366 -13.669 -6.413  1.000 104.784 0 57  ALA AAA N   1 
ATOM   315  C  CA  . ALA A 1 57  ? -14.933 -12.513 -5.682  1.000 116.376 0 57  ALA AAA CA  1 
ATOM   316  C  C   . ALA A 1 57  ? -13.854 -11.933 -4.753  1.000 115.288 0 57  ALA AAA C   1 
ATOM   317  O  O   . ALA A 1 57  ? -13.675 -10.686 -4.752  1.000 121.174 0 57  ALA AAA O   1 
ATOM   318  C  CB  . ALA A 1 57  ? -16.177 -12.951 -4.936  1.000 118.894 0 57  ALA AAA CB  1 
ATOM   319  N  N   . ALA A 1 58  ? -13.140 -12.814 -4.036  1.000 102.578 0 58  ALA AAA N   1 
ATOM   320  C  CA  . ALA A 1 58  ? -12.110 -12.494 -3.019  1.000 96.270  0 58  ALA AAA CA  1 
ATOM   321  C  C   . ALA A 1 58  ? -11.002 -11.646 -3.651  1.000 90.894  0 58  ALA AAA C   1 
ATOM   322  O  O   . ALA A 1 58  ? -10.502 -10.732 -2.990  1.000 100.155 0 58  ALA AAA O   1 
ATOM   323  C  CB  . ALA A 1 58  ? -11.558 -13.771 -2.426  1.000 98.595  0 58  ALA AAA CB  1 
ATOM   324  N  N   . VAL A 1 59  ? -10.667 -11.934 -4.907  1.000 90.480  0 59  VAL AAA N   1 
ATOM   325  C  CA  . VAL A 1 59  ? -9.639  -11.206 -5.709  1.000 90.201  0 59  VAL AAA CA  1 
ATOM   326  C  C   . VAL A 1 59  ? -10.203 -9.860  -6.180  1.000 80.881  0 59  VAL AAA C   1 
ATOM   327  O  O   . VAL A 1 59  ? -9.457  -8.866  -6.164  1.000 79.846  0 59  VAL AAA O   1 
ATOM   328  C  CB  . VAL A 1 59  ? -9.146  -12.065 -6.893  1.000 84.180  0 59  VAL AAA CB  1 
ATOM   329  C  CG1 . VAL A 1 59  ? -8.201  -11.294 -7.807  1.000 76.180  0 59  VAL AAA CG1 1 
ATOM   330  C  CG2 . VAL A 1 59  ? -8.483  -13.343 -6.389  1.000 91.874  0 59  VAL AAA CG2 1 
ATOM   331  N  N   . ALA A 1 60  ? -11.455 -9.823  -6.620  1.000 80.136  0 60  ALA AAA N   1 
ATOM   332  C  CA  . ALA A 1 60  ? -12.085 -8.577  -7.105  1.000 90.605  0 60  ALA AAA CA  1 
ATOM   333  C  C   . ALA A 1 60  ? -12.156 -7.592  -5.935  1.000 87.384  0 60  ALA AAA C   1 
ATOM   334  O  O   . ALA A 1 60  ? -11.744 -6.432  -6.119  1.000 75.953  0 60  ALA AAA O   1 
ATOM   335  C  CB  . ALA A 1 60  ? -13.436 -8.865  -7.695  1.000 96.877  0 60  ALA AAA CB  1 
ATOM   336  N  N   . LYS A 1 61  ? -12.584 -8.056  -4.757  1.000 88.679  0 61  LYS AAA N   1 
ATOM   337  C  CA  . LYS A 1 61  ? -12.641 -7.193  -3.546  1.000 93.677  0 61  LYS AAA CA  1 
ATOM   338  C  C   . LYS A 1 61  ? -11.264 -6.538  -3.322  1.000 89.792  0 61  LYS AAA C   1 
ATOM   339  O  O   . LYS A 1 61  ? -11.202 -5.302  -3.173  1.000 94.487  0 61  LYS AAA O   1 
ATOM   340  C  CB  . LYS A 1 61  ? -13.113 -7.965  -2.309  1.000 91.051  0 61  LYS AAA CB  1 
ATOM   341  C  CG  . LYS A 1 61  ? -13.973 -7.113  -1.377  1.000 108.594 0 61  LYS AAA CG  1 
ATOM   342  C  CD  . LYS A 1 61  ? -14.132 -7.605  0.057   1.000 112.596 0 61  LYS AAA CD  1 
ATOM   343  C  CE  . LYS A 1 61  ? -14.384 -6.465  1.031   1.000 122.960 0 61  LYS AAA CE  1 
ATOM   344  N  NZ  . LYS A 1 61  ? -14.386 -6.907  2.447   1.000 135.182 0 61  LYS AAA NZ  1 
ATOM   345  N  N   . ALA A 1 62  ? -10.184 -7.316  -3.331  1.000 76.099  0 62  ALA AAA N   1 
ATOM   346  C  CA  . ALA A 1 62  ? -8.815  -6.814  -3.079  1.000 71.464  0 62  ALA AAA CA  1 
ATOM   347  C  C   . ALA A 1 62  ? -8.459  -5.743  -4.109  1.000 75.944  0 62  ALA AAA C   1 
ATOM   348  O  O   . ALA A 1 62  ? -7.935  -4.683  -3.713  1.000 77.891  0 62  ALA AAA O   1 
ATOM   349  C  CB  . ALA A 1 62  ? -7.826  -7.943  -3.127  1.000 71.114  0 62  ALA AAA CB  1 
ATOM   350  N  N   . ARG A 1 63  ? -8.721  -6.034  -5.386  1.000 78.194  0 63  ARG AAA N   1 
ATOM   351  C  CA  . ARG A 1 63  ? -8.298  -5.196  -6.535  1.000 70.185  0 63  ARG AAA CA  1 
ATOM   352  C  C   . ARG A 1 63  ? -8.997  -3.845  -6.385  1.000 74.832  0 63  ARG AAA C   1 
ATOM   353  O  O   . ARG A 1 63  ? -8.350  -2.801  -6.622  1.000 83.179  0 63  ARG AAA O   1 
ATOM   354  C  CB  . ARG A 1 63  ? -8.611  -5.912  -7.849  1.000 72.206  0 63  ARG AAA CB  1 
ATOM   355  C  CG  . ARG A 1 63  ? -8.446  -5.053  -9.095  1.000 79.975  0 63  ARG AAA CG  1 
ATOM   356  C  CD  . ARG A 1 63  ? -8.673  -5.843  -10.375 1.000 94.902  0 63  ARG AAA CD  1 
ATOM   357  N  NE  . ARG A 1 63  ? -8.144  -5.150  -11.543 1.000 106.985 0 63  ARG AAA NE  1 
ATOM   358  C  CZ  . ARG A 1 63  ? -6.847  -5.008  -11.835 1.000 118.034 0 63  ARG AAA CZ  1 
ATOM   359  N  NH1 . ARG A 1 63  ? -6.483  -4.340  -12.918 1.000 113.341 0 63  ARG AAA NH1 1 
ATOM   360  N  NH2 . ARG A 1 63  ? -5.913  -5.522  -11.051 1.000 133.442 0 63  ARG AAA NH2 1 
ATOM   361  N  N   . ALA A 1 64  ? -10.247 -3.882  -5.927  1.000 70.899  0 64  ALA AAA N   1 
ATOM   362  C  CA  . ALA A 1 64  ? -11.091 -2.697  -5.681  1.000 75.624  0 64  ALA AAA CA  1 
ATOM   363  C  C   . ALA A 1 64  ? -10.485 -1.836  -4.565  1.000 73.835  0 64  ALA AAA C   1 
ATOM   364  O  O   . ALA A 1 64  ? -10.457 -0.621  -4.766  1.000 90.236  0 64  ALA AAA O   1 
ATOM   365  C  CB  . ALA A 1 64  ? -12.499 -3.124  -5.347  1.000 74.996  0 64  ALA AAA CB  1 
ATOM   366  N  N   . GLN A 1 65  ? -10.035 -2.413  -3.444  1.000 70.803  0 65  GLN AAA N   1 
ATOM   367  C  CA  . GLN A 1 65  ? -9.540  -1.598  -2.295  1.000 85.641  0 65  GLN AAA CA  1 
ATOM   368  C  C   . GLN A 1 65  ? -8.195  -0.990  -2.699  1.000 75.424  0 65  GLN AAA C   1 
ATOM   369  O  O   . GLN A 1 65  ? -7.853  0.057   -2.144  1.000 84.103  0 65  GLN AAA O   1 
ATOM   370  C  CB  . GLN A 1 65  ? -9.414  -2.398  -0.994  1.000 90.687  0 65  GLN AAA CB  1 
ATOM   371  C  CG  . GLN A 1 65  ? -10.601 -2.266  -0.038  1.000 105.811 0 65  GLN AAA CG  1 
ATOM   372  C  CD  . GLN A 1 65  ? -10.882 -3.539  0.743   1.000 124.268 0 65  GLN AAA CD  1 
ATOM   373  O  OE1 . GLN A 1 65  ? -10.084 -4.472  0.791   1.000 141.179 0 65  GLN AAA OE1 1 
ATOM   374  N  NE2 . GLN A 1 65  ? -12.040 -3.614  1.374   1.000 118.891 0 65  GLN AAA NE2 1 
ATOM   375  N  N   . LEU A 1 66  ? -7.485  -1.639  -3.624  1.000 66.830  0 66  LEU AAA N   1 
ATOM   376  C  CA  . LEU A 1 66  ? -6.137  -1.237  -4.103  1.000 68.852  0 66  LEU AAA CA  1 
ATOM   377  C  C   . LEU A 1 66  ? -6.270  -0.162  -5.183  1.000 69.361  0 66  LEU AAA C   1 
ATOM   378  O  O   . LEU A 1 66  ? -5.234  0.445   -5.533  1.000 61.427  0 66  LEU AAA O   1 
ATOM   379  C  CB  . LEU A 1 66  ? -5.399  -2.460  -4.655  1.000 64.699  0 66  LEU AAA CB  1 
ATOM   380  C  CG  . LEU A 1 66  ? -4.880  -3.437  -3.607  1.000 70.857  0 66  LEU AAA CG  1 
ATOM   381  C  CD1 . LEU A 1 66  ? -4.371  -4.716  -4.253  1.000 78.244  0 66  LEU AAA CD1 1 
ATOM   382  C  CD2 . LEU A 1 66  ? -3.786  -2.807  -2.771  1.000 67.875  0 66  LEU AAA CD2 1 
ATOM   383  N  N   . GLU A 1 67  ? -7.487  0.062   -5.688  1.000 70.565  0 67  GLU AAA N   1 
ATOM   384  C  CA  . GLU A 1 67  ? -7.784  1.109   -6.703  1.000 76.787  0 67  GLU AAA CA  1 
ATOM   385  C  C   . GLU A 1 67  ? -8.100  2.456   -6.044  1.000 75.612  0 67  GLU AAA C   1 
ATOM   386  O  O   . GLU A 1 67  ? -8.238  3.430   -6.784  1.000 64.359  0 67  GLU AAA O   1 
ATOM   387  C  CB  . GLU A 1 67  ? -8.934  0.648   -7.588  1.000 81.371  0 67  GLU AAA CB  1 
ATOM   388  C  CG  . GLU A 1 67  ? -8.438  -0.274  -8.682  1.000 97.679  0 67  GLU AAA CG  1 
ATOM   389  C  CD  . GLU A 1 67  ? -9.482  -1.174  -9.310  1.000 110.119 0 67  GLU AAA CD  1 
ATOM   390  O  OE1 . GLU A 1 67  ? -10.678 -1.049  -8.962  1.000 132.610 0 67  GLU AAA OE1 1 
ATOM   391  O  OE2 . GLU A 1 67  ? -9.085  -2.010  -10.133 1.000 123.349 0 67  GLU AAA OE2 1 
ATOM   392  N  N   . LYS A 1 68  ? -8.174  2.508   -4.711  1.000 73.045  0 68  LYS AAA N   1 
ATOM   393  C  CA  . LYS A 1 68  ? -8.566  3.703   -3.925  1.000 69.363  0 68  LYS AAA CA  1 
ATOM   394  C  C   . LYS A 1 68  ? -7.424  3.995   -2.960  1.000 68.057  0 68  LYS AAA C   1 
ATOM   395  O  O   . LYS A 1 68  ? -7.543  3.827   -1.749  1.000 64.047  0 68  LYS AAA O   1 
ATOM   396  C  CB  . LYS A 1 68  ? -9.920  3.419   -3.270  1.000 70.998  0 68  LYS AAA CB  1 
ATOM   397  C  CG  . LYS A 1 68  ? -11.034 3.117   -4.271  1.000 85.672  0 68  LYS AAA CG  1 
ATOM   398  C  CD  . LYS A 1 68  ? -12.397 2.765   -3.686  1.000 93.486  0 68  LYS AAA CD  1 
ATOM   399  C  CE  . LYS A 1 68  ? -12.471 1.400   -3.027  1.000 103.873 0 68  LYS AAA CE  1 
ATOM   400  N  NZ  . LYS A 1 68  ? -13.513 1.346   -1.969  1.000 105.908 0 68  LYS AAA NZ  1 
ATOM   401  N  N   . PRO A 1 69  ? -6.236  4.374   -3.471  1.000 69.266  0 69  PRO AAA N   1 
ATOM   402  C  CA  . PRO A 1 69  ? -5.078  4.561   -2.603  1.000 65.985  0 69  PRO AAA CA  1 
ATOM   403  C  C   . PRO A 1 69  ? -5.286  5.705   -1.602  1.000 62.355  0 69  PRO AAA C   1 
ATOM   404  O  O   . PRO A 1 69  ? -4.749  5.574   -0.539  1.000 63.094  0 69  PRO AAA O   1 
ATOM   405  C  CB  . PRO A 1 69  ? -3.926  4.866   -3.569  1.000 63.887  0 69  PRO AAA CB  1 
ATOM   406  C  CG  . PRO A 1 69  ? -4.618  5.405   -4.798  1.000 64.217  0 69  PRO AAA CG  1 
ATOM   407  C  CD  . PRO A 1 69  ? -5.924  4.638   -4.881  1.000 67.452  0 69  PRO AAA CD  1 
ATOM   408  N  N   . LEU A 1 70  ? -6.041  6.762   -1.940  1.000 57.986  0 70  LEU AAA N   1 
ATOM   409  C  CA  . LEU A 1 70  ? -6.222  7.925   -1.023  1.000 61.327  0 70  LEU AAA CA  1 
ATOM   410  C  C   . LEU A 1 70  ? -6.920  7.441   0.256   1.000 68.762  0 70  LEU AAA C   1 
ATOM   411  O  O   . LEU A 1 70  ? -6.677  8.009   1.354   1.000 68.707  0 70  LEU AAA O   1 
ATOM   412  C  CB  . LEU A 1 70  ? -7.052  9.023   -1.698  1.000 63.336  0 70  LEU AAA CB  1 
ATOM   413  C  CG  . LEU A 1 70  ? -6.468  9.679   -2.955  1.000 67.911  0 70  LEU AAA CG  1 
ATOM   414  C  CD1 . LEU A 1 70  ? -7.346  10.823  -3.418  1.000 61.177  0 70  LEU AAA CD1 1 
ATOM   415  C  CD2 . LEU A 1 70  ? -5.053  10.184  -2.742  1.000 72.364  0 70  LEU AAA CD2 1 
ATOM   416  N  N   . GLU A 1 71  ? -7.770  6.428   0.103   1.000 65.677  0 71  GLU AAA N   1 
ATOM   417  C  CA  . GLU A 1 71  ? -8.550  5.810   1.193   1.000 65.312  0 71  GLU AAA CA  1 
ATOM   418  C  C   . GLU A 1 71  ? -7.653  4.841   1.987   1.000 71.988  0 71  GLU AAA C   1 
ATOM   419  O  O   . GLU A 1 71  ? -7.625  4.901   3.229   1.000 82.045  0 71  GLU AAA O   1 
ATOM   420  C  CB  . GLU A 1 71  ? -9.743  5.170   0.504   1.000 71.728  0 71  GLU AAA CB  1 
ATOM   421  C  CG  . GLU A 1 71  ? -10.605 4.294   1.376   1.000 91.073  0 71  GLU AAA CG  1 
ATOM   422  C  CD  . GLU A 1 71  ? -11.857 3.852   0.637   1.000 102.252 0 71  GLU AAA CD  1 
ATOM   423  O  OE1 . GLU A 1 71  ? -12.833 4.646   0.608   1.000 111.814 0 71  GLU AAA OE1 1 
ATOM   424  O  OE2 . GLU A 1 71  ? -11.835 2.738   0.048   1.000 102.997 0 71  GLU AAA OE2 1 
ATOM   425  N  N   . LEU A 1 72  ? -6.909  3.992   1.298   1.000 66.651  0 72  LEU AAA N   1 
ATOM   426  C  CA  . LEU A 1 72  ? -6.121  2.888   1.902   1.000 68.298  0 72  LEU AAA CA  1 
ATOM   427  C  C   . LEU A 1 72  ? -4.932  3.437   2.713   1.000 65.613  0 72  LEU AAA C   1 
ATOM   428  O  O   . LEU A 1 72  ? -4.569  2.865   3.778   1.000 78.111  0 72  LEU AAA O   1 
ATOM   429  C  CB  . LEU A 1 72  ? -5.678  2.002   0.732   1.000 69.544  0 72  LEU AAA CB  1 
ATOM   430  C  CG  . LEU A 1 72  ? -5.061  0.664   1.112   1.000 65.381  0 72  LEU AAA CG  1 
ATOM   431  C  CD1 . LEU A 1 72  ? -6.064  -0.196  1.860   1.000 67.555  0 72  LEU AAA CD1 1 
ATOM   432  C  CD2 . LEU A 1 72  ? -4.565  -0.056  -0.125  1.000 63.993  0 72  LEU AAA CD2 1 
ATOM   433  N  N   . PHE A 1 73  ? -4.338  4.521   2.232   1.000 68.101  0 73  PHE AAA N   1 
ATOM   434  C  CA  . PHE A 1 73  ? -3.181  5.209   2.856   1.000 68.519  0 73  PHE AAA CA  1 
ATOM   435  C  C   . PHE A 1 73  ? -3.668  6.447   3.615   1.000 68.816  0 73  PHE AAA C   1 
ATOM   436  O  O   . PHE A 1 73  ? -2.822  7.208   4.123   1.000 77.627  0 73  PHE AAA O   1 
ATOM   437  C  CB  . PHE A 1 73  ? -2.137  5.515   1.778   1.000 65.807  0 73  PHE AAA CB  1 
ATOM   438  C  CG  . PHE A 1 73  ? -1.671  4.268   1.079   1.000 65.812  0 73  PHE AAA CG  1 
ATOM   439  C  CD1 . PHE A 1 73  ? -1.022  3.268   1.792   1.000 71.635  0 73  PHE AAA CD1 1 
ATOM   440  C  CD2 . PHE A 1 73  ? -1.938  4.054   -0.262  1.000 66.301  0 73  PHE AAA CD2 1 
ATOM   441  C  CE1 . PHE A 1 73  ? -0.633  2.088   1.174   1.000 69.128  0 73  PHE AAA CE1 1 
ATOM   442  C  CE2 . PHE A 1 73  ? -1.522  2.884   -0.889  1.000 70.048  0 73  PHE AAA CE2 1 
ATOM   443  C  CZ  . PHE A 1 73  ? -0.872  1.903   -0.170  1.000 71.117  0 73  PHE AAA CZ  1 
ATOM   444  N  N   . ALA A 1 74  ? -4.988  6.628   3.717   1.000 64.400  0 74  ALA AAA N   1 
ATOM   445  C  CA  . ALA A 1 74  ? -5.614  7.620   4.619   1.000 68.613  0 74  ALA AAA CA  1 
ATOM   446  C  C   . ALA A 1 74  ? -4.892  8.960   4.461   1.000 70.076  0 74  ALA AAA C   1 
ATOM   447  O  O   . ALA A 1 74  ? -4.467  9.565   5.467   1.000 76.609  0 74  ALA AAA O   1 
ATOM   448  C  CB  . ALA A 1 74  ? -5.551  7.130   6.044   1.000 69.389  0 74  ALA AAA CB  1 
ATOM   449  N  N   . LEU A 1 75  ? -4.732  9.394   3.224   1.000 66.081  0 75  LEU AAA N   1 
ATOM   450  C  CA  . LEU A 1 75  ? -4.043  10.660  2.936   1.000 70.770  0 75  LEU AAA CA  1 
ATOM   451  C  C   . LEU A 1 75  ? -4.989  11.792  3.309   1.000 74.312  0 75  LEU AAA C   1 
ATOM   452  O  O   . LEU A 1 75  ? -6.178  11.729  2.993   1.000 68.210  0 75  LEU AAA O   1 
ATOM   453  C  CB  . LEU A 1 75  ? -3.627  10.652  1.464   1.000 81.067  0 75  LEU AAA CB  1 
ATOM   454  C  CG  . LEU A 1 75  ? -2.514  9.649   1.155   1.000 90.284  0 75  LEU AAA CG  1 
ATOM   455  C  CD1 . LEU A 1 75  ? -2.329  9.445   -0.335  1.000 100.817 0 75  LEU AAA CD1 1 
ATOM   456  C  CD2 . LEU A 1 75  ? -1.204  10.091  1.777   1.000 89.116  0 75  LEU AAA CD2 1 
ATOM   457  N  N   . PRO A 1 76  ? -4.495  12.817  4.048   1.000 72.949  0 76  PRO AAA N   1 
ATOM   458  C  CA  . PRO A 1 76  ? -5.307  13.978  4.400   1.000 70.496  0 76  PRO AAA CA  1 
ATOM   459  C  C   . PRO A 1 76  ? -5.868  14.681  3.158   1.000 73.205  0 76  PRO AAA C   1 
ATOM   460  O  O   . PRO A 1 76  ? -5.147  14.848  2.179   1.000 81.332  0 76  PRO AAA O   1 
ATOM   461  C  CB  . PRO A 1 76  ? -4.359  14.923  5.160   1.000 71.262  0 76  PRO AAA CB  1 
ATOM   462  C  CG  . PRO A 1 76  ? -3.158  14.076  5.545   1.000 70.415  0 76  PRO AAA CG  1 
ATOM   463  C  CD  . PRO A 1 76  ? -3.139  12.883  4.616   1.000 68.997  0 76  PRO AAA CD  1 
ATOM   464  N  N   . VAL A 1 77  ? -7.136  15.078  3.238   1.000 76.474  0 77  VAL AAA N   1 
ATOM   465  C  CA  . VAL A 1 77  ? -7.859  15.784  2.146   1.000 78.785  0 77  VAL AAA CA  1 
ATOM   466  C  C   . VAL A 1 77  ? -7.332  17.212  2.083   1.000 82.820  0 77  VAL AAA C   1 
ATOM   467  O  O   . VAL A 1 77  ? -7.339  17.789  0.980   1.000 79.490  0 77  VAL AAA O   1 
ATOM   468  C  CB  . VAL A 1 77  ? -9.371  15.761  2.396   1.000 89.151  0 77  VAL AAA CB  1 
ATOM   469  C  CG1 . VAL A 1 77  ? -10.129 16.412  1.248   1.000 89.000  0 77  VAL AAA CG1 1 
ATOM   470  C  CG2 . VAL A 1 77  ? -9.854  14.339  2.657   1.000 94.220  0 77  VAL AAA CG2 1 
ATOM   471  N  N   . THR A 1 78  ? -6.876  17.723  3.233   1.000 87.149  0 78  THR AAA N   1 
ATOM   472  C  CA  . THR A 1 78  ? -6.222  19.053  3.412   1.000 86.140  0 78  THR AAA CA  1 
ATOM   473  C  C   . THR A 1 78  ? -5.076  19.237  2.407   1.000 82.826  0 78  THR AAA C   1 
ATOM   474  O  O   . THR A 1 78  ? -4.916  20.362  1.914   1.000 88.881  0 78  THR AAA O   1 
ATOM   475  C  CB  . THR A 1 78  ? -5.697  19.220  4.843   1.000 91.181  0 78  THR AAA CB  1 
ATOM   476  O  OG1 . THR A 1 78  ? -4.738  18.199  5.124   1.000 97.599  0 78  THR AAA OG1 1 
ATOM   477  C  CG2 . THR A 1 78  ? -6.790  19.150  5.884   1.000 91.474  0 78  THR AAA CG2 1 
ATOM   478  N  N   . ALA A 1 79  ? -4.318  18.177  2.111   1.000 80.127  0 79  ALA AAA N   1 
ATOM   479  C  CA  . ALA A 1 79  ? -3.129  18.218  1.225   1.000 81.183  0 79  ALA AAA CA  1 
ATOM   480  C  C   . ALA A 1 79  ? -3.512  18.170  -0.263  1.000 81.938  0 79  ALA AAA C   1 
ATOM   481  O  O   . ALA A 1 79  ? -2.601  18.250  -1.071  1.000 85.497  0 79  ALA AAA O   1 
ATOM   482  C  CB  . ALA A 1 79  ? -2.187  17.092  1.564   1.000 76.590  0 79  ALA AAA CB  1 
ATOM   483  N  N   . GLY A 1 80  ? -4.788  18.028  -0.630  1.000 84.540  0 80  GLY AAA N   1 
ATOM   484  C  CA  . GLY A 1 80  ? -5.232  18.127  -2.038  1.000 81.360  0 80  GLY AAA CA  1 
ATOM   485  C  C   . GLY A 1 80  ? -4.500  17.153  -2.954  1.000 79.737  0 80  GLY AAA C   1 
ATOM   486  O  O   . GLY A 1 80  ? -4.170  17.519  -4.108  1.000 82.226  0 80  GLY AAA O   1 
ATOM   487  N  N   . CYS A 1 81  ? -4.270  15.937  -2.464  1.000 80.498  0 81  CYS AAA N   1 
ATOM   488  C  CA  . CYS A 1 81  ? -3.593  14.847  -3.208  1.000 74.144  0 81  CYS AAA CA  1 
ATOM   489  C  C   . CYS A 1 81  ? -4.543  14.307  -4.295  1.000 71.095  0 81  CYS AAA C   1 
ATOM   490  O  O   . CYS A 1 81  ? -5.720  14.075  -4.005  1.000 56.944  0 81  CYS AAA O   1 
ATOM   491  C  CB  . CYS A 1 81  ? -3.119  13.755  -2.252  1.000 68.564  0 81  CYS AAA CB  1 
ATOM   492  S  SG  . CYS A 1 81  ? -1.759  14.274  -1.174  0.680 72.501  0 81  CYS AAA SG  1 
ATOM   493  N  N   . SER A 1 82  ? -4.024  14.144  -5.512  1.000 71.192  0 82  SER AAA N   1 
ATOM   494  C  CA  . SER A 1 82  ? -4.691  13.550  -6.693  1.000 67.794  0 82  SER AAA CA  1 
ATOM   495  C  C   . SER A 1 82  ? -3.813  12.407  -7.205  1.000 61.817  0 82  SER AAA C   1 
ATOM   496  O  O   . SER A 1 82  ? -2.602  12.537  -7.129  1.000 85.225  0 82  SER AAA O   1 
ATOM   497  C  CB  . SER A 1 82  ? -4.908  14.590  -7.776  1.000 73.414  0 82  SER AAA CB  1 
ATOM   498  O  OG  . SER A 1 82  ? -6.220  15.133  -7.726  1.000 78.192  0 82  SER AAA OG  1 
ATOM   499  N  N   . VAL A 1 83  ? -4.419  11.342  -7.714  1.000 60.365  0 83  VAL AAA N   1 
ATOM   500  C  CA  . VAL A 1 83  ? -3.734  10.196  -8.381  1.000 64.341  0 83  VAL AAA CA  1 
ATOM   501  C  C   . VAL A 1 83  ? -3.370  10.618  -9.808  1.000 67.185  0 83  VAL AAA C   1 
ATOM   502  O  O   . VAL A 1 83  ? -4.275  10.949  -10.602 1.000 74.673  0 83  VAL AAA O   1 
ATOM   503  C  CB  . VAL A 1 83  ? -4.600  8.914   -8.381  1.000 60.356  0 83  VAL AAA CB  1 
ATOM   504  C  CG1 . VAL A 1 83  ? -3.965  7.803   -9.205  1.000 65.272  0 83  VAL AAA CG1 1 
ATOM   505  C  CG2 . VAL A 1 83  ? -4.874  8.417   -6.978  1.000 55.339  0 83  VAL AAA CG2 1 
ATOM   506  N  N   . ALA A 1 84  ? -2.082  10.616  -10.127 1.000 70.137  0 84  ALA AAA N   1 
ATOM   507  C  CA  . ALA A 1 84  ? -1.594  10.899  -11.489 1.000 69.432  0 84  ALA AAA CA  1 
ATOM   508  C  C   . ALA A 1 84  ? -1.711  9.622   -12.314 1.000 68.460  0 84  ALA AAA C   1 
ATOM   509  O  O   . ALA A 1 84  ? -2.059  9.720   -13.498 1.000 73.723  0 84  ALA AAA O   1 
ATOM   510  C  CB  . ALA A 1 84  ? -0.182  11.414  -11.439 1.000 74.873  0 84  ALA AAA CB  1 
ATOM   511  N  N   . SER A 1 85  ? -1.458  8.471   -11.693 1.000 71.166  0 85  SER AAA N   1 
ATOM   512  C  CA  . SER A 1 85  ? -1.210  7.193   -12.403 1.000 75.791  0 85  SER AAA CA  1 
ATOM   513  C  C   . SER A 1 85  ? -1.035  6.077   -11.394 1.000 68.209  0 85  SER AAA C   1 
ATOM   514  O  O   . SER A 1 85  ? -0.542  6.357   -10.299 1.000 75.043  0 85  SER AAA O   1 
ATOM   515  C  CB  . SER A 1 85  ? 0.007   7.296   -13.255 1.000 77.900  0 85  SER AAA CB  1 
ATOM   516  O  OG  . SER A 1 85  ? 1.041   7.882   -12.494 1.000 87.429  0 85  SER AAA OG  1 
ATOM   517  N  N   . GLN A 1 86  ? -1.280  4.856   -11.845 1.000 68.134  0 86  GLN AAA N   1 
ATOM   518  C  CA  . GLN A 1 86  ? -1.622  3.703   -10.990 1.000 69.078  0 86  GLN AAA CA  1 
ATOM   519  C  C   . GLN A 1 86  ? -1.463  2.427   -11.829 1.000 70.114  0 86  GLN AAA C   1 
ATOM   520  O  O   . GLN A 1 86  ? -2.161  2.343   -12.832 1.000 77.164  0 86  GLN AAA O   1 
ATOM   521  C  CB  . GLN A 1 86  ? -3.040  3.987   -10.490 1.000 68.637  0 86  GLN AAA CB  1 
ATOM   522  C  CG  . GLN A 1 86  ? -3.809  2.782   -9.981  1.000 68.559  0 86  GLN AAA CG  1 
ATOM   523  C  CD  . GLN A 1 86  ? -5.064  3.176   -9.233  1.000 72.235  0 86  GLN AAA CD  1 
ATOM   524  O  OE1 . GLN A 1 86  ? -5.101  4.126   -8.457  1.000 67.226  0 86  GLN AAA OE1 1 
ATOM   525  N  NE2 . GLN A 1 86  ? -6.122  2.419   -9.448  1.000 84.820  0 86  GLN AAA NE2 1 
ATOM   526  N  N   . GLU A 1 87  ? -0.537  1.526   -11.462 1.000 75.916  0 87  GLU AAA N   1 
ATOM   527  C  CA  . GLU A 1 87  ? -0.361  0.153   -12.021 1.000 80.249  0 87  GLU AAA CA  1 
ATOM   528  C  C   . GLU A 1 87  ? -0.606  -0.850  -10.879 1.000 74.630  0 87  GLU AAA C   1 
ATOM   529  O  O   . GLU A 1 87  ? -0.038  -0.661  -9.776  1.000 69.733  0 87  GLU AAA O   1 
ATOM   530  C  CB  . GLU A 1 87  ? 1.011   0.012   -12.730 1.000 98.942  0 87  GLU AAA CB  1 
ATOM   531  C  CG  . GLU A 1 87  ? 2.124   -0.716  -11.939 1.000 127.866 0 87  GLU AAA CG  1 
ATOM   532  C  CD  . GLU A 1 87  ? 3.570   -0.643  -12.453 1.000 130.060 0 87  GLU AAA CD  1 
ATOM   533  O  OE1 . GLU A 1 87  ? 4.536   -0.960  -11.668 1.000 106.778 0 87  GLU AAA OE1 1 
ATOM   534  O  OE2 . GLU A 1 87  ? 3.751   -0.275  -13.633 1.000 141.009 0 87  GLU AAA OE2 1 
ATOM   535  N  N   . LEU A 1 88  ? -1.459  -1.853  -11.116 1.000 77.575  0 88  LEU AAA N   1 
ATOM   536  C  CA  . LEU A 1 88  ? -1.686  -3.016  -10.207 1.000 77.913  0 88  LEU AAA CA  1 
ATOM   537  C  C   . LEU A 1 88  ? -1.385  -4.296  -10.966 1.000 73.295  0 88  LEU AAA C   1 
ATOM   538  O  O   . LEU A 1 88  ? -2.330  -4.825  -11.552 1.000 81.751  0 88  LEU AAA O   1 
ATOM   539  C  CB  . LEU A 1 88  ? -3.146  -3.094  -9.749  1.000 81.801  0 88  LEU AAA CB  1 
ATOM   540  C  CG  . LEU A 1 88  ? -3.716  -1.844  -9.092  1.000 85.543  0 88  LEU AAA CG  1 
ATOM   541  C  CD1 . LEU A 1 88  ? -5.157  -2.079  -8.676  1.000 84.843  0 88  LEU AAA CD1 1 
ATOM   542  C  CD2 . LEU A 1 88  ? -2.859  -1.432  -7.909  1.000 95.270  0 88  LEU AAA CD2 1 
ATOM   543  N  N   . ARG A 1 89  ? -0.149  -4.780  -10.935 1.000 76.173  0 89  ARG AAA N   1 
ATOM   544  C  CA  . ARG A 1 89  ? 0.232   -6.070  -11.568 1.000 82.647  0 89  ARG AAA CA  1 
ATOM   545  C  C   . ARG A 1 89  ? 0.055   -7.191  -10.527 1.000 75.647  0 89  ARG AAA C   1 
ATOM   546  O  O   . ARG A 1 89  ? 0.496   -7.017  -9.385  1.000 70.865  0 89  ARG AAA O   1 
ATOM   547  C  CB  . ARG A 1 89  ? 1.660   -6.000  -12.141 1.000 95.564  0 89  ARG AAA CB  1 
ATOM   548  C  CG  . ARG A 1 89  ? 1.960   -4.810  -13.057 1.000 114.848 0 89  ARG AAA CG  1 
ATOM   549  C  CD  . ARG A 1 89  ? 1.768   -4.997  -14.568 1.000 122.590 0 89  ARG AAA CD  1 
ATOM   550  N  NE  . ARG A 1 89  ? 2.336   -3.885  -15.343 1.000 127.932 0 89  ARG AAA NE  1 
ATOM   551  C  CZ  . ARG A 1 89  ? 1.674   -2.824  -15.827 1.000 127.529 0 89  ARG AAA CZ  1 
ATOM   552  N  NH1 . ARG A 1 89  ? 0.371   -2.680  -15.660 1.000 129.284 0 89  ARG AAA NH1 1 
ATOM   553  N  NH2 . ARG A 1 89  ? 2.330   -1.893  -16.494 1.000 132.080 0 89  ARG AAA NH2 1 
ATOM   554  N  N   . SER A 1 90  ? -0.574  -8.305  -10.907 1.000 77.469  0 90  SER AAA N   1 
ATOM   555  C  CA  . SER A 1 90  ? -0.418  -9.623  -10.234 1.000 81.983  0 90  SER AAA CA  1 
ATOM   556  C  C   . SER A 1 90  ? -0.868  -10.746 -11.164 1.000 82.390  0 90  SER AAA C   1 
ATOM   557  O  O   . SER A 1 90  ? -1.812  -10.572 -11.941 1.000 76.994  0 90  SER AAA O   1 
ATOM   558  C  CB  . SER A 1 90  ? -1.164  -9.700  -8.926  1.000 88.705  0 90  SER AAA CB  1 
ATOM   559  O  OG  . SER A 1 90  ? -0.977  -10.974 -8.306  1.000 86.075  0 90  SER AAA OG  1 
ATOM   560  N  N   . PRO A 1 91  ? -0.206  -11.927 -11.099 1.000 79.723  0 91  PRO AAA N   1 
ATOM   561  C  CA  . PRO A 1 91  ? -0.735  -13.150 -11.695 1.000 76.412  0 91  PRO AAA CA  1 
ATOM   562  C  C   . PRO A 1 91  ? -2.250  -13.324 -11.478 1.000 82.463  0 91  PRO AAA C   1 
ATOM   563  O  O   . PRO A 1 91  ? -2.953  -13.532 -12.438 1.000 92.847  0 91  PRO AAA O   1 
ATOM   564  C  CB  . PRO A 1 91  ? 0.055   -14.284 -11.015 1.000 70.080  0 91  PRO AAA CB  1 
ATOM   565  C  CG  . PRO A 1 91  ? 1.276   -13.642 -10.378 1.000 72.064  0 91  PRO AAA CG  1 
ATOM   566  C  CD  . PRO A 1 91  ? 1.123   -12.139 -10.500 1.000 82.261  0 91  PRO AAA CD  1 
ATOM   567  N  N   . LEU A 1 92  ? -2.740  -13.186 -10.244 1.000 91.307  0 92  LEU AAA N   1 
ATOM   568  C  CA  . LEU A 1 92  ? -4.178  -13.407 -9.922  1.000 86.382  0 92  LEU AAA CA  1 
ATOM   569  C  C   . LEU A 1 92  ? -5.040  -12.401 -10.704 1.000 91.651  0 92  LEU AAA C   1 
ATOM   570  O  O   . LEU A 1 92  ? -6.244  -12.659 -10.805 1.000 94.120  0 92  LEU AAA O   1 
ATOM   571  C  CB  . LEU A 1 92  ? -4.408  -13.302 -8.410  1.000 89.905  0 92  LEU AAA CB  1 
ATOM   572  C  CG  . LEU A 1 92  ? -3.426  -14.064 -7.518  1.000 94.726  0 92  LEU AAA CG  1 
ATOM   573  C  CD1 . LEU A 1 92  ? -3.848  -13.983 -6.058  1.000 98.148  0 92  LEU AAA CD1 1 
ATOM   574  C  CD2 . LEU A 1 92  ? -3.295  -15.512 -7.958  1.000 100.252 0 92  LEU AAA CD2 1 
ATOM   575  N  N   . PHE A 1 93  ? -4.461  -11.301 -11.222 1.000 102.805 0 93  PHE AAA N   1 
ATOM   576  C  CA  . PHE A 1 93  ? -5.112  -10.350 -12.171 1.000 97.976  0 93  PHE AAA CA  1 
ATOM   577  C  C   . PHE A 1 93  ? -4.744  -10.735 -13.611 1.000 104.824 0 93  PHE AAA C   1 
ATOM   578  O  O   . PHE A 1 93  ? -5.686  -10.845 -14.421 1.000 110.899 0 93  PHE AAA O   1 
ATOM   579  C  CB  . PHE A 1 93  ? -4.697  -8.895  -11.918 1.000 93.549  0 93  PHE AAA CB  1 
ATOM   580  C  CG  . PHE A 1 93  ? -4.748  -8.410  -10.488 1.000 91.666  0 93  PHE AAA CG  1 
ATOM   581  C  CD1 . PHE A 1 93  ? -5.817  -8.718  -9.659  1.000 92.089  0 93  PHE AAA CD1 1 
ATOM   582  C  CD2 . PHE A 1 93  ? -3.738  -7.604  -9.980  1.000 97.474  0 93  PHE AAA CD2 1 
ATOM   583  C  CE1 . PHE A 1 93  ? -5.857  -8.260  -8.350  1.000 88.671  0 93  PHE AAA CE1 1 
ATOM   584  C  CE2 . PHE A 1 93  ? -3.785  -7.134  -8.675  1.000 98.406  0 93  PHE AAA CE2 1 
ATOM   585  C  CZ  . PHE A 1 93  ? -4.848  -7.460  -7.865  1.000 96.980  0 93  PHE AAA CZ  1 
ATOM   586  N  N   . GLY A 1 119 ? 3.888   -22.701 -6.616  1.000 93.560  0 119 GLY AAA N   1 
ATOM   587  C  CA  . GLY A 1 119 ? 2.716   -21.833 -6.841  1.000 100.502 0 119 GLY AAA CA  1 
ATOM   588  C  C   . GLY A 1 119 ? 2.509   -20.818 -5.715  1.000 108.007 0 119 GLY AAA C   1 
ATOM   589  O  O   . GLY A 1 119 ? 1.439   -20.869 -5.052  1.000 111.087 0 119 GLY AAA O   1 
ATOM   590  N  N   . HIS A 1 120 ? 3.497   -19.937 -5.504  1.000 98.143  0 120 HIS AAA N   1 
ATOM   591  C  CA  . HIS A 1 120 ? 3.424   -18.682 -4.701  1.000 97.667  0 120 HIS AAA CA  1 
ATOM   592  C  C   . HIS A 1 120 ? 3.109   -17.514 -5.645  1.000 91.680  0 120 HIS AAA C   1 
ATOM   593  O  O   . HIS A 1 120 ? 3.429   -17.634 -6.818  1.000 95.076  0 120 HIS AAA O   1 
ATOM   594  C  CB  . HIS A 1 120 ? 4.740   -18.441 -3.941  1.000 98.838  0 120 HIS AAA CB  1 
ATOM   595  C  CG  . HIS A 1 120 ? 4.947   -19.323 -2.753  1.000 100.762 0 120 HIS AAA CG  1 
ATOM   596  N  ND1 . HIS A 1 120 ? 4.218   -19.172 -1.588  1.000 110.129 0 120 HIS AAA ND1 1 
ATOM   597  C  CD2 . HIS A 1 120 ? 5.837   -20.309 -2.520  1.000 101.923 0 120 HIS AAA CD2 1 
ATOM   598  C  CE1 . HIS A 1 120 ? 4.620   -20.070 -0.709  1.000 114.322 0 120 HIS AAA CE1 1 
ATOM   599  N  NE2 . HIS A 1 120 ? 5.621   -20.766 -1.250  1.000 109.541 0 120 HIS AAA NE2 1 
ATOM   600  N  N   . ALA A 1 121 ? 2.512   -16.421 -5.161  1.000 101.102 0 121 ALA AAA N   1 
ATOM   601  C  CA  . ALA A 1 121 ? 2.036   -15.288 -5.999  1.000 90.628  0 121 ALA AAA CA  1 
ATOM   602  C  C   . ALA A 1 121 ? 2.164   -13.970 -5.228  1.000 83.312  0 121 ALA AAA C   1 
ATOM   603  O  O   . ALA A 1 121 ? 1.820   -13.941 -4.029  1.000 87.321  0 121 ALA AAA O   1 
ATOM   604  C  CB  . ALA A 1 121 ? 0.615   -15.522 -6.459  1.000 79.366  0 121 ALA AAA CB  1 
ATOM   605  N  N   . ASP A 1 122 ? 2.662   -12.933 -5.902  1.000 83.803  0 122 ASP AAA N   1 
ATOM   606  C  CA  . ASP A 1 122 ? 2.917   -11.584 -5.330  1.000 88.232  0 122 ASP AAA CA  1 
ATOM   607  C  C   . ASP A 1 122 ? 1.808   -10.655 -5.832  1.000 75.998  0 122 ASP AAA C   1 
ATOM   608  O  O   . ASP A 1 122 ? 1.072   -11.076 -6.741  1.000 70.070  0 122 ASP AAA O   1 
ATOM   609  C  CB  . ASP A 1 122 ? 4.312   -11.062 -5.701  1.000 97.689  0 122 ASP AAA CB  1 
ATOM   610  C  CG  . ASP A 1 122 ? 5.425   -11.403 -4.718  1.000 98.656  0 122 ASP AAA CG  1 
ATOM   611  O  OD1 . ASP A 1 122 ? 5.449   -12.558 -4.242  1.000 116.941 0 122 ASP AAA OD1 1 
ATOM   612  O  OD2 . ASP A 1 122 ? 6.274   -10.512 -4.445  1.000 94.459  0 122 ASP AAA OD2 1 
ATOM   613  N  N   . ILE A 1 123 ? 1.668   -9.471  -5.220  1.000 74.692  0 123 ILE AAA N   1 
ATOM   614  C  CA  . ILE A 1 123 ? 0.842   -8.348  -5.757  1.000 69.571  0 123 ILE AAA CA  1 
ATOM   615  C  C   . ILE A 1 123 ? 1.635   -7.047  -5.670  1.000 71.042  0 123 ILE AAA C   1 
ATOM   616  O  O   . ILE A 1 123 ? 2.122   -6.699  -4.557  1.000 72.292  0 123 ILE AAA O   1 
ATOM   617  C  CB  . ILE A 1 123 ? -0.507  -8.208  -5.055  1.000 67.626  0 123 ILE AAA CB  1 
ATOM   618  C  CG1 . ILE A 1 123 ? -1.305  -9.518  -5.098  1.000 80.686  0 123 ILE AAA CG1 1 
ATOM   619  C  CG2 . ILE A 1 123 ? -1.253  -7.042  -5.682  1.000 70.811  0 123 ILE AAA CG2 1 
ATOM   620  C  CD1 . ILE A 1 123 ? -2.728  -9.452  -4.506  1.000 79.072  0 123 ILE AAA CD1 1 
ATOM   621  N  N   . HIS A 1 124 ? 1.774   -6.385  -6.819  1.000 64.666  0 124 HIS AAA N   1 
ATOM   622  C  CA  . HIS A 1 124 ? 2.570   -5.148  -7.003  1.000 73.177  0 124 HIS AAA CA  1 
ATOM   623  C  C   . HIS A 1 124 ? 1.552   -4.047  -7.255  1.000 68.359  0 124 HIS AAA C   1 
ATOM   624  O  O   . HIS A 1 124 ? 0.616   -4.278  -8.020  1.000 70.273  0 124 HIS AAA O   1 
ATOM   625  C  CB  . HIS A 1 124 ? 3.617   -5.330  -8.110  1.000 85.091  0 124 HIS AAA CB  1 
ATOM   626  C  CG  . HIS A 1 124 ? 4.481   -4.138  -8.381  1.000 103.003 0 124 HIS AAA CG  1 
ATOM   627  N  ND1 . HIS A 1 124 ? 5.471   -3.736  -7.503  1.000 107.708 0 124 HIS AAA ND1 1 
ATOM   628  C  CD2 . HIS A 1 124 ? 4.563   -3.305  -9.449  1.000 109.545 0 124 HIS AAA CD2 1 
ATOM   629  C  CE1 . HIS A 1 124 ? 6.105   -2.694  -7.999  1.000 107.135 0 124 HIS AAA CE1 1 
ATOM   630  N  NE2 . HIS A 1 124 ? 5.576   -2.406  -9.197  1.000 111.149 0 124 HIS AAA NE2 1 
ATOM   631  N  N   . ALA A 1 125 ? 1.651   -2.963  -6.501  1.000 69.304  0 125 ALA AAA N   1 
ATOM   632  C  CA  . ALA A 1 125 ? 0.828   -1.751  -6.662  1.000 65.542  0 125 ALA AAA CA  1 
ATOM   633  C  C   . ALA A 1 125 ? 1.777   -0.558  -6.642  1.000 72.067  0 125 ALA AAA C   1 
ATOM   634  O  O   . ALA A 1 125 ? 2.670   -0.507  -5.772  1.000 68.120  0 125 ALA AAA O   1 
ATOM   635  C  CB  . ALA A 1 125 ? -0.215  -1.661  -5.592  1.000 63.262  0 125 ALA AAA CB  1 
ATOM   636  N  N   . HIS A 1 126 ? 1.614   0.308   -7.633  1.000 67.669  0 126 HIS AAA N   1 
ATOM   637  C  CA  . HIS A 1 126 ? 2.442   1.502   -7.869  1.000 66.619  0 126 HIS AAA CA  1 
ATOM   638  C  C   . HIS A 1 126 ? 1.477   2.657   -8.061  1.000 62.395  0 126 HIS AAA C   1 
ATOM   639  O  O   . HIS A 1 126 ? 0.502   2.474   -8.797  1.000 57.263  0 126 HIS AAA O   1 
ATOM   640  C  CB  . HIS A 1 126 ? 3.323   1.302   -9.103  1.000 76.472  0 126 HIS AAA CB  1 
ATOM   641  C  CG  . HIS A 1 126 ? 4.530   2.164   -9.119  1.000 86.299  0 126 HIS AAA CG  1 
ATOM   642  N  ND1 . HIS A 1 126 ? 5.795   1.617   -9.239  1.000 109.376 0 126 HIS AAA ND1 1 
ATOM   643  C  CD2 . HIS A 1 126 ? 4.671   3.506   -9.033  1.000 87.968  0 126 HIS AAA CD2 1 
ATOM   644  C  CE1 . HIS A 1 126 ? 6.677   2.603   -9.194  1.000 111.690 0 126 HIS AAA CE1 1 
ATOM   645  N  NE2 . HIS A 1 126 ? 6.008   3.773   -9.071  1.000 98.926  0 126 HIS AAA NE2 1 
ATOM   646  N  N   . TYR A 1 127 ? 1.728   3.773   -7.388  1.000 59.964  0 127 TYR AAA N   1 
ATOM   647  C  CA  . TYR A 1 127 ? 0.891   4.988   -7.462  1.000 58.507  0 127 TYR AAA CA  1 
ATOM   648  C  C   . TYR A 1 127 ? 1.811   6.200   -7.479  1.000 62.982  0 127 TYR AAA C   1 
ATOM   649  O  O   . TYR A 1 127 ? 2.683   6.298   -6.592  1.000 62.791  0 127 TYR AAA O   1 
ATOM   650  C  CB  . TYR A 1 127 ? -0.053  5.103   -6.259  1.000 56.081  0 127 TYR AAA CB  1 
ATOM   651  C  CG  . TYR A 1 127 ? -0.744  3.839   -5.829  1.000 55.684  0 127 TYR AAA CG  1 
ATOM   652  C  CD1 . TYR A 1 127 ? -1.974  3.469   -6.346  1.000 52.661  0 127 TYR AAA CD1 1 
ATOM   653  C  CD2 . TYR A 1 127 ? -0.172  3.035   -4.867  1.000 58.006  0 127 TYR AAA CD2 1 
ATOM   654  C  CE1 . TYR A 1 127 ? -2.608  2.319   -5.915  1.000 59.308  0 127 TYR AAA CE1 1 
ATOM   655  C  CE2 . TYR A 1 127 ? -0.800  1.891   -4.414  1.000 62.803  0 127 TYR AAA CE2 1 
ATOM   656  C  CZ  . TYR A 1 127 ? -2.018  1.523   -4.946  1.000 65.693  0 127 TYR AAA CZ  1 
ATOM   657  O  OH  . TYR A 1 127 ? -2.602  0.380   -4.465  1.000 71.855  0 127 TYR AAA OH  1 
ATOM   658  N  N   . GLN A 1 128 ? 1.591   7.101   -8.434  1.000 68.309  0 128 GLN AAA N   1 
ATOM   659  C  CA  . GLN A 1 128 ? 2.216   8.442   -8.450  1.000 69.745  0 128 GLN AAA CA  1 
ATOM   660  C  C   . GLN A 1 128 ? 1.099   9.425   -8.151  1.000 62.797  0 128 GLN AAA C   1 
ATOM   661  O  O   . GLN A 1 128 ? 0.021   9.274   -8.737  1.000 57.407  0 128 GLN AAA O   1 
ATOM   662  C  CB  . GLN A 1 128 ? 2.872   8.677   -9.802  1.000 82.292  0 128 GLN AAA CB  1 
ATOM   663  C  CG  . GLN A 1 128 ? 3.999   9.690   -9.793  1.000 95.479  0 128 GLN AAA CG  1 
ATOM   664  C  CD  . GLN A 1 128 ? 4.699   9.591   -11.125 1.000 109.700 0 128 GLN AAA CD  1 
ATOM   665  O  OE1 . GLN A 1 128 ? 5.418   8.629   -11.385 1.000 111.051 0 128 GLN AAA OE1 1 
ATOM   666  N  NE2 . GLN A 1 128 ? 4.423   10.541  -12.010 1.000 117.922 0 128 GLN AAA NE2 1 
ATOM   667  N  N   . LEU A 1 129 ? 1.329   10.330  -7.215  1.000 58.566  0 129 LEU AAA N   1 
ATOM   668  C  CA  . LEU A 1 129 ? 0.277   11.230  -6.700  1.000 61.714  0 129 LEU AAA CA  1 
ATOM   669  C  C   . LEU A 1 129 ? 0.803   12.653  -6.673  1.000 59.535  0 129 LEU AAA C   1 
ATOM   670  O  O   . LEU A 1 129 ? 1.974   12.827  -6.380  1.000 67.269  0 129 LEU AAA O   1 
ATOM   671  C  CB  . LEU A 1 129 ? -0.106  10.779  -5.293  1.000 70.861  0 129 LEU AAA CB  1 
ATOM   672  C  CG  . LEU A 1 129 ? -0.964  9.523   -5.224  1.000 69.002  0 129 LEU AAA CG  1 
ATOM   673  C  CD1 . LEU A 1 129 ? -0.427  8.577   -4.186  1.000 69.380  0 129 LEU AAA CD1 1 
ATOM   674  C  CD2 . LEU A 1 129 ? -2.393  9.884   -4.899  1.000 80.976  0 129 LEU AAA CD2 1 
ATOM   675  N  N   . SER A 1 130 ? -0.072  13.612  -6.942  1.000 67.570  0 130 SER AAA N   1 
ATOM   676  C  CA  . SER A 1 130 ? 0.228   15.055  -6.974  1.000 66.860  0 130 SER AAA CA  1 
ATOM   677  C  C   . SER A 1 130 ? -0.541  15.746  -5.855  1.000 70.126  0 130 SER AAA C   1 
ATOM   678  O  O   . SER A 1 130 ? -1.774  15.710  -5.900  1.000 81.386  0 130 SER AAA O   1 
ATOM   679  C  CB  . SER A 1 130 ? -0.136  15.620  -8.293  1.000 69.116  0 130 SER AAA CB  1 
ATOM   680  O  OG  . SER A 1 130 ? 0.375   16.942  -8.381  1.000 88.280  0 130 SER AAA OG  1 
ATOM   681  N  N   . CYS A 1 131 ? 0.162   16.374  -4.918  1.000 74.730  0 131 CYS AAA N   1 
ATOM   682  C  CA  . CYS A 1 131 ? -0.430  17.007  -3.707  1.000 77.461  0 131 CYS AAA CA  1 
ATOM   683  C  C   . CYS A 1 131 ? -0.238  18.528  -3.776  1.000 83.449  0 131 CYS AAA C   1 
ATOM   684  O  O   . CYS A 1 131 ? 0.907   18.943  -3.823  1.000 95.819  0 131 CYS AAA O   1 
ATOM   685  C  CB  . CYS A 1 131 ? 0.182   16.390  -2.453  1.000 67.295  0 131 CYS AAA CB  1 
ATOM   686  S  SG  . CYS A 1 131 ? -0.069  14.590  -2.374  0.740 82.703  0 131 CYS AAA SG  1 
ATOM   687  N  N   . GLU A 1 132 ? -1.323  19.317  -3.769  1.000 93.846  0 132 GLU AAA N   1 
ATOM   688  C  CA  . GLU A 1 132 ? -1.282  20.807  -3.882  1.000 102.046 0 132 GLU AAA CA  1 
ATOM   689  C  C   . GLU A 1 132 ? -0.725  21.481  -2.626  1.000 94.820  0 132 GLU AAA C   1 
ATOM   690  O  O   . GLU A 1 132 ? -0.325  22.637  -2.765  1.000 103.243 0 132 GLU AAA O   1 
ATOM   691  C  CB  . GLU A 1 132 ? -2.658  21.427  -4.128  1.000 107.480 0 132 GLU AAA CB  1 
ATOM   692  C  CG  . GLU A 1 132 ? -2.735  22.195  -5.437  1.000 120.511 0 132 GLU AAA CG  1 
ATOM   693  C  CD  . GLU A 1 132 ? -4.002  21.916  -6.228  1.000 143.516 0 132 GLU AAA CD  1 
ATOM   694  O  OE1 . GLU A 1 132 ? -4.922  21.278  -5.659  1.000 138.553 0 132 GLU AAA OE1 1 
ATOM   695  O  OE2 . GLU A 1 132 ? -4.062  22.322  -7.415  1.000 157.586 0 132 GLU AAA OE2 1 
ATOM   696  N  N   . LYS A 1 133 ? -0.746  20.821  -1.464  1.000 89.339  0 133 LYS AAA N   1 
ATOM   697  C  CA  . LYS A 1 133 ? -0.351  21.403  -0.151  1.000 86.581  0 133 LYS AAA CA  1 
ATOM   698  C  C   . LYS A 1 133 ? 0.460   20.377  0.641   1.000 82.401  0 133 LYS AAA C   1 
ATOM   699  O  O   . LYS A 1 133 ? 0.128   20.047  1.771   1.000 82.488  0 133 LYS AAA O   1 
ATOM   700  C  CB  . LYS A 1 133 ? -1.594  21.878  0.608   1.000 90.729  0 133 LYS AAA CB  1 
ATOM   701  C  CG  . LYS A 1 133 ? -2.514  22.795  -0.191  1.000 105.000 0 133 LYS AAA CG  1 
ATOM   702  C  CD  . LYS A 1 133 ? -3.380  23.701  0.661   1.000 121.830 0 133 LYS AAA CD  1 
ATOM   703  C  CE  . LYS A 1 133 ? -2.601  24.738  1.455   1.000 138.217 0 133 LYS AAA CE  1 
ATOM   704  N  NZ  . LYS A 1 133 ? -1.914  25.728  0.587   1.000 145.652 0 133 LYS AAA NZ  1 
ATOM   705  N  N   . PRO A 1 134 ? 1.585   19.879  0.088   1.000 80.523  0 134 PRO AAA N   1 
ATOM   706  C  CA  . PRO A 1 134 ? 2.386   18.832  0.737   1.000 76.492  0 134 PRO AAA CA  1 
ATOM   707  C  C   . PRO A 1 134 ? 2.980   19.148  2.118   1.000 81.611  0 134 PRO AAA C   1 
ATOM   708  O  O   . PRO A 1 134 ? 3.424   18.249  2.794   1.000 80.715  0 134 PRO AAA O   1 
ATOM   709  C  CB  . PRO A 1 134 ? 3.572   18.640  -0.219  1.000 71.268  0 134 PRO AAA CB  1 
ATOM   710  C  CG  . PRO A 1 134 ? 3.598   19.900  -1.054  1.000 71.474  0 134 PRO AAA CG  1 
ATOM   711  C  CD  . PRO A 1 134 ? 2.151   20.312  -1.198  1.000 72.185  0 134 PRO AAA CD  1 
ATOM   712  N  N   . GLU A 1 135 ? 3.035   20.425  2.479   1.000 97.541  0 135 GLU AAA N   1 
ATOM   713  C  CA  . GLU A 1 135 ? 3.453   20.891  3.827   1.000 98.839  0 135 GLU AAA CA  1 
ATOM   714  C  C   . GLU A 1 135 ? 2.553   20.208  4.873   1.000 102.617 0 135 GLU AAA C   1 
ATOM   715  O  O   . GLU A 1 135 ? 3.067   19.886  5.969   1.000 112.337 0 135 GLU AAA O   1 
ATOM   716  C  CB  . GLU A 1 135 ? 3.416   22.426  3.862   1.000 95.539  0 135 GLU AAA CB  1 
ATOM   717  C  CG  . GLU A 1 135 ? 2.102   23.042  3.374   1.000 97.347  0 135 GLU AAA CG  1 
ATOM   718  C  CD  . GLU A 1 135 ? 1.981   23.515  1.923   1.000 101.180 0 135 GLU AAA CD  1 
ATOM   719  O  OE1 . GLU A 1 135 ? 2.901   23.278  1.103   1.000 91.937  0 135 GLU AAA OE1 1 
ATOM   720  O  OE2 . GLU A 1 135 ? 0.941   24.137  1.607   1.000 106.114 0 135 GLU AAA OE2 1 
ATOM   721  N  N   . LEU A 1 136 ? 1.283   19.944  4.518   1.000 93.720  0 136 LEU AAA N   1 
ATOM   722  C  CA  . LEU A 1 136 ? 0.244   19.340  5.404   1.000 95.403  0 136 LEU AAA CA  1 
ATOM   723  C  C   . LEU A 1 136 ? 0.281   17.801  5.358   1.000 88.040  0 136 LEU AAA C   1 
ATOM   724  O  O   . LEU A 1 136 ? -0.655  17.194  5.906   1.000 75.490  0 136 LEU AAA O   1 
ATOM   725  C  CB  . LEU A 1 136 ? -1.154  19.835  4.995   1.000 97.209  0 136 LEU AAA CB  1 
ATOM   726  C  CG  . LEU A 1 136 ? -1.364  21.349  4.865   1.000 102.465 0 136 LEU AAA CG  1 
ATOM   727  C  CD1 . LEU A 1 136 ? -2.851  21.692  4.864   1.000 87.863  0 136 LEU AAA CD1 1 
ATOM   728  C  CD2 . LEU A 1 136 ? -0.642  22.127  5.963   1.000 105.730 0 136 LEU AAA CD2 1 
ATOM   729  N  N   . LEU A 1 137 ? 1.292   17.179  4.740   1.000 84.368  0 137 LEU AAA N   1 
ATOM   730  C  CA  . LEU A 1 137 ? 1.478   15.699  4.777   1.000 87.668  0 137 LEU AAA CA  1 
ATOM   731  C  C   . LEU A 1 137 ? 2.374   15.347  5.966   1.000 89.194  0 137 LEU AAA C   1 
ATOM   732  O  O   . LEU A 1 137 ? 3.500   14.881  5.706   1.000 90.269  0 137 LEU AAA O   1 
ATOM   733  C  CB  . LEU A 1 137 ? 2.119   15.198  3.474   1.000 91.669  0 137 LEU AAA CB  1 
ATOM   734  C  CG  . LEU A 1 137 ? 1.226   15.170  2.232   1.000 96.587  0 137 LEU AAA CG  1 
ATOM   735  C  CD1 . LEU A 1 137 ? 2.000   14.703  1.010   1.000 86.688  0 137 LEU AAA CD1 1 
ATOM   736  C  CD2 . LEU A 1 137 ? 0.015   14.276  2.451   1.000 105.030 0 137 LEU AAA CD2 1 
ATOM   737  N  N   . LYS A 1 138 ? 1.903   15.544  7.205   1.000 88.539  0 138 LYS AAA N   1 
ATOM   738  C  CA  . LYS A 1 138 ? 2.747   15.426  8.429   1.000 90.455  0 138 LYS AAA CA  1 
ATOM   739  C  C   . LYS A 1 138 ? 3.105   13.963  8.699   1.000 90.083  0 138 LYS AAA C   1 
ATOM   740  O  O   . LYS A 1 138 ? 4.322   13.666  8.766   1.000 84.788  0 138 LYS AAA O   1 
ATOM   741  C  CB  . LYS A 1 138 ? 2.069   16.034  9.661   1.000 101.479 0 138 LYS AAA CB  1 
ATOM   742  C  CG  . LYS A 1 138 ? 2.556   17.430  10.021  1.000 118.516 0 138 LYS AAA CG  1 
ATOM   743  C  CD  . LYS A 1 138 ? 1.729   18.530  9.403   1.000 118.287 0 138 LYS AAA CD  1 
ATOM   744  C  CE  . LYS A 1 138 ? 2.505   19.814  9.230   1.000 117.565 0 138 LYS AAA CE  1 
ATOM   745  N  NZ  . LYS A 1 138 ? 1.574   20.933  8.980   1.000 122.388 0 138 LYS AAA NZ  1 
ATOM   746  N  N   . LEU A 1 139 ? 2.084   13.113  8.877   1.000 100.370 0 139 LEU AAA N   1 
ATOM   747  C  CA  . LEU A 1 139 ? 2.199   11.669  9.246   1.000 99.408  0 139 LEU AAA CA  1 
ATOM   748  C  C   . LEU A 1 139 ? 1.634   10.786  8.130   1.000 91.039  0 139 LEU AAA C   1 
ATOM   749  O  O   . LEU A 1 139 ? 0.832   11.253  7.316   1.000 82.964  0 139 LEU AAA O   1 
ATOM   750  C  CB  . LEU A 1 139 ? 1.432   11.396  10.544  1.000 105.505 0 139 LEU AAA CB  1 
ATOM   751  C  CG  . LEU A 1 139 ? 2.284   11.328  11.808  1.000 123.022 0 139 LEU AAA CG  1 
ATOM   752  C  CD1 . LEU A 1 139 ? 2.821   12.705  12.192  1.000 138.647 0 139 LEU AAA CD1 1 
ATOM   753  C  CD2 . LEU A 1 139 ? 1.480   10.734  12.950  1.000 127.293 0 139 LEU AAA CD2 1 
ATOM   754  N  N   . LEU A 1 140 ? 2.015   9.520   8.140   1.000 86.966  0 140 LEU AAA N   1 
ATOM   755  C  CA  . LEU A 1 140 ? 1.464   8.492   7.233   1.000 83.036  0 140 LEU AAA CA  1 
ATOM   756  C  C   . LEU A 1 140 ? 0.949   7.352   8.099   1.000 81.245  0 140 LEU AAA C   1 
ATOM   757  O  O   . LEU A 1 140 ? 1.783   6.705   8.763   1.000 84.671  0 140 LEU AAA O   1 
ATOM   758  C  CB  . LEU A 1 140 ? 2.592   8.022   6.313   1.000 90.528  0 140 LEU AAA CB  1 
ATOM   759  C  CG  . LEU A 1 140 ? 2.259   6.841   5.402   1.000 92.972  0 140 LEU AAA CG  1 
ATOM   760  C  CD1 . LEU A 1 140 ? 1.237   7.224   4.332   1.000 90.640  0 140 LEU AAA CD1 1 
ATOM   761  C  CD2 . LEU A 1 140 ? 3.525   6.302   4.761   1.000 90.965  0 140 LEU AAA CD2 1 
ATOM   762  N  N   . THR A 1 141 ? -0.357  7.107   8.090   1.000 77.341  0 141 THR AAA N   1 
ATOM   763  C  CA  . THR A 1 141 ? -0.939  5.950   8.809   1.000 81.822  0 141 THR AAA CA  1 
ATOM   764  C  C   . THR A 1 141 ? -1.274  4.818   7.822   1.000 83.152  0 141 THR AAA C   1 
ATOM   765  O  O   . THR A 1 141 ? -1.976  5.036   6.778   1.000 83.738  0 141 THR AAA O   1 
ATOM   766  C  CB  . THR A 1 141 ? -2.104  6.370   9.708   1.000 91.936  0 141 THR AAA CB  1 
ATOM   767  O  OG1 . THR A 1 141 ? -2.270  5.306   10.650  1.000 103.496 0 141 THR AAA OG1 1 
ATOM   768  C  CG2 . THR A 1 141 ? -3.386  6.639   8.953   1.000 96.583  0 141 THR AAA CG2 1 
ATOM   769  N  N   . LEU A 1 142 ? -0.766  3.635   8.161   1.000 69.333  0 142 LEU AAA N   1 
ATOM   770  C  CA  . LEU A 1 142 ? -1.207  2.345   7.591   1.000 76.221  0 142 LEU AAA CA  1 
ATOM   771  C  C   . LEU A 1 142 ? -2.294  1.741   8.492   1.000 71.936  0 142 LEU AAA C   1 
ATOM   772  O  O   . LEU A 1 142 ? -2.490  0.527   8.474   1.000 73.894  0 142 LEU AAA O   1 
ATOM   773  C  CB  . LEU A 1 142 ? 0.032   1.448   7.477   1.000 85.585  0 142 LEU AAA CB  1 
ATOM   774  C  CG  . LEU A 1 142 ? 0.923   1.704   6.259   1.000 82.442  0 142 LEU AAA CG  1 
ATOM   775  C  CD1 . LEU A 1 142 ? 0.191   1.357   4.978   1.000 85.616  0 142 LEU AAA CD1 1 
ATOM   776  C  CD2 . LEU A 1 142 ? 1.389   3.146   6.202   1.000 89.719  0 142 LEU AAA CD2 1 
ATOM   777  N  N   . ALA A 1 143 ? -2.984  2.548   9.286   1.000 75.721  0 143 ALA AAA N   1 
ATOM   778  C  CA  . ALA A 1 143 ? -4.059  2.049   10.166  1.000 73.405  0 143 ALA AAA CA  1 
ATOM   779  C  C   . ALA A 1 143 ? -5.122  1.411   9.276   1.000 72.074  0 143 ALA AAA C   1 
ATOM   780  O  O   . ALA A 1 143 ? -5.323  0.191   9.364   1.000 77.346  0 143 ALA AAA O   1 
ATOM   781  C  CB  . ALA A 1 143 ? -4.612  3.173   10.988  1.000 81.283  0 143 ALA AAA CB  1 
ATOM   782  N  N   . GLU A 1 144 ? -5.687  2.209   8.374   1.000 73.296  0 144 GLU AAA N   1 
ATOM   783  C  CA  . GLU A 1 144 ? -6.671  1.764   7.355   1.000 76.401  0 144 GLU AAA CA  1 
ATOM   784  C  C   . GLU A 1 144 ? -6.179  0.522   6.602   1.000 67.982  0 144 GLU AAA C   1 
ATOM   785  O  O   . GLU A 1 144 ? -7.019  -0.291  6.211   1.000 63.399  0 144 GLU AAA O   1 
ATOM   786  C  CB  . GLU A 1 144 ? -6.937  2.891   6.359   1.000 85.382  0 144 GLU AAA CB  1 
ATOM   787  C  CG  . GLU A 1 144 ? -8.163  3.689   6.721   1.000 96.198  0 144 GLU AAA CG  1 
ATOM   788  C  CD  . GLU A 1 144 ? -9.418  2.835   6.717   1.000 114.749 0 144 GLU AAA CD  1 
ATOM   789  O  OE1 . GLU A 1 144 ? -10.122 2.796   7.747   1.000 119.764 0 144 GLU AAA OE1 1 
ATOM   790  O  OE2 . GLU A 1 144 ? -9.672  2.188   5.682   1.000 135.769 0 144 GLU AAA OE2 1 
ATOM   791  N  N   . PHE A 1 145 ? -4.884  0.403   6.322   1.000 71.651  0 145 PHE AAA N   1 
ATOM   792  C  CA  . PHE A 1 145 ? -4.375  -0.745  5.535   1.000 69.342  0 145 PHE AAA CA  1 
ATOM   793  C  C   . PHE A 1 145 ? -4.612  -2.012  6.366   1.000 71.404  0 145 PHE AAA C   1 
ATOM   794  O  O   . PHE A 1 145 ? -5.187  -2.985  5.846   1.000 73.770  0 145 PHE AAA O   1 
ATOM   795  C  CB  . PHE A 1 145 ? -2.918  -0.530  5.109   1.000 73.136  0 145 PHE AAA CB  1 
ATOM   796  C  CG  . PHE A 1 145 ? -2.388  -1.611  4.201   1.000 67.831  0 145 PHE AAA CG  1 
ATOM   797  C  CD1 . PHE A 1 145 ? -1.937  -2.813  4.721   1.000 71.305  0 145 PHE AAA CD1 1 
ATOM   798  C  CD2 . PHE A 1 145 ? -2.384  -1.440  2.830   1.000 68.911  0 145 PHE AAA CD2 1 
ATOM   799  C  CE1 . PHE A 1 145 ? -1.492  -3.820  3.881   1.000 78.207  0 145 PHE AAA CE1 1 
ATOM   800  C  CE2 . PHE A 1 145 ? -1.954  -2.452  1.991   1.000 71.309  0 145 PHE AAA CE2 1 
ATOM   801  C  CZ  . PHE A 1 145 ? -1.507  -3.641  2.516   1.000 75.249  0 145 PHE AAA CZ  1 
ATOM   802  N  N   . PHE A 1 146 ? -4.247  -1.977  7.646   1.000 66.437  0 146 PHE AAA N   1 
ATOM   803  C  CA  . PHE A 1 146 ? -4.311  -3.153  8.554   1.000 67.838  0 146 PHE AAA CA  1 
ATOM   804  C  C   . PHE A 1 146 ? -5.776  -3.537  8.820   1.000 69.826  0 146 PHE AAA C   1 
ATOM   805  O  O   . PHE A 1 146 ? -6.124  -4.739  8.818   1.000 74.846  0 146 PHE AAA O   1 
ATOM   806  C  CB  . PHE A 1 146 ? -3.527  -2.843  9.826   1.000 66.408  0 146 PHE AAA CB  1 
ATOM   807  C  CG  . PHE A 1 146 ? -2.027  -2.868  9.657   1.000 59.122  0 146 PHE AAA CG  1 
ATOM   808  C  CD1 . PHE A 1 146 ? -1.396  -3.981  9.133   1.000 60.238  0 146 PHE AAA CD1 1 
ATOM   809  C  CD2 . PHE A 1 146 ? -1.250  -1.788  10.045  1.000 60.287  0 146 PHE AAA CD2 1 
ATOM   810  C  CE1 . PHE A 1 146 ? -0.020  -4.020  8.995   1.000 63.640  0 146 PHE AAA CE1 1 
ATOM   811  C  CE2 . PHE A 1 146 ? 0.124   -1.818  9.900   1.000 64.521  0 146 PHE AAA CE2 1 
ATOM   812  C  CZ  . PHE A 1 146 ? 0.736   -2.939  9.383   1.000 70.665  0 146 PHE AAA CZ  1 
ATOM   813  N  N   . LYS A 1 147 ? -6.609  -2.526  9.040   1.000 69.976  0 147 LYS AAA N   1 
ATOM   814  C  CA  . LYS A 1 147 ? -8.096  -2.603  9.031   1.000 70.853  0 147 LYS AAA CA  1 
ATOM   815  C  C   . LYS A 1 147 ? -8.557  -3.445  7.833   1.000 66.009  0 147 LYS AAA C   1 
ATOM   816  O  O   . LYS A 1 147 ? -9.244  -4.445  8.048   1.000 72.079  0 147 LYS AAA O   1 
ATOM   817  C  CB  . LYS A 1 147 ? -8.690  -1.187  8.952   1.000 79.385  0 147 LYS AAA CB  1 
ATOM   818  C  CG  . LYS A 1 147 ? -9.618  -0.769  10.082  1.000 87.176  0 147 LYS AAA CG  1 
ATOM   819  C  CD  . LYS A 1 147 ? -10.974 -0.307  9.597   1.000 98.342  0 147 LYS AAA CD  1 
ATOM   820  C  CE  . LYS A 1 147 ? -11.839 -1.462  9.125   1.000 108.609 0 147 LYS AAA CE  1 
ATOM   821  N  NZ  . LYS A 1 147 ? -12.897 -1.012  8.190   1.000 117.098 0 147 LYS AAA NZ  1 
ATOM   822  N  N   . ARG A 1 148 ? -8.186  -3.071  6.607   1.000 64.052  0 148 ARG AAA N   1 
ATOM   823  C  CA  . ARG A 1 148 ? -8.811  -3.631  5.377   1.000 66.927  0 148 ARG AAA CA  1 
ATOM   824  C  C   . ARG A 1 148 ? -8.112  -4.916  4.903   1.000 66.800  0 148 ARG AAA C   1 
ATOM   825  O  O   . ARG A 1 148 ? -8.752  -5.667  4.161   1.000 63.086  0 148 ARG AAA O   1 
ATOM   826  C  CB  . ARG A 1 148 ? -8.825  -2.577  4.274   1.000 71.644  0 148 ARG AAA CB  1 
ATOM   827  C  CG  . ARG A 1 148 ? -9.954  -1.576  4.434   1.000 80.935  0 148 ARG AAA CG  1 
ATOM   828  C  CD  . ARG A 1 148 ? -9.737  -0.309  3.645   1.000 94.735  0 148 ARG AAA CD  1 
ATOM   829  N  NE  . ARG A 1 148 ? -10.737 0.689   4.007   1.000 107.463 0 148 ARG AAA NE  1 
ATOM   830  C  CZ  . ARG A 1 148 ? -11.637 1.220   3.182   1.000 108.965 0 148 ARG AAA CZ  1 
ATOM   831  N  NH1 . ARG A 1 148 ? -11.667 0.856   1.908   1.000 123.906 0 148 ARG AAA NH1 1 
ATOM   832  N  NH2 . ARG A 1 148 ? -12.494 2.126   3.640   1.000 94.044  0 148 ARG AAA NH2 1 
ATOM   833  N  N   . PHE A 1 149 ? -6.856  -5.161  5.287   1.000 60.878  0 149 PHE AAA N   1 
ATOM   834  C  CA  . PHE A 1 149 ? -6.133  -6.423  4.988   1.000 63.465  0 149 PHE AAA CA  1 
ATOM   835  C  C   . PHE A 1 149 ? -5.577  -6.998  6.279   1.000 65.455  0 149 PHE AAA C   1 
ATOM   836  O  O   . PHE A 1 149 ? -4.377  -7.050  6.484   1.000 68.351  0 149 PHE AAA O   1 
ATOM   837  C  CB  . PHE A 1 149 ? -5.031  -6.192  3.958   1.000 67.404  0 149 PHE AAA CB  1 
ATOM   838  C  CG  . PHE A 1 149 ? -5.513  -5.692  2.623   1.000 60.373  0 149 PHE AAA CG  1 
ATOM   839  C  CD1 . PHE A 1 149 ? -6.153  -6.543  1.738   1.000 66.080  0 149 PHE AAA CD1 1 
ATOM   840  C  CD2 . PHE A 1 149 ? -5.314  -4.380  2.251   1.000 58.597  0 149 PHE AAA CD2 1 
ATOM   841  C  CE1 . PHE A 1 149 ? -6.605  -6.085  0.510   1.000 64.733  0 149 PHE AAA CE1 1 
ATOM   842  C  CE2 . PHE A 1 149 ? -5.767  -3.923  1.026   1.000 66.080  0 149 PHE AAA CE2 1 
ATOM   843  C  CZ  . PHE A 1 149 ? -6.389  -4.780  0.149   1.000 63.995  0 149 PHE AAA CZ  1 
ATOM   844  N  N   . PRO A 1 150 ? -6.448  -7.461  7.191   1.000 77.292  0 150 PRO AAA N   1 
ATOM   845  C  CA  . PRO A 1 150 ? -6.010  -7.835  8.534   1.000 72.943  0 150 PRO AAA CA  1 
ATOM   846  C  C   . PRO A 1 150 ? -5.021  -9.014  8.597   1.000 65.649  0 150 PRO AAA C   1 
ATOM   847  O  O   . PRO A 1 150 ? -4.311  -9.077  9.567   1.000 64.833  0 150 PRO AAA O   1 
ATOM   848  C  CB  . PRO A 1 150 ? -7.350  -8.164  9.203   1.000 74.089  0 150 PRO AAA CB  1 
ATOM   849  C  CG  . PRO A 1 150 ? -8.196  -8.668  8.058   1.000 72.369  0 150 PRO AAA CG  1 
ATOM   850  C  CD  . PRO A 1 150 ? -7.889  -7.668  6.974   1.000 75.072  0 150 PRO AAA CD  1 
ATOM   851  N  N   . ALA A 1 151 ? -4.931  -9.869  7.568   1.000 64.777  0 151 ALA AAA N   1 
ATOM   852  C  CA  . ALA A 1 151 ? -3.926  -10.970 7.504   1.000 61.118  0 151 ALA AAA CA  1 
ATOM   853  C  C   . ALA A 1 151 ? -2.489  -10.428 7.399   1.000 62.152  0 151 ALA AAA C   1 
ATOM   854  O  O   . ALA A 1 151 ? -1.561  -11.229 7.452   1.000 69.230  0 151 ALA AAA O   1 
ATOM   855  C  CB  . ALA A 1 151 ? -4.229  -11.871 6.346   1.000 65.103  0 151 ALA AAA CB  1 
ATOM   856  N  N   . THR A 1 152 ? -2.318  -9.116  7.260   1.000 60.650  0 152 THR AAA N   1 
ATOM   857  C  CA  . THR A 1 152 ? -1.016  -8.417  7.268   1.000 66.283  0 152 THR AAA CA  1 
ATOM   858  C  C   . THR A 1 152 ? -0.620  -8.067  8.707   1.000 73.456  0 152 THR AAA C   1 
ATOM   859  O  O   . THR A 1 152 ? -1.318  -7.253  9.342   1.000 75.824  0 152 THR AAA O   1 
ATOM   860  C  CB  . THR A 1 152 ? -1.068  -7.171  6.375   1.000 66.576  0 152 THR AAA CB  1 
ATOM   861  O  OG1 . THR A 1 152 ? -1.917  -7.420  5.251   1.000 59.801  0 152 THR AAA OG1 1 
ATOM   862  C  CG2 . THR A 1 152 ? 0.305   -6.781  5.875   1.000 64.667  0 152 THR AAA CG2 1 
ATOM   863  N  N   . GLN A 1 153 ? 0.499   -8.637  9.168   1.000 81.996  0 153 GLN AAA N   1 
ATOM   864  C  CA  . GLN A 1 153 ? 1.059   -8.477  10.538  1.000 88.014  0 153 GLN AAA CA  1 
ATOM   865  C  C   . GLN A 1 153 ? 2.069   -7.333  10.548  1.000 78.708  0 153 GLN AAA C   1 
ATOM   866  O  O   . GLN A 1 153 ? 2.145   -6.637  11.570  1.000 84.731  0 153 GLN AAA O   1 
ATOM   867  C  CB  . GLN A 1 153 ? 1.700   -9.790  11.011  1.000 94.897  0 153 GLN AAA CB  1 
ATOM   868  C  CG  . GLN A 1 153 ? 0.674   -10.794 11.536  1.000 113.606 0 153 GLN AAA CG  1 
ATOM   869  C  CD  . GLN A 1 153 ? 0.735   -12.153 10.875  1.000 126.051 0 153 GLN AAA CD  1 
ATOM   870  O  OE1 . GLN A 1 153 ? 1.782   -12.798 10.826  1.000 134.054 0 153 GLN AAA OE1 1 
ATOM   871  N  NE2 . GLN A 1 153 ? -0.403  -12.613 10.372  1.000 129.193 0 153 GLN AAA NE2 1 
ATOM   872  N  N   . LYS A 1 154 ? 2.811   -7.156  9.453   1.000 87.575  0 154 LYS AAA N   1 
ATOM   873  C  CA  . LYS A 1 154 ? 3.930   -6.180  9.355   1.000 85.236  0 154 LYS AAA CA  1 
ATOM   874  C  C   . LYS A 1 154 ? 4.063   -5.616  7.930   1.000 78.093  0 154 LYS AAA C   1 
ATOM   875  O  O   . LYS A 1 154 ? 3.916   -6.349  6.955   1.000 77.526  0 154 LYS AAA O   1 
ATOM   876  C  CB  . LYS A 1 154 ? 5.221   -6.866  9.801   1.000 84.997  0 154 LYS AAA CB  1 
ATOM   877  C  CG  . LYS A 1 154 ? 6.448   -5.970  9.812   1.000 98.196  0 154 LYS AAA CG  1 
ATOM   878  C  CD  . LYS A 1 154 ? 7.544   -6.424  10.755  1.000 102.646 0 154 LYS AAA CD  1 
ATOM   879  C  CE  . LYS A 1 154 ? 8.033   -7.836  10.504  1.000 113.798 0 154 LYS AAA CE  1 
ATOM   880  N  NZ  . LYS A 1 154 ? 8.372   -8.511  11.781  1.000 127.843 0 154 LYS AAA NZ  1 
ATOM   881  N  N   . ILE A 1 155 ? 4.343   -4.325  7.844   1.000 72.728  0 155 ILE AAA N   1 
ATOM   882  C  CA  . ILE A 1 155 ? 4.735   -3.596  6.611   1.000 70.535  0 155 ILE AAA CA  1 
ATOM   883  C  C   . ILE A 1 155 ? 6.136   -3.030  6.846   1.000 72.197  0 155 ILE AAA C   1 
ATOM   884  O  O   . ILE A 1 155 ? 6.338   -2.388  7.884   1.000 80.344  0 155 ILE AAA O   1 
ATOM   885  C  CB  . ILE A 1 155 ? 3.736   -2.457  6.336   1.000 72.633  0 155 ILE AAA CB  1 
ATOM   886  C  CG1 . ILE A 1 155 ? 2.355   -2.976  5.940   1.000 72.320  0 155 ILE AAA CG1 1 
ATOM   887  C  CG2 . ILE A 1 155 ? 4.286   -1.498  5.293   1.000 82.810  0 155 ILE AAA CG2 1 
ATOM   888  C  CD1 . ILE A 1 155 ? 1.254   -1.966  6.154   1.000 67.850  0 155 ILE AAA CD1 1 
ATOM   889  N  N   . GLN A 1 156 ? 7.058   -3.191  5.905   1.000 78.397  0 156 GLN AAA N   1 
ATOM   890  C  CA  . GLN A 1 156 ? 8.415   -2.591  6.014   1.000 73.834  0 156 GLN AAA CA  1 
ATOM   891  C  C   . GLN A 1 156 ? 8.490   -1.415  5.050   1.000 69.235  0 156 GLN AAA C   1 
ATOM   892  O  O   . GLN A 1 156 ? 8.324   -1.617  3.824   1.000 76.214  0 156 GLN AAA O   1 
ATOM   893  C  CB  . GLN A 1 156 ? 9.484   -3.629  5.714   1.000 77.788  0 156 GLN AAA CB  1 
ATOM   894  C  CG  . GLN A 1 156 ? 9.056   -5.017  6.147   1.000 83.076  0 156 GLN AAA CG  1 
ATOM   895  C  CD  . GLN A 1 156 ? 10.228  -5.948  6.289   1.000 85.032  0 156 GLN AAA CD  1 
ATOM   896  O  OE1 . GLN A 1 156 ? 10.790  -6.069  7.375   1.000 97.119  0 156 GLN AAA OE1 1 
ATOM   897  N  NE2 . GLN A 1 156 ? 10.602  -6.596  5.194   1.000 83.962  0 156 GLN AAA NE2 1 
ATOM   898  N  N   . VAL A 1 157 ? 8.715   -0.240  5.618   1.000 67.635  0 157 VAL AAA N   1 
ATOM   899  C  CA  . VAL A 1 157 ? 8.712   1.070   4.914   1.000 70.292  0 157 VAL AAA CA  1 
ATOM   900  C  C   . VAL A 1 157 ? 10.147  1.552   4.670   1.000 77.062  0 157 VAL AAA C   1 
ATOM   901  O  O   . VAL A 1 157 ? 10.906  1.691   5.646   1.000 72.314  0 157 VAL AAA O   1 
ATOM   902  C  CB  . VAL A 1 157 ? 7.946   2.102   5.745   1.000 71.074  0 157 VAL AAA CB  1 
ATOM   903  C  CG1 . VAL A 1 157 ? 8.168   3.495   5.196   1.000 80.790  0 157 VAL AAA CG1 1 
ATOM   904  C  CG2 . VAL A 1 157 ? 6.469   1.762   5.812   1.000 72.777  0 157 VAL AAA CG2 1 
ATOM   905  N  N   . GLN A 1 158 ? 10.489  1.794   3.404   1.000 80.429  0 158 GLN AAA N   1 
ATOM   906  C  CA  . GLN A 1 158 ? 11.534  2.761   2.987   1.000 75.123  0 158 GLN AAA CA  1 
ATOM   907  C  C   . GLN A 1 158 ? 10.839  4.089   2.717   1.000 67.724  0 158 GLN AAA C   1 
ATOM   908  O  O   . GLN A 1 158 ? 9.861   4.104   1.979   1.000 79.796  0 158 GLN AAA O   1 
ATOM   909  C  CB  . GLN A 1 158 ? 12.209  2.303   1.699   1.000 90.034  0 158 GLN AAA CB  1 
ATOM   910  C  CG  . GLN A 1 158 ? 13.113  1.099   1.886   1.000 96.004  0 158 GLN AAA CG  1 
ATOM   911  C  CD  . GLN A 1 158 ? 14.509  1.593   2.132   1.000 96.405  0 158 GLN AAA CD  1 
ATOM   912  O  OE1 . GLN A 1 158 ? 15.211  1.979   1.205   1.000 107.078 0 158 GLN AAA OE1 1 
ATOM   913  N  NE2 . GLN A 1 158 ? 14.891  1.634   3.396   1.000 100.634 0 158 GLN AAA NE2 1 
ATOM   914  N  N   . LEU A 1 159 ? 11.296  5.166   3.319   1.000 70.470  0 159 LEU AAA N   1 
ATOM   915  C  CA  . LEU A 1 159 ? 10.901  6.523   2.882   1.000 72.971  0 159 LEU AAA CA  1 
ATOM   916  C  C   . LEU A 1 159 ? 12.151  7.229   2.348   1.000 73.470  0 159 LEU AAA C   1 
ATOM   917  O  O   . LEU A 1 159 ? 13.245  6.996   2.872   1.000 90.574  0 159 LEU AAA O   1 
ATOM   918  C  CB  . LEU A 1 159 ? 10.271  7.265   4.057   1.000 72.457  0 159 LEU AAA CB  1 
ATOM   919  C  CG  . LEU A 1 159 ? 10.028  8.751   3.818   1.000 83.988  0 159 LEU AAA CG  1 
ATOM   920  C  CD1 . LEU A 1 159 ? 8.997   8.973   2.718   1.000 93.907  0 159 LEU AAA CD1 1 
ATOM   921  C  CD2 . LEU A 1 159 ? 9.571   9.416   5.099   1.000 89.771  0 159 LEU AAA CD2 1 
ATOM   922  N  N   . ILE A 1 160 ? 12.000  8.014   1.293   1.000 74.781  0 160 ILE AAA N   1 
ATOM   923  C  CA  . ILE A 1 160 ? 13.072  8.903   0.782   1.000 78.861  0 160 ILE AAA CA  1 
ATOM   924  C  C   . ILE A 1 160 ? 12.435  10.263  0.487   1.000 74.441  0 160 ILE AAA C   1 
ATOM   925  O  O   . ILE A 1 160 ? 11.409  10.265  -0.167  1.000 72.713  0 160 ILE AAA O   1 
ATOM   926  C  CB  . ILE A 1 160 ? 13.726  8.252   -0.446  1.000 83.408  0 160 ILE AAA CB  1 
ATOM   927  C  CG1 . ILE A 1 160 ? 15.041  8.934   -0.814  1.000 84.021  0 160 ILE AAA CG1 1 
ATOM   928  C  CG2 . ILE A 1 160 ? 12.769  8.193   -1.624  1.000 97.792  0 160 ILE AAA CG2 1 
ATOM   929  C  CD1 . ILE A 1 160 ? 16.233  8.194   -0.291  1.000 92.184  0 160 ILE AAA CD1 1 
ATOM   930  N  N   . GLY A 1 161 ? 12.983  11.351  1.030   1.000 81.630  0 161 GLY AAA N   1 
ATOM   931  C  CA  . GLY A 1 161 ? 12.629  12.734  0.658   1.000 82.276  0 161 GLY AAA CA  1 
ATOM   932  C  C   . GLY A 1 161 ? 13.886  13.544  0.357   1.000 84.934  0 161 GLY AAA C   1 
ATOM   933  O  O   . GLY A 1 161 ? 14.975  12.995  0.317   1.000 84.938  0 161 GLY AAA O   1 
ATOM   934  N  N   . PRO A 1 162 ? 13.807  14.872  0.125   1.000 95.346  0 162 PRO AAA N   1 
ATOM   935  C  CA  . PRO A 1 162 ? 15.017  15.681  -0.031  1.000 91.343  0 162 PRO AAA CA  1 
ATOM   936  C  C   . PRO A 1 162 ? 15.814  15.806  1.282   1.000 88.810  0 162 PRO AAA C   1 
ATOM   937  O  O   . PRO A 1 162 ? 16.970  16.146  1.202   1.000 95.142  0 162 PRO AAA O   1 
ATOM   938  C  CB  . PRO A 1 162 ? 14.467  17.025  -0.541  1.000 89.133  0 162 PRO AAA CB  1 
ATOM   939  C  CG  . PRO A 1 162 ? 13.067  16.697  -1.051  1.000 82.931  0 162 PRO AAA CG  1 
ATOM   940  C  CD  . PRO A 1 162 ? 12.580  15.660  -0.064  1.000 92.843  0 162 PRO AAA CD  1 
ATOM   941  N  N   . ASP A 1 163 ? 15.179  15.488  2.420   1.000 86.267  0 163 ASP AAA N   1 
ATOM   942  C  CA  . ASP A 1 163 ? 15.749  15.372  3.797   1.000 88.248  0 163 ASP AAA CA  1 
ATOM   943  C  C   . ASP A 1 163 ? 16.661  14.135  3.988   1.000 78.442  0 163 ASP AAA C   1 
ATOM   944  O  O   . ASP A 1 163 ? 17.486  14.160  4.917   1.000 79.970  0 163 ASP AAA O   1 
ATOM   945  C  CB  . ASP A 1 163 ? 14.597  15.251  4.802   1.000 103.798 0 163 ASP AAA CB  1 
ATOM   946  C  CG  . ASP A 1 163 ? 13.632  14.113  4.442   1.000 125.043 0 163 ASP AAA CG  1 
ATOM   947  O  OD1 . ASP A 1 163 ? 13.085  14.132  3.297   1.000 101.056 0 163 ASP AAA OD1 1 
ATOM   948  O  OD2 . ASP A 1 163 ? 13.453  13.186  5.283   1.000 118.312 0 163 ASP AAA OD2 1 
ATOM   949  N  N   . GLY A 1 164 ? 16.479  13.045  3.233   1.000 78.412  0 164 GLY AAA N   1 
ATOM   950  C  CA  . GLY A 1 164 ? 17.229  11.781  3.423   1.000 80.524  0 164 GLY AAA CA  1 
ATOM   951  C  C   . GLY A 1 164 ? 16.357  10.527  3.365   1.000 82.614  0 164 GLY AAA C   1 
ATOM   952  O  O   . GLY A 1 164 ? 15.265  10.572  2.756   1.000 81.595  0 164 GLY AAA O   1 
ATOM   953  N  N   . GLN A 1 165 ? 16.829  9.430   3.968   1.000 87.164  0 165 GLN AAA N   1 
ATOM   954  C  CA  . GLN A 1 165 ? 16.200  8.080   3.902   1.000 89.144  0 165 GLN AAA CA  1 
ATOM   955  C  C   . GLN A 1 165 ? 15.794  7.684   5.326   1.000 89.718  0 165 GLN AAA C   1 
ATOM   956  O  O   . GLN A 1 165 ? 16.620  7.897   6.237   1.000 105.301 0 165 GLN AAA O   1 
ATOM   957  C  CB  . GLN A 1 165 ? 17.171  7.113   3.214   1.000 88.603  0 165 GLN AAA CB  1 
ATOM   958  C  CG  . GLN A 1 165 ? 16.653  5.694   3.015   1.000 94.034  0 165 GLN AAA CG  1 
ATOM   959  C  CD  . GLN A 1 165 ? 17.071  4.796   4.153   1.000 102.571 0 165 GLN AAA CD  1 
ATOM   960  O  OE1 . GLN A 1 165 ? 18.184  4.889   4.672   1.000 99.062  0 165 GLN AAA OE1 1 
ATOM   961  N  NE2 . GLN A 1 165 ? 16.165  3.930   4.571   1.000 109.797 0 165 GLN AAA NE2 1 
ATOM   962  N  N   . LYS A 1 166 ? 14.550  7.213   5.510   1.000 85.766  0 166 LYS AAA N   1 
ATOM   963  C  CA  . LYS A 1 166 ? 13.988  6.706   6.801   1.000 83.086  0 166 LYS AAA CA  1 
ATOM   964  C  C   . LYS A 1 166 ? 13.399  5.305   6.621   1.000 75.699  0 166 LYS AAA C   1 
ATOM   965  O  O   . LYS A 1 166 ? 12.826  5.015   5.571   1.000 75.077  0 166 LYS AAA O   1 
ATOM   966  C  CB  . LYS A 1 166 ? 12.884  7.616   7.340   1.000 84.475  0 166 LYS AAA CB  1 
ATOM   967  C  CG  . LYS A 1 166 ? 12.443  7.318   8.767   1.000 95.203  0 166 LYS AAA CG  1 
ATOM   968  C  CD  . LYS A 1 166 ? 11.553  8.397   9.393   1.000 104.291 0 166 LYS AAA CD  1 
ATOM   969  C  CE  . LYS A 1 166 ? 11.863  9.803   8.911   1.000 110.151 0 166 LYS AAA CE  1 
ATOM   970  N  NZ  . LYS A 1 166 ? 11.304  10.840  9.809   1.000 117.236 0 166 LYS AAA NZ  1 
ATOM   971  N  N   . GLY A 1 167 ? 13.525  4.481   7.650   1.000 81.180  0 167 GLY AAA N   1 
ATOM   972  C  CA  . GLY A 1 167 ? 13.158  3.053   7.648   1.000 85.481  0 167 GLY AAA CA  1 
ATOM   973  C  C   . GLY A 1 167 ? 12.460  2.665   8.942   1.000 85.748  0 167 GLY AAA C   1 
ATOM   974  O  O   . GLY A 1 167 ? 12.771  3.236   10.001  1.000 88.485  0 167 GLY AAA O   1 
ATOM   975  N  N   . ALA A 1 168 ? 11.543  1.708   8.868   1.000 87.517  0 168 ALA AAA N   1 
ATOM   976  C  CA  . ALA A 1 168 ? 10.573  1.422   9.945   1.000 83.088  0 168 ALA AAA CA  1 
ATOM   977  C  C   . ALA A 1 168 ? 9.780   0.164   9.595   1.000 81.323  0 168 ALA AAA C   1 
ATOM   978  O  O   . ALA A 1 168 ? 9.389   0.039   8.417   1.000 79.276  0 168 ALA AAA O   1 
ATOM   979  C  CB  . ALA A 1 168 ? 9.660   2.610   10.126  1.000 71.836  0 168 ALA AAA CB  1 
ATOM   980  N  N   . ASP A 1 169 ? 9.594   -0.721  10.587  1.000 85.398  0 169 ASP AAA N   1 
ATOM   981  C  CA  . ASP A 1 169 ? 8.564   -1.795  10.617  1.000 85.343  0 169 ASP AAA CA  1 
ATOM   982  C  C   . ASP A 1 169 ? 7.296   -1.227  11.261  1.000 81.599  0 169 ASP AAA C   1 
ATOM   983  O  O   . ASP A 1 169 ? 7.363   -0.742  12.389  1.000 85.514  0 169 ASP AAA O   1 
ATOM   984  C  CB  . ASP A 1 169 ? 9.064   -3.042  11.344  1.000 88.178  0 169 ASP AAA CB  1 
ATOM   985  C  CG  . ASP A 1 169 ? 10.166  -3.767  10.591  1.000 102.162 0 169 ASP AAA CG  1 
ATOM   986  O  OD1 . ASP A 1 169 ? 10.412  -3.397  9.419   1.000 112.435 0 169 ASP AAA OD1 1 
ATOM   987  O  OD2 . ASP A 1 169 ? 10.776  -4.695  11.183  1.000 105.719 0 169 ASP AAA OD2 1 
ATOM   988  N  N   . LEU A 1 170 ? 6.191   -1.224  10.523  1.000 86.241  0 170 LEU AAA N   1 
ATOM   989  C  CA  . LEU A 1 170 ? 4.872   -0.803  11.039  1.000 86.173  0 170 LEU AAA CA  1 
ATOM   990  C  C   . LEU A 1 170 ? 4.076   -2.062  11.370  1.000 82.127  0 170 LEU AAA C   1 
ATOM   991  O  O   . LEU A 1 170 ? 4.121   -3.022  10.563  1.000 74.149  0 170 LEU AAA O   1 
ATOM   992  C  CB  . LEU A 1 170 ? 4.159   0.045   9.986   1.000 93.220  0 170 LEU AAA CB  1 
ATOM   993  C  CG  . LEU A 1 170 ? 4.821   1.371   9.619   1.000 86.833  0 170 LEU AAA CG  1 
ATOM   994  C  CD1 . LEU A 1 170 ? 3.899   2.164   8.707   1.000 92.004  0 170 LEU AAA CD1 1 
ATOM   995  C  CD2 . LEU A 1 170 ? 5.168   2.188   10.854  1.000 83.801  0 170 LEU AAA CD2 1 
ATOM   996  N  N   . ALA A 1 171 ? 3.429   -2.055  12.538  1.000 79.070  0 171 ALA AAA N   1 
ATOM   997  C  CA  . ALA A 1 171 ? 2.521   -3.112  13.036  1.000 73.989  0 171 ALA AAA CA  1 
ATOM   998  C  C   . ALA A 1 171 ? 1.182   -2.459  13.336  1.000 73.759  0 171 ALA AAA C   1 
ATOM   999  O  O   . ALA A 1 171 ? 1.093   -1.237  13.388  1.000 71.133  0 171 ALA AAA O   1 
ATOM   1000 C  CB  . ALA A 1 171 ? 3.103   -3.768  14.260  1.000 76.211  0 171 ALA AAA CB  1 
ATOM   1001 N  N   . PRO A 1 172 ? 0.100   -3.237  13.510  1.000 74.018  0 172 PRO AAA N   1 
ATOM   1002 C  CA  . PRO A 1 172 ? -1.224  -2.646  13.713  1.000 76.463  0 172 PRO AAA CA  1 
ATOM   1003 C  C   . PRO A 1 172 ? -1.275  -1.749  14.960  1.000 85.456  0 172 PRO AAA C   1 
ATOM   1004 O  O   . PRO A 1 172 ? -1.904  -0.675  14.896  1.000 72.638  0 172 PRO AAA O   1 
ATOM   1005 C  CB  . PRO A 1 172 ? -2.126  -3.876  13.817  1.000 78.171  0 172 PRO AAA CB  1 
ATOM   1006 C  CG  . PRO A 1 172 ? -1.361  -4.939  13.040  1.000 81.146  0 172 PRO AAA CG  1 
ATOM   1007 C  CD  . PRO A 1 172 ? 0.082   -4.703  13.421  1.000 75.198  0 172 PRO AAA CD  1 
ATOM   1008 N  N   . ALA A 1 173 ? -0.613  -2.192  16.038  1.000 93.913  0 173 ALA AAA N   1 
ATOM   1009 C  CA  . ALA A 1 173 ? -0.281  -1.383  17.239  1.000 92.175  0 173 ALA AAA CA  1 
ATOM   1010 C  C   . ALA A 1 173 ? 0.361   -0.067  16.795  1.000 99.064  0 173 ALA AAA C   1 
ATOM   1011 O  O   . ALA A 1 173 ? -0.306  0.987   16.848  1.000 92.208  0 173 ALA AAA O   1 
ATOM   1012 C  CB  . ALA A 1 173 ? 0.676   -2.154  18.114  1.000 84.130  0 173 ALA AAA CB  1 
ATOM   1013 N  N   . SER A 1 174 ? 1.598   -0.193  16.304  1.000 105.111 0 174 SER AAA N   1 
ATOM   1014 C  CA  . SER A 1 174 ? 2.544   0.878   15.911  1.000 96.803  0 174 SER AAA CA  1 
ATOM   1015 C  C   . SER A 1 174 ? 2.516   1.089   14.385  1.000 89.051  0 174 SER AAA C   1 
ATOM   1016 O  O   . SER A 1 174 ? 3.316   0.448   13.686  1.000 88.328  0 174 SER AAA O   1 
ATOM   1017 C  CB  . SER A 1 174 ? 3.899   0.465   16.402  1.000 89.892  0 174 SER AAA CB  1 
ATOM   1018 O  OG  . SER A 1 174 ? 4.844   1.466   16.107  1.000 116.136 0 174 SER AAA OG  1 
ATOM   1019 N  N   . ALA A 1 175 ? 1.614   1.936   13.874  1.000 88.255  0 175 ALA AAA N   1 
ATOM   1020 C  CA  . ALA A 1 175 ? 1.269   2.027   12.431  1.000 89.645  0 175 ALA AAA CA  1 
ATOM   1021 C  C   . ALA A 1 175 ? 1.421   3.453   11.877  1.000 86.870  0 175 ALA AAA C   1 
ATOM   1022 O  O   . ALA A 1 175 ? 0.875   3.714   10.788  1.000 86.107  0 175 ALA AAA O   1 
ATOM   1023 C  CB  . ALA A 1 175 ? -0.144  1.537   12.223  1.000 92.305  0 175 ALA AAA CB  1 
ATOM   1024 N  N   . GLU A 1 176 ? 2.145   4.342   12.562  1.000 88.910  0 176 GLU AAA N   1 
ATOM   1025 C  CA  . GLU A 1 176 ? 2.392   5.727   12.073  1.000 95.785  0 176 GLU AAA CA  1 
ATOM   1026 C  C   . GLU A 1 176 ? 3.881   5.946   11.744  1.000 90.704  0 176 GLU AAA C   1 
ATOM   1027 O  O   . GLU A 1 176 ? 4.754   5.322   12.371  1.000 76.030  0 176 GLU AAA O   1 
ATOM   1028 C  CB  . GLU A 1 176 ? 1.848   6.736   13.084  1.000 106.422 0 176 GLU AAA CB  1 
ATOM   1029 C  CG  . GLU A 1 176 ? 0.446   7.201   12.726  1.000 125.186 0 176 GLU AAA CG  1 
ATOM   1030 C  CD  . GLU A 1 176 ? -0.352  7.837   13.855  1.000 131.551 0 176 GLU AAA CD  1 
ATOM   1031 O  OE1 . GLU A 1 176 ? 0.226   8.646   14.615  1.000 114.621 0 176 GLU AAA OE1 1 
ATOM   1032 O  OE2 . GLU A 1 176 ? -1.555  7.517   13.973  1.000 150.245 0 176 GLU AAA OE2 1 
ATOM   1033 N  N   . LEU A 1 177 ? 4.154   6.796   10.754  1.000 95.556  0 177 LEU AAA N   1 
ATOM   1034 C  CA  . LEU A 1 177 ? 5.520   7.249   10.392  1.000 99.467  0 177 LEU AAA CA  1 
ATOM   1035 C  C   . LEU A 1 177 ? 5.501   8.757   10.126  1.000 107.933 0 177 LEU AAA C   1 
ATOM   1036 O  O   . LEU A 1 177 ? 4.629   9.212   9.358   1.000 111.551 0 177 LEU AAA O   1 
ATOM   1037 C  CB  . LEU A 1 177 ? 5.975   6.481   9.156   1.000 105.220 0 177 LEU AAA CB  1 
ATOM   1038 C  CG  . LEU A 1 177 ? 7.397   6.798   8.708   1.000 111.391 0 177 LEU AAA CG  1 
ATOM   1039 C  CD1 . LEU A 1 177 ? 8.389   6.510   9.834   1.000 107.479 0 177 LEU AAA CD1 1 
ATOM   1040 C  CD2 . LEU A 1 177 ? 7.740   6.016   7.447   1.000 112.250 0 177 LEU AAA CD2 1 
ATOM   1041 N  N   . LYS A 1 178 ? 6.416   9.501   10.752  1.000 120.514 0 178 LYS AAA N   1 
ATOM   1042 C  CA  . LYS A 1 178 ? 6.503   10.982  10.621  1.000 121.400 0 178 LYS AAA CA  1 
ATOM   1043 C  C   . LYS A 1 178 ? 7.276   11.310  9.337   1.000 106.465 0 178 LYS AAA C   1 
ATOM   1044 O  O   . LYS A 1 178 ? 8.407   10.841  9.216   1.000 99.929  0 178 LYS AAA O   1 
ATOM   1045 C  CB  . LYS A 1 178 ? 7.114   11.596  11.890  1.000 121.877 0 178 LYS AAA CB  1 
ATOM   1046 C  CG  . LYS A 1 178 ? 6.073   12.143  12.860  1.000 131.636 0 178 LYS AAA CG  1 
ATOM   1047 C  CD  . LYS A 1 178 ? 6.366   11.976  14.333  1.000 135.105 0 178 LYS AAA CD  1 
ATOM   1048 C  CE  . LYS A 1 178 ? 5.107   12.179  15.154  1.000 138.466 0 178 LYS AAA CE  1 
ATOM   1049 N  NZ  . LYS A 1 178 ? 5.395   12.321  16.598  1.000 147.055 0 178 LYS AAA NZ  1 
ATOM   1050 N  N   . LEU A 1 179 ? 6.661   12.043  8.404   1.000 102.841 0 179 LEU AAA N   1 
ATOM   1051 C  CA  . LEU A 1 179 ? 7.352   12.667  7.238   1.000 107.985 0 179 LEU AAA CA  1 
ATOM   1052 C  C   . LEU A 1 179 ? 7.804   14.088  7.620   1.000 127.225 0 179 LEU AAA C   1 
ATOM   1053 O  O   . LEU A 1 179 ? 8.849   14.556  7.148   1.000 132.785 0 179 LEU AAA O   1 
ATOM   1054 C  CB  . LEU A 1 179 ? 6.415   12.743  6.026   1.000 101.938 0 179 LEU AAA CB  1 
ATOM   1055 C  CG  . LEU A 1 179 ? 5.545   11.524  5.739   1.000 95.353  0 179 LEU AAA CG  1 
ATOM   1056 C  CD1 . LEU A 1 179 ? 4.700   11.773  4.507   1.000 93.880  0 179 LEU AAA CD1 1 
ATOM   1057 C  CD2 . LEU A 1 179 ? 6.378   10.270  5.559   1.000 96.839  0 179 LEU AAA CD2 1 
ATOM   1058 O  OXT . LEU A 1 179 ? 7.147   14.829  8.384   1.000 122.234 0 179 LEU AAA OXT 1 
HETATM 1059 ZN ZN  . ZN  B 2 .   ? 3.662   -17.298 -0.978  0.940 76.500  0 201 ZN  AAA ZN  1 
HETATM 1060 ZN ZN  . ZN  C 2 .   ? 6.105   -0.561  -10.359 0.650 102.227 0 202 ZN  AAA ZN  1 
# 
